data_6M1C
# 
_entry.id   6M1C 
# 
_audit_conform.dict_name       mmcif_pdbx.dic 
_audit_conform.dict_version    5.380 
_audit_conform.dict_location   http://mmcif.pdb.org/dictionaries/ascii/mmcif_pdbx.dic 
# 
loop_
_database_2.database_id 
_database_2.database_code 
_database_2.pdbx_database_accession 
_database_2.pdbx_DOI 
PDB   6M1C         pdb_00006m1c 10.2210/pdb6m1c/pdb 
WWPDB D_1300015450 ?            ?                   
# 
_pdbx_database_status.status_code                     REL 
_pdbx_database_status.status_code_sf                  REL 
_pdbx_database_status.status_code_mr                  ? 
_pdbx_database_status.entry_id                        6M1C 
_pdbx_database_status.recvd_initial_deposition_date   2020-02-25 
_pdbx_database_status.SG_entry                        N 
_pdbx_database_status.deposit_site                    PDBJ 
_pdbx_database_status.process_site                    PDBJ 
_pdbx_database_status.status_code_cs                  ? 
_pdbx_database_status.status_code_nmr_data            ? 
_pdbx_database_status.methods_development_category    ? 
_pdbx_database_status.pdb_format_compatible           Y 
# 
loop_
_audit_author.name 
_audit_author.pdbx_ordinal 
_audit_author.identifier_ORCID 
'Bijpuria, S.' 1 ? 
'Khan, S.H.'   2 ? 
'Kumar, A.'    3 ? 
'Taneja, B.'   4 ? 
# 
_citation.abstract                  ? 
_citation.abstract_id_CAS           ? 
_citation.book_id_ISBN              ? 
_citation.book_publisher            ? 
_citation.book_publisher_city       ? 
_citation.book_title                ? 
_citation.coordinate_linkage        ? 
_citation.country                   ? 
_citation.database_id_Medline       ? 
_citation.details                   ? 
_citation.id                        primary 
_citation.journal_abbrev            'To Be Published' 
_citation.journal_id_ASTM           ? 
_citation.journal_id_CSD            0353 
_citation.journal_id_ISSN           ? 
_citation.journal_full              ? 
_citation.journal_issue             ? 
_citation.journal_volume            ? 
_citation.language                  ? 
_citation.page_first                ? 
_citation.page_last                 ? 
_citation.title                     
'Crystal structure of RsmD methyltransferase of M. tuberculosis in complex with sinefungin reveals key interactions' 
_citation.year                      ? 
_citation.database_id_CSD           ? 
_citation.pdbx_database_id_DOI      ? 
_citation.pdbx_database_id_PubMed   ? 
_citation.unpublished_flag          ? 
# 
loop_
_citation_author.citation_id 
_citation_author.name 
_citation_author.ordinal 
_citation_author.identifier_ORCID 
primary 'Bijpuria, S.' 1 ? 
primary 'Khan, S.H.'   2 ? 
primary 'Kumar, A.'    3 ? 
primary 'Taneja, B.'   4 ? 
# 
_cell.angle_alpha                  90.00 
_cell.angle_alpha_esd              ? 
_cell.angle_beta                   90.00 
_cell.angle_beta_esd               ? 
_cell.angle_gamma                  120.00 
_cell.angle_gamma_esd              ? 
_cell.entry_id                     6M1C 
_cell.details                      ? 
_cell.formula_units_Z              ? 
_cell.length_a                     55.191 
_cell.length_a_esd                 ? 
_cell.length_b                     55.191 
_cell.length_b_esd                 ? 
_cell.length_c                     99.641 
_cell.length_c_esd                 ? 
_cell.volume                       ? 
_cell.volume_esd                   ? 
_cell.Z_PDB                        6 
_cell.reciprocal_angle_alpha       ? 
_cell.reciprocal_angle_beta        ? 
_cell.reciprocal_angle_gamma       ? 
_cell.reciprocal_angle_alpha_esd   ? 
_cell.reciprocal_angle_beta_esd    ? 
_cell.reciprocal_angle_gamma_esd   ? 
_cell.reciprocal_length_a          ? 
_cell.reciprocal_length_b          ? 
_cell.reciprocal_length_c          ? 
_cell.reciprocal_length_a_esd      ? 
_cell.reciprocal_length_b_esd      ? 
_cell.reciprocal_length_c_esd      ? 
_cell.pdbx_unique_axis             ? 
# 
_symmetry.entry_id                         6M1C 
_symmetry.cell_setting                     ? 
_symmetry.Int_Tables_number                154 
_symmetry.space_group_name_Hall            ? 
_symmetry.space_group_name_H-M             'P 32 2 1' 
_symmetry.pdbx_full_space_group_name_H-M   ? 
# 
loop_
_entity.id 
_entity.type 
_entity.src_method 
_entity.pdbx_description 
_entity.formula_weight 
_entity.pdbx_number_of_molecules 
_entity.pdbx_ec 
_entity.pdbx_mutation 
_entity.pdbx_fragment 
_entity.details 
1 polymer     man 'Possible methyltransferase (Methylase)' 19914.572 1  ? ? ? ? 
2 non-polymer syn SINEFUNGIN                               381.387   1  ? ? ? ? 
3 non-polymer nat 'ACETATE ION'                            59.044    1  ? ? ? ? 
4 water       nat water                                    18.015    53 ? ? ? ? 
# 
_entity_poly.entity_id                      1 
_entity_poly.type                           'polypeptide(L)' 
_entity_poly.nstd_linkage                   no 
_entity_poly.nstd_monomer                   no 
_entity_poly.pdbx_seq_one_letter_code       
;SMTRIIGGVAGGRRIAVPPRGTRPTTDRVRESLFNIVTARRDLTGLAVLDLYAGSGALGLEALSRGAASVLFVESDQRSA
AVIARNIEALGLSGATLRRGAVAAVVAAGTTSPVDLVLADPPYNVDSADVDAILAALGTNGWTREGTVAVVERATTCAPL
TWPEGWRRWPQRVYGDTRLELAERLFANV
;
_entity_poly.pdbx_seq_one_letter_code_can   
;SMTRIIGGVAGGRRIAVPPRGTRPTTDRVRESLFNIVTARRDLTGLAVLDLYAGSGALGLEALSRGAASVLFVESDQRSA
AVIARNIEALGLSGATLRRGAVAAVVAAGTTSPVDLVLADPPYNVDSADVDAILAALGTNGWTREGTVAVVERATTCAPL
TWPEGWRRWPQRVYGDTRLELAERLFANV
;
_entity_poly.pdbx_strand_id                 A 
_entity_poly.pdbx_target_identifier         ? 
# 
loop_
_entity_poly_seq.entity_id 
_entity_poly_seq.num 
_entity_poly_seq.mon_id 
_entity_poly_seq.hetero 
1 1   SER n 
1 2   MET n 
1 3   THR n 
1 4   ARG n 
1 5   ILE n 
1 6   ILE n 
1 7   GLY n 
1 8   GLY n 
1 9   VAL n 
1 10  ALA n 
1 11  GLY n 
1 12  GLY n 
1 13  ARG n 
1 14  ARG n 
1 15  ILE n 
1 16  ALA n 
1 17  VAL n 
1 18  PRO n 
1 19  PRO n 
1 20  ARG n 
1 21  GLY n 
1 22  THR n 
1 23  ARG n 
1 24  PRO n 
1 25  THR n 
1 26  THR n 
1 27  ASP n 
1 28  ARG n 
1 29  VAL n 
1 30  ARG n 
1 31  GLU n 
1 32  SER n 
1 33  LEU n 
1 34  PHE n 
1 35  ASN n 
1 36  ILE n 
1 37  VAL n 
1 38  THR n 
1 39  ALA n 
1 40  ARG n 
1 41  ARG n 
1 42  ASP n 
1 43  LEU n 
1 44  THR n 
1 45  GLY n 
1 46  LEU n 
1 47  ALA n 
1 48  VAL n 
1 49  LEU n 
1 50  ASP n 
1 51  LEU n 
1 52  TYR n 
1 53  ALA n 
1 54  GLY n 
1 55  SER n 
1 56  GLY n 
1 57  ALA n 
1 58  LEU n 
1 59  GLY n 
1 60  LEU n 
1 61  GLU n 
1 62  ALA n 
1 63  LEU n 
1 64  SER n 
1 65  ARG n 
1 66  GLY n 
1 67  ALA n 
1 68  ALA n 
1 69  SER n 
1 70  VAL n 
1 71  LEU n 
1 72  PHE n 
1 73  VAL n 
1 74  GLU n 
1 75  SER n 
1 76  ASP n 
1 77  GLN n 
1 78  ARG n 
1 79  SER n 
1 80  ALA n 
1 81  ALA n 
1 82  VAL n 
1 83  ILE n 
1 84  ALA n 
1 85  ARG n 
1 86  ASN n 
1 87  ILE n 
1 88  GLU n 
1 89  ALA n 
1 90  LEU n 
1 91  GLY n 
1 92  LEU n 
1 93  SER n 
1 94  GLY n 
1 95  ALA n 
1 96  THR n 
1 97  LEU n 
1 98  ARG n 
1 99  ARG n 
1 100 GLY n 
1 101 ALA n 
1 102 VAL n 
1 103 ALA n 
1 104 ALA n 
1 105 VAL n 
1 106 VAL n 
1 107 ALA n 
1 108 ALA n 
1 109 GLY n 
1 110 THR n 
1 111 THR n 
1 112 SER n 
1 113 PRO n 
1 114 VAL n 
1 115 ASP n 
1 116 LEU n 
1 117 VAL n 
1 118 LEU n 
1 119 ALA n 
1 120 ASP n 
1 121 PRO n 
1 122 PRO n 
1 123 TYR n 
1 124 ASN n 
1 125 VAL n 
1 126 ASP n 
1 127 SER n 
1 128 ALA n 
1 129 ASP n 
1 130 VAL n 
1 131 ASP n 
1 132 ALA n 
1 133 ILE n 
1 134 LEU n 
1 135 ALA n 
1 136 ALA n 
1 137 LEU n 
1 138 GLY n 
1 139 THR n 
1 140 ASN n 
1 141 GLY n 
1 142 TRP n 
1 143 THR n 
1 144 ARG n 
1 145 GLU n 
1 146 GLY n 
1 147 THR n 
1 148 VAL n 
1 149 ALA n 
1 150 VAL n 
1 151 VAL n 
1 152 GLU n 
1 153 ARG n 
1 154 ALA n 
1 155 THR n 
1 156 THR n 
1 157 CYS n 
1 158 ALA n 
1 159 PRO n 
1 160 LEU n 
1 161 THR n 
1 162 TRP n 
1 163 PRO n 
1 164 GLU n 
1 165 GLY n 
1 166 TRP n 
1 167 ARG n 
1 168 ARG n 
1 169 TRP n 
1 170 PRO n 
1 171 GLN n 
1 172 ARG n 
1 173 VAL n 
1 174 TYR n 
1 175 GLY n 
1 176 ASP n 
1 177 THR n 
1 178 ARG n 
1 179 LEU n 
1 180 GLU n 
1 181 LEU n 
1 182 ALA n 
1 183 GLU n 
1 184 ARG n 
1 185 LEU n 
1 186 PHE n 
1 187 ALA n 
1 188 ASN n 
1 189 VAL n 
# 
_entity_src_gen.entity_id                          1 
_entity_src_gen.pdbx_src_id                        1 
_entity_src_gen.pdbx_alt_source_flag               sample 
_entity_src_gen.pdbx_seq_type                      'Biological sequence' 
_entity_src_gen.pdbx_beg_seq_num                   1 
_entity_src_gen.pdbx_end_seq_num                   189 
_entity_src_gen.gene_src_common_name               ? 
_entity_src_gen.gene_src_genus                     ? 
_entity_src_gen.pdbx_gene_src_gene                 Rv2966c 
_entity_src_gen.gene_src_species                   ? 
_entity_src_gen.gene_src_strain                    'ATCC 25618 / H37Rv' 
_entity_src_gen.gene_src_tissue                    ? 
_entity_src_gen.gene_src_tissue_fraction           ? 
_entity_src_gen.gene_src_details                   ? 
_entity_src_gen.pdbx_gene_src_fragment             ? 
_entity_src_gen.pdbx_gene_src_scientific_name      'Mycobacterium tuberculosis (strain ATCC 25618 / H37Rv)' 
_entity_src_gen.pdbx_gene_src_ncbi_taxonomy_id     83332 
_entity_src_gen.pdbx_gene_src_variant              ? 
_entity_src_gen.pdbx_gene_src_cell_line            ? 
_entity_src_gen.pdbx_gene_src_atcc                 ? 
_entity_src_gen.pdbx_gene_src_organ                ? 
_entity_src_gen.pdbx_gene_src_organelle            ? 
_entity_src_gen.pdbx_gene_src_cell                 ? 
_entity_src_gen.pdbx_gene_src_cellular_location    ? 
_entity_src_gen.host_org_common_name               ? 
_entity_src_gen.pdbx_host_org_scientific_name      'Escherichia coli BL21(DE3)' 
_entity_src_gen.pdbx_host_org_ncbi_taxonomy_id     469008 
_entity_src_gen.host_org_genus                     ? 
_entity_src_gen.pdbx_host_org_gene                 ? 
_entity_src_gen.pdbx_host_org_organ                ? 
_entity_src_gen.host_org_species                   ? 
_entity_src_gen.pdbx_host_org_tissue               ? 
_entity_src_gen.pdbx_host_org_tissue_fraction      ? 
_entity_src_gen.pdbx_host_org_strain               ? 
_entity_src_gen.pdbx_host_org_variant              ? 
_entity_src_gen.pdbx_host_org_cell_line            ? 
_entity_src_gen.pdbx_host_org_atcc                 ? 
_entity_src_gen.pdbx_host_org_culture_collection   ? 
_entity_src_gen.pdbx_host_org_cell                 ? 
_entity_src_gen.pdbx_host_org_organelle            ? 
_entity_src_gen.pdbx_host_org_cellular_location    ? 
_entity_src_gen.pdbx_host_org_vector_type          ? 
_entity_src_gen.pdbx_host_org_vector               ? 
_entity_src_gen.host_org_details                   ? 
_entity_src_gen.expression_system_id               ? 
_entity_src_gen.plasmid_name                       ? 
_entity_src_gen.plasmid_details                    ? 
_entity_src_gen.pdbx_description                   ? 
# 
_struct_ref.id                         1 
_struct_ref.db_name                    UNP 
_struct_ref.db_code                    I6XFS7_MYCTU 
_struct_ref.pdbx_db_accession          I6XFS7 
_struct_ref.pdbx_db_isoform            ? 
_struct_ref.entity_id                  1 
_struct_ref.pdbx_seq_one_letter_code   
;MTRIIGGVAGGRRIAVPPRGTRPTTDRVRESLFNIVTARRDLTGLAVLDLYAGSGALGLEALSRGAASVLFVESDQRSAA
VIARNIEALGLSGATLRRGAVAAVVAAGTTSPVDLVLADPPYNVDSADVDAILAALGTNGWTREGTVAVVERATTCAPLT
WPEGWRRWPQRVYGDTRLELAERLFANV
;
_struct_ref.pdbx_align_begin           1 
# 
_struct_ref_seq.align_id                      1 
_struct_ref_seq.ref_id                        1 
_struct_ref_seq.pdbx_PDB_id_code              6M1C 
_struct_ref_seq.pdbx_strand_id                A 
_struct_ref_seq.seq_align_beg                 2 
_struct_ref_seq.pdbx_seq_align_beg_ins_code   ? 
_struct_ref_seq.seq_align_end                 189 
_struct_ref_seq.pdbx_seq_align_end_ins_code   ? 
_struct_ref_seq.pdbx_db_accession             I6XFS7 
_struct_ref_seq.db_align_beg                  1 
_struct_ref_seq.pdbx_db_align_beg_ins_code    ? 
_struct_ref_seq.db_align_end                  188 
_struct_ref_seq.pdbx_db_align_end_ins_code    ? 
_struct_ref_seq.pdbx_auth_seq_align_beg       1 
_struct_ref_seq.pdbx_auth_seq_align_end       188 
# 
_struct_ref_seq_dif.align_id                     1 
_struct_ref_seq_dif.pdbx_pdb_id_code             6M1C 
_struct_ref_seq_dif.mon_id                       SER 
_struct_ref_seq_dif.pdbx_pdb_strand_id           A 
_struct_ref_seq_dif.seq_num                      1 
_struct_ref_seq_dif.pdbx_pdb_ins_code            ? 
_struct_ref_seq_dif.pdbx_seq_db_name             UNP 
_struct_ref_seq_dif.pdbx_seq_db_accession_code   I6XFS7 
_struct_ref_seq_dif.db_mon_id                    ? 
_struct_ref_seq_dif.pdbx_seq_db_seq_num          ? 
_struct_ref_seq_dif.details                      'expression tag' 
_struct_ref_seq_dif.pdbx_auth_seq_num            0 
_struct_ref_seq_dif.pdbx_ordinal                 1 
# 
loop_
_chem_comp.id 
_chem_comp.type 
_chem_comp.mon_nstd_flag 
_chem_comp.name 
_chem_comp.pdbx_synonyms 
_chem_comp.formula 
_chem_comp.formula_weight 
ACT non-polymer         . 'ACETATE ION'   ?                  'C2 H3 O2 -1'    59.044  
ALA 'L-peptide linking' y ALANINE         ?                  'C3 H7 N O2'     89.093  
ARG 'L-peptide linking' y ARGININE        ?                  'C6 H15 N4 O2 1' 175.209 
ASN 'L-peptide linking' y ASPARAGINE      ?                  'C4 H8 N2 O3'    132.118 
ASP 'L-peptide linking' y 'ASPARTIC ACID' ?                  'C4 H7 N O4'     133.103 
CYS 'L-peptide linking' y CYSTEINE        ?                  'C3 H7 N O2 S'   121.158 
GLN 'L-peptide linking' y GLUTAMINE       ?                  'C5 H10 N2 O3'   146.144 
GLU 'L-peptide linking' y 'GLUTAMIC ACID' ?                  'C5 H9 N O4'     147.129 
GLY 'peptide linking'   y GLYCINE         ?                  'C2 H5 N O2'     75.067  
HOH non-polymer         . WATER           ?                  'H2 O'           18.015  
ILE 'L-peptide linking' y ISOLEUCINE      ?                  'C6 H13 N O2'    131.173 
LEU 'L-peptide linking' y LEUCINE         ?                  'C6 H13 N O2'    131.173 
MET 'L-peptide linking' y METHIONINE      ?                  'C5 H11 N O2 S'  149.211 
PHE 'L-peptide linking' y PHENYLALANINE   ?                  'C9 H11 N O2'    165.189 
PRO 'L-peptide linking' y PROLINE         ?                  'C5 H9 N O2'     115.130 
SER 'L-peptide linking' y SERINE          ?                  'C3 H7 N O3'     105.093 
SFG non-polymer         . SINEFUNGIN      ADENOSYL-ORNITHINE 'C15 H23 N7 O5'  381.387 
THR 'L-peptide linking' y THREONINE       ?                  'C4 H9 N O3'     119.119 
TRP 'L-peptide linking' y TRYPTOPHAN      ?                  'C11 H12 N2 O2'  204.225 
TYR 'L-peptide linking' y TYROSINE        ?                  'C9 H11 N O3'    181.189 
VAL 'L-peptide linking' y VALINE          ?                  'C5 H11 N O2'    117.146 
# 
_exptl.absorpt_coefficient_mu     ? 
_exptl.absorpt_correction_T_max   ? 
_exptl.absorpt_correction_T_min   ? 
_exptl.absorpt_correction_type    ? 
_exptl.absorpt_process_details    ? 
_exptl.entry_id                   6M1C 
_exptl.crystals_number            1 
_exptl.details                    ? 
_exptl.method                     'X-RAY DIFFRACTION' 
_exptl.method_details             ? 
# 
_exptl_crystal.colour                      ? 
_exptl_crystal.density_diffrn              ? 
_exptl_crystal.density_Matthews            2.21 
_exptl_crystal.density_method              ? 
_exptl_crystal.density_percent_sol         44.47 
_exptl_crystal.description                 ? 
_exptl_crystal.F_000                       ? 
_exptl_crystal.id                          1 
_exptl_crystal.preparation                 ? 
_exptl_crystal.size_max                    ? 
_exptl_crystal.size_mid                    ? 
_exptl_crystal.size_min                    ? 
_exptl_crystal.size_rad                    ? 
_exptl_crystal.colour_lustre               ? 
_exptl_crystal.colour_modifier             ? 
_exptl_crystal.colour_primary              ? 
_exptl_crystal.density_meas                ? 
_exptl_crystal.density_meas_esd            ? 
_exptl_crystal.density_meas_gt             ? 
_exptl_crystal.density_meas_lt             ? 
_exptl_crystal.density_meas_temp           ? 
_exptl_crystal.density_meas_temp_esd       ? 
_exptl_crystal.density_meas_temp_gt        ? 
_exptl_crystal.density_meas_temp_lt        ? 
_exptl_crystal.pdbx_crystal_image_url      ? 
_exptl_crystal.pdbx_crystal_image_format   ? 
_exptl_crystal.pdbx_mosaicity              ? 
_exptl_crystal.pdbx_mosaicity_esd          ? 
# 
_exptl_crystal_grow.apparatus       ? 
_exptl_crystal_grow.atmosphere      ? 
_exptl_crystal_grow.crystal_id      1 
_exptl_crystal_grow.details         ? 
_exptl_crystal_grow.method          'VAPOR DIFFUSION, HANGING DROP' 
_exptl_crystal_grow.method_ref      ? 
_exptl_crystal_grow.pH              7.4 
_exptl_crystal_grow.pressure        ? 
_exptl_crystal_grow.pressure_esd    ? 
_exptl_crystal_grow.seeding         ? 
_exptl_crystal_grow.seeding_ref     ? 
_exptl_crystal_grow.temp            297 
_exptl_crystal_grow.temp_details    ? 
_exptl_crystal_grow.temp_esd        ? 
_exptl_crystal_grow.time            ? 
_exptl_crystal_grow.pdbx_details    '0.1 MTris-HCl, 3.2 M Potassium acetate' 
_exptl_crystal_grow.pdbx_pH_range   ? 
# 
_diffrn.ambient_environment              ? 
_diffrn.ambient_temp                     100 
_diffrn.ambient_temp_details             ? 
_diffrn.ambient_temp_esd                 ? 
_diffrn.crystal_id                       1 
_diffrn.crystal_support                  ? 
_diffrn.crystal_treatment                ? 
_diffrn.details                          ? 
_diffrn.id                               1 
_diffrn.ambient_pressure                 ? 
_diffrn.ambient_pressure_esd             ? 
_diffrn.ambient_pressure_gt              ? 
_diffrn.ambient_pressure_lt              ? 
_diffrn.ambient_temp_gt                  ? 
_diffrn.ambient_temp_lt                  ? 
_diffrn.pdbx_serial_crystal_experiment   N 
# 
_diffrn_detector.details                      ? 
_diffrn_detector.detector                     PIXEL 
_diffrn_detector.diffrn_id                    1 
_diffrn_detector.type                         'DECTRIS EIGER2 X 4M' 
_diffrn_detector.area_resol_mean              ? 
_diffrn_detector.dtime                        ? 
_diffrn_detector.pdbx_frames_total            ? 
_diffrn_detector.pdbx_collection_time_total   ? 
_diffrn_detector.pdbx_collection_date         2018-02-10 
_diffrn_detector.pdbx_frequency               ? 
# 
_diffrn_radiation.collimation                      ? 
_diffrn_radiation.diffrn_id                        1 
_diffrn_radiation.filter_edge                      ? 
_diffrn_radiation.inhomogeneity                    ? 
_diffrn_radiation.monochromator                    ? 
_diffrn_radiation.polarisn_norm                    ? 
_diffrn_radiation.polarisn_ratio                   ? 
_diffrn_radiation.probe                            ? 
_diffrn_radiation.type                             ? 
_diffrn_radiation.xray_symbol                      ? 
_diffrn_radiation.wavelength_id                    1 
_diffrn_radiation.pdbx_monochromatic_or_laue_m_l   M 
_diffrn_radiation.pdbx_wavelength_list             ? 
_diffrn_radiation.pdbx_wavelength                  ? 
_diffrn_radiation.pdbx_diffrn_protocol             'SINGLE WAVELENGTH' 
_diffrn_radiation.pdbx_analyzer                    ? 
_diffrn_radiation.pdbx_scattering_type             x-ray 
# 
_diffrn_radiation_wavelength.id           1 
_diffrn_radiation_wavelength.wavelength   0.887821 
_diffrn_radiation_wavelength.wt           1.0 
# 
_diffrn_source.current                     ? 
_diffrn_source.details                     ? 
_diffrn_source.diffrn_id                   1 
_diffrn_source.power                       ? 
_diffrn_source.size                        ? 
_diffrn_source.source                      SYNCHROTRON 
_diffrn_source.target                      ? 
_diffrn_source.type                        'ESRF BEAMLINE MASSIF-3' 
_diffrn_source.voltage                     ? 
_diffrn_source.take-off_angle              ? 
_diffrn_source.pdbx_wavelength_list        0.887821 
_diffrn_source.pdbx_wavelength             ? 
_diffrn_source.pdbx_synchrotron_beamline   MASSIF-3 
_diffrn_source.pdbx_synchrotron_site       ESRF 
# 
_reflns.B_iso_Wilson_estimate            ? 
_reflns.entry_id                         6M1C 
_reflns.data_reduction_details           ? 
_reflns.data_reduction_method            ? 
_reflns.d_resolution_high                2.4 
_reflns.d_resolution_low                 47.8 
_reflns.details                          ? 
_reflns.limit_h_max                      ? 
_reflns.limit_h_min                      ? 
_reflns.limit_k_max                      ? 
_reflns.limit_k_min                      ? 
_reflns.limit_l_max                      ? 
_reflns.limit_l_min                      ? 
_reflns.number_all                       ? 
_reflns.number_obs                       7293 
_reflns.observed_criterion               ? 
_reflns.observed_criterion_F_max         ? 
_reflns.observed_criterion_F_min         ? 
_reflns.observed_criterion_I_max         ? 
_reflns.observed_criterion_I_min         ? 
_reflns.observed_criterion_sigma_F       ? 
_reflns.observed_criterion_sigma_I       ? 
_reflns.percent_possible_obs             100 
_reflns.R_free_details                   ? 
_reflns.Rmerge_F_all                     ? 
_reflns.Rmerge_F_obs                     ? 
_reflns.Friedel_coverage                 ? 
_reflns.number_gt                        ? 
_reflns.threshold_expression             ? 
_reflns.pdbx_redundancy                  9.2 
_reflns.pdbx_Rmerge_I_obs                ? 
_reflns.pdbx_Rmerge_I_all                ? 
_reflns.pdbx_Rsym_value                  ? 
_reflns.pdbx_netI_over_av_sigmaI         ? 
_reflns.pdbx_netI_over_sigmaI            12 
_reflns.pdbx_res_netI_over_av_sigmaI_2   ? 
_reflns.pdbx_res_netI_over_sigmaI_2      ? 
_reflns.pdbx_chi_squared                 ? 
_reflns.pdbx_scaling_rejects             ? 
_reflns.pdbx_d_res_high_opt              ? 
_reflns.pdbx_d_res_low_opt               ? 
_reflns.pdbx_d_res_opt_method            ? 
_reflns.phase_calculation_details        ? 
_reflns.pdbx_Rrim_I_all                  ? 
_reflns.pdbx_Rpim_I_all                  ? 
_reflns.pdbx_d_opt                       ? 
_reflns.pdbx_number_measured_all         ? 
_reflns.pdbx_diffrn_id                   1 
_reflns.pdbx_ordinal                     1 
_reflns.pdbx_CC_half                     .999 
_reflns.pdbx_CC_star                     ? 
_reflns.pdbx_R_split                     ? 
# 
_reflns_shell.d_res_high                  2.4 
_reflns_shell.d_res_low                   2.49 
_reflns_shell.meanI_over_sigI_all         ? 
_reflns_shell.meanI_over_sigI_obs         ? 
_reflns_shell.number_measured_all         ? 
_reflns_shell.number_measured_obs         ? 
_reflns_shell.number_possible             ? 
_reflns_shell.number_unique_all           ? 
_reflns_shell.number_unique_obs           745 
_reflns_shell.percent_possible_all        ? 
_reflns_shell.percent_possible_obs        ? 
_reflns_shell.Rmerge_F_all                ? 
_reflns_shell.Rmerge_F_obs                ? 
_reflns_shell.Rmerge_I_all                ? 
_reflns_shell.Rmerge_I_obs                ? 
_reflns_shell.meanI_over_sigI_gt          ? 
_reflns_shell.meanI_over_uI_all           ? 
_reflns_shell.meanI_over_uI_gt            ? 
_reflns_shell.number_measured_gt          ? 
_reflns_shell.number_unique_gt            ? 
_reflns_shell.percent_possible_gt         ? 
_reflns_shell.Rmerge_F_gt                 ? 
_reflns_shell.Rmerge_I_gt                 ? 
_reflns_shell.pdbx_redundancy             ? 
_reflns_shell.pdbx_Rsym_value             ? 
_reflns_shell.pdbx_chi_squared            ? 
_reflns_shell.pdbx_netI_over_sigmaI_all   ? 
_reflns_shell.pdbx_netI_over_sigmaI_obs   ? 
_reflns_shell.pdbx_Rrim_I_all             ? 
_reflns_shell.pdbx_Rpim_I_all             ? 
_reflns_shell.pdbx_rejects                ? 
_reflns_shell.pdbx_ordinal                1 
_reflns_shell.pdbx_diffrn_id              1 
_reflns_shell.pdbx_CC_half                0.939 
_reflns_shell.pdbx_CC_star                ? 
_reflns_shell.pdbx_R_split                ? 
# 
_refine.aniso_B[1][1]                            ? 
_refine.aniso_B[1][2]                            ? 
_refine.aniso_B[1][3]                            ? 
_refine.aniso_B[2][2]                            ? 
_refine.aniso_B[2][3]                            ? 
_refine.aniso_B[3][3]                            ? 
_refine.B_iso_max                                ? 
_refine.B_iso_mean                               ? 
_refine.B_iso_min                                ? 
_refine.correlation_coeff_Fo_to_Fc               ? 
_refine.correlation_coeff_Fo_to_Fc_free          ? 
_refine.details                                  ? 
_refine.diff_density_max                         ? 
_refine.diff_density_max_esd                     ? 
_refine.diff_density_min                         ? 
_refine.diff_density_min_esd                     ? 
_refine.diff_density_rms                         ? 
_refine.diff_density_rms_esd                     ? 
_refine.entry_id                                 6M1C 
_refine.pdbx_refine_id                           'X-RAY DIFFRACTION' 
_refine.ls_abs_structure_details                 ? 
_refine.ls_abs_structure_Flack                   ? 
_refine.ls_abs_structure_Flack_esd               ? 
_refine.ls_abs_structure_Rogers                  ? 
_refine.ls_abs_structure_Rogers_esd              ? 
_refine.ls_d_res_high                            2.401 
_refine.ls_d_res_low                             47.8 
_refine.ls_extinction_coef                       ? 
_refine.ls_extinction_coef_esd                   ? 
_refine.ls_extinction_expression                 ? 
_refine.ls_extinction_method                     ? 
_refine.ls_goodness_of_fit_all                   ? 
_refine.ls_goodness_of_fit_all_esd               ? 
_refine.ls_goodness_of_fit_obs                   ? 
_refine.ls_goodness_of_fit_obs_esd               ? 
_refine.ls_hydrogen_treatment                    ? 
_refine.ls_matrix_type                           ? 
_refine.ls_number_constraints                    ? 
_refine.ls_number_parameters                     ? 
_refine.ls_number_reflns_all                     ? 
_refine.ls_number_reflns_obs                     7238 
_refine.ls_number_reflns_R_free                  404 
_refine.ls_number_reflns_R_work                  ? 
_refine.ls_number_restraints                     ? 
_refine.ls_percent_reflns_obs                    99.52 
_refine.ls_percent_reflns_R_free                 5.58 
_refine.ls_R_factor_all                          ? 
_refine.ls_R_factor_obs                          0.2052 
_refine.ls_R_factor_R_free                       0.2361 
_refine.ls_R_factor_R_free_error                 ? 
_refine.ls_R_factor_R_free_error_details         ? 
_refine.ls_R_factor_R_work                       0.2034 
_refine.ls_R_Fsqd_factor_obs                     ? 
_refine.ls_R_I_factor_obs                        ? 
_refine.ls_redundancy_reflns_all                 ? 
_refine.ls_redundancy_reflns_obs                 ? 
_refine.ls_restrained_S_all                      ? 
_refine.ls_restrained_S_obs                      ? 
_refine.ls_shift_over_esd_max                    ? 
_refine.ls_shift_over_esd_mean                   ? 
_refine.ls_structure_factor_coef                 ? 
_refine.ls_weighting_details                     ? 
_refine.ls_weighting_scheme                      ? 
_refine.ls_wR_factor_all                         ? 
_refine.ls_wR_factor_obs                         ? 
_refine.ls_wR_factor_R_free                      ? 
_refine.ls_wR_factor_R_work                      ? 
_refine.occupancy_max                            ? 
_refine.occupancy_min                            ? 
_refine.solvent_model_details                    ? 
_refine.solvent_model_param_bsol                 ? 
_refine.solvent_model_param_ksol                 ? 
_refine.pdbx_R_complete                          ? 
_refine.ls_R_factor_gt                           ? 
_refine.ls_goodness_of_fit_gt                    ? 
_refine.ls_goodness_of_fit_ref                   ? 
_refine.ls_shift_over_su_max                     ? 
_refine.ls_shift_over_su_max_lt                  ? 
_refine.ls_shift_over_su_mean                    ? 
_refine.ls_shift_over_su_mean_lt                 ? 
_refine.pdbx_ls_sigma_I                          ? 
_refine.pdbx_ls_sigma_F                          1.35 
_refine.pdbx_ls_sigma_Fsqd                       ? 
_refine.pdbx_data_cutoff_high_absF               ? 
_refine.pdbx_data_cutoff_high_rms_absF           ? 
_refine.pdbx_data_cutoff_low_absF                ? 
_refine.pdbx_isotropic_thermal_model             ? 
_refine.pdbx_ls_cross_valid_method               'FREE R-VALUE' 
_refine.pdbx_method_to_determine_struct          'MOLECULAR REPLACEMENT' 
_refine.pdbx_starting_model                      3P9N 
_refine.pdbx_stereochemistry_target_values       ? 
_refine.pdbx_R_Free_selection_details            ? 
_refine.pdbx_stereochem_target_val_spec_case     ? 
_refine.pdbx_overall_ESU_R                       ? 
_refine.pdbx_overall_ESU_R_Free                  ? 
_refine.pdbx_solvent_vdw_probe_radii             1.11 
_refine.pdbx_solvent_ion_probe_radii             ? 
_refine.pdbx_solvent_shrinkage_radii             0.90 
_refine.pdbx_real_space_R                        ? 
_refine.pdbx_density_correlation                 ? 
_refine.pdbx_pd_number_of_powder_patterns        ? 
_refine.pdbx_pd_number_of_points                 ? 
_refine.pdbx_pd_meas_number_of_points            ? 
_refine.pdbx_pd_proc_ls_prof_R_factor            ? 
_refine.pdbx_pd_proc_ls_prof_wR_factor           ? 
_refine.pdbx_pd_Marquardt_correlation_coeff      ? 
_refine.pdbx_pd_Fsqrd_R_factor                   ? 
_refine.pdbx_pd_ls_matrix_band_width             ? 
_refine.pdbx_overall_phase_error                 29.73 
_refine.pdbx_overall_SU_R_free_Cruickshank_DPI   ? 
_refine.pdbx_overall_SU_R_free_Blow_DPI          ? 
_refine.pdbx_overall_SU_R_Blow_DPI               ? 
_refine.pdbx_TLS_residual_ADP_flag               ? 
_refine.pdbx_diffrn_id                           1 
_refine.overall_SU_B                             ? 
_refine.overall_SU_ML                            0.33 
_refine.overall_SU_R_Cruickshank_DPI             ? 
_refine.overall_SU_R_free                        ? 
_refine.overall_FOM_free_R_set                   ? 
_refine.overall_FOM_work_R_set                   ? 
_refine.pdbx_average_fsc_overall                 ? 
_refine.pdbx_average_fsc_work                    ? 
_refine.pdbx_average_fsc_free                    ? 
# 
_refine_hist.pdbx_refine_id                   'X-RAY DIFFRACTION' 
_refine_hist.cycle_id                         LAST 
_refine_hist.details                          ? 
_refine_hist.d_res_high                       2.401 
_refine_hist.d_res_low                        47.8 
_refine_hist.number_atoms_solvent             53 
_refine_hist.number_atoms_total               1447 
_refine_hist.number_reflns_all                ? 
_refine_hist.number_reflns_obs                ? 
_refine_hist.number_reflns_R_free             ? 
_refine_hist.number_reflns_R_work             ? 
_refine_hist.R_factor_all                     ? 
_refine_hist.R_factor_obs                     ? 
_refine_hist.R_factor_R_free                  ? 
_refine_hist.R_factor_R_work                  ? 
_refine_hist.pdbx_number_residues_total       ? 
_refine_hist.pdbx_B_iso_mean_ligand           ? 
_refine_hist.pdbx_B_iso_mean_solvent          ? 
_refine_hist.pdbx_number_atoms_protein        1363 
_refine_hist.pdbx_number_atoms_nucleic_acid   0 
_refine_hist.pdbx_number_atoms_ligand         31 
_refine_hist.pdbx_number_atoms_lipid          ? 
_refine_hist.pdbx_number_atoms_carb           ? 
_refine_hist.pdbx_pseudo_atom_details         ? 
# 
loop_
_refine_ls_restr.pdbx_refine_id 
_refine_ls_restr.criterion 
_refine_ls_restr.dev_ideal 
_refine_ls_restr.dev_ideal_target 
_refine_ls_restr.number 
_refine_ls_restr.rejects 
_refine_ls_restr.type 
_refine_ls_restr.weight 
_refine_ls_restr.pdbx_restraint_function 
'X-RAY DIFFRACTION' ? 0.007  ? 1434 ? f_bond_d           ? ? 
'X-RAY DIFFRACTION' ? 0.838  ? 1960 ? f_angle_d          ? ? 
'X-RAY DIFFRACTION' ? 16.877 ? 847  ? f_dihedral_angle_d ? ? 
'X-RAY DIFFRACTION' ? 0.049  ? 235  ? f_chiral_restr     ? ? 
'X-RAY DIFFRACTION' ? 0.006  ? 253  ? f_plane_restr      ? ? 
# 
loop_
_refine_ls_shell.pdbx_refine_id 
_refine_ls_shell.d_res_high 
_refine_ls_shell.d_res_low 
_refine_ls_shell.number_reflns_all 
_refine_ls_shell.number_reflns_obs 
_refine_ls_shell.number_reflns_R_free 
_refine_ls_shell.number_reflns_R_work 
_refine_ls_shell.percent_reflns_obs 
_refine_ls_shell.percent_reflns_R_free 
_refine_ls_shell.R_factor_all 
_refine_ls_shell.R_factor_obs 
_refine_ls_shell.R_factor_R_free 
_refine_ls_shell.R_factor_R_free_error 
_refine_ls_shell.R_factor_R_work 
_refine_ls_shell.redundancy_reflns_all 
_refine_ls_shell.redundancy_reflns_obs 
_refine_ls_shell.wR_factor_all 
_refine_ls_shell.wR_factor_obs 
_refine_ls_shell.wR_factor_R_free 
_refine_ls_shell.wR_factor_R_work 
_refine_ls_shell.pdbx_R_complete 
_refine_ls_shell.pdbx_total_number_of_bins_used 
_refine_ls_shell.pdbx_phase_error 
_refine_ls_shell.pdbx_fsc_work 
_refine_ls_shell.pdbx_fsc_free 
'X-RAY DIFFRACTION' 2.4010 2.7484 . . 146 2204 99.00  . . . 0.3264 . 0.2450 . . . . . . . . . . . 
'X-RAY DIFFRACTION' 2.7484 3.4626 . . 137 2253 100.00 . . . 0.2933 . 0.2233 . . . . . . . . . . . 
'X-RAY DIFFRACTION' 3.4626 47.8   . . 121 2377 100.00 . . . 0.1899 . 0.1863 . . . . . . . . . . . 
# 
_struct.entry_id                     6M1C 
_struct.title                        
'Crystal structure of RsmD methyltransferase of M. tuberculosis in complex with sinefungin reveals key interactions' 
_struct.pdbx_model_details           ? 
_struct.pdbx_formula_weight          ? 
_struct.pdbx_formula_weight_method   ? 
_struct.pdbx_model_type_details      ? 
_struct.pdbx_CASP_flag               N 
# 
_struct_keywords.entry_id        6M1C 
_struct_keywords.text            'Rossmann fold, RsmD, Rv2966c, M. tuberculosis, TRANSFERASE' 
_struct_keywords.pdbx_keywords   TRANSFERASE 
# 
loop_
_struct_asym.id 
_struct_asym.pdbx_blank_PDB_chainid_flag 
_struct_asym.pdbx_modified 
_struct_asym.entity_id 
_struct_asym.details 
A N N 1 ? 
B N N 2 ? 
C N N 3 ? 
D N N 4 ? 
# 
loop_
_struct_conf.conf_type_id 
_struct_conf.id 
_struct_conf.pdbx_PDB_helix_id 
_struct_conf.beg_label_comp_id 
_struct_conf.beg_label_asym_id 
_struct_conf.beg_label_seq_id 
_struct_conf.pdbx_beg_PDB_ins_code 
_struct_conf.end_label_comp_id 
_struct_conf.end_label_asym_id 
_struct_conf.end_label_seq_id 
_struct_conf.pdbx_end_PDB_ins_code 
_struct_conf.beg_auth_comp_id 
_struct_conf.beg_auth_asym_id 
_struct_conf.beg_auth_seq_id 
_struct_conf.end_auth_comp_id 
_struct_conf.end_auth_asym_id 
_struct_conf.end_auth_seq_id 
_struct_conf.pdbx_PDB_helix_class 
_struct_conf.details 
_struct_conf.pdbx_PDB_helix_length 
HELX_P HELX_P1 AA1 THR A 26  ? ARG A 41  ? THR A 25  ARG A 40  1 ? 16 
HELX_P HELX_P2 AA2 GLY A 56  ? ARG A 65  ? GLY A 55  ARG A 64  1 ? 10 
HELX_P HELX_P3 AA3 ASP A 76  ? GLY A 91  ? ASP A 75  GLY A 90  1 ? 16 
HELX_P HELX_P4 AA4 ALA A 101 ? ALA A 108 ? ALA A 100 ALA A 107 1 ? 8  
HELX_P HELX_P5 AA5 ASP A 126 ? ASN A 140 ? ASP A 125 ASN A 139 1 ? 15 
# 
_struct_conf_type.id          HELX_P 
_struct_conf_type.criteria    ? 
_struct_conf_type.reference   ? 
# 
loop_
_struct_sheet.id 
_struct_sheet.type 
_struct_sheet.number_strands 
_struct_sheet.details 
AA1 ? 7 ? 
AA2 ? 7 ? 
# 
loop_
_struct_sheet_order.sheet_id 
_struct_sheet_order.range_id_1 
_struct_sheet_order.range_id_2 
_struct_sheet_order.offset 
_struct_sheet_order.sense 
AA1 1 2 ? parallel      
AA1 2 3 ? parallel      
AA1 3 4 ? parallel      
AA1 4 5 ? parallel      
AA1 5 6 ? anti-parallel 
AA1 6 7 ? anti-parallel 
AA2 1 2 ? parallel      
AA2 2 3 ? parallel      
AA2 3 4 ? parallel      
AA2 4 5 ? parallel      
AA2 5 6 ? anti-parallel 
AA2 6 7 ? anti-parallel 
# 
loop_
_struct_sheet_range.sheet_id 
_struct_sheet_range.id 
_struct_sheet_range.beg_label_comp_id 
_struct_sheet_range.beg_label_asym_id 
_struct_sheet_range.beg_label_seq_id 
_struct_sheet_range.pdbx_beg_PDB_ins_code 
_struct_sheet_range.end_label_comp_id 
_struct_sheet_range.end_label_asym_id 
_struct_sheet_range.end_label_seq_id 
_struct_sheet_range.pdbx_end_PDB_ins_code 
_struct_sheet_range.beg_auth_comp_id 
_struct_sheet_range.beg_auth_asym_id 
_struct_sheet_range.beg_auth_seq_id 
_struct_sheet_range.end_auth_comp_id 
_struct_sheet_range.end_auth_asym_id 
_struct_sheet_range.end_auth_seq_id 
AA1 1 ALA A 95  ? ARG A 99  ? ALA A 94  ARG A 98  
AA1 2 SER A 69  ? GLU A 74  ? SER A 68  GLU A 73  
AA1 3 ALA A 47  ? LEU A 51  ? ALA A 46  LEU A 50  
AA1 4 LEU A 116 ? ALA A 119 ? LEU A 115 ALA A 118 
AA1 5 VAL A 148 ? ALA A 154 ? VAL A 147 ALA A 153 
AA1 6 THR A 177 ? ARG A 184 ? THR A 176 ARG A 183 
AA1 7 TRP A 166 ? ARG A 168 ? TRP A 165 ARG A 167 
AA2 1 ALA A 95  ? ARG A 99  ? ALA A 94  ARG A 98  
AA2 2 SER A 69  ? GLU A 74  ? SER A 68  GLU A 73  
AA2 3 ALA A 47  ? LEU A 51  ? ALA A 46  LEU A 50  
AA2 4 LEU A 116 ? ALA A 119 ? LEU A 115 ALA A 118 
AA2 5 VAL A 148 ? ALA A 154 ? VAL A 147 ALA A 153 
AA2 6 THR A 177 ? ARG A 184 ? THR A 176 ARG A 183 
AA2 7 ARG A 172 ? TYR A 174 ? ARG A 171 TYR A 173 
# 
loop_
_pdbx_struct_sheet_hbond.sheet_id 
_pdbx_struct_sheet_hbond.range_id_1 
_pdbx_struct_sheet_hbond.range_id_2 
_pdbx_struct_sheet_hbond.range_1_label_atom_id 
_pdbx_struct_sheet_hbond.range_1_label_comp_id 
_pdbx_struct_sheet_hbond.range_1_label_asym_id 
_pdbx_struct_sheet_hbond.range_1_label_seq_id 
_pdbx_struct_sheet_hbond.range_1_PDB_ins_code 
_pdbx_struct_sheet_hbond.range_1_auth_atom_id 
_pdbx_struct_sheet_hbond.range_1_auth_comp_id 
_pdbx_struct_sheet_hbond.range_1_auth_asym_id 
_pdbx_struct_sheet_hbond.range_1_auth_seq_id 
_pdbx_struct_sheet_hbond.range_2_label_atom_id 
_pdbx_struct_sheet_hbond.range_2_label_comp_id 
_pdbx_struct_sheet_hbond.range_2_label_asym_id 
_pdbx_struct_sheet_hbond.range_2_label_seq_id 
_pdbx_struct_sheet_hbond.range_2_PDB_ins_code 
_pdbx_struct_sheet_hbond.range_2_auth_atom_id 
_pdbx_struct_sheet_hbond.range_2_auth_comp_id 
_pdbx_struct_sheet_hbond.range_2_auth_asym_id 
_pdbx_struct_sheet_hbond.range_2_auth_seq_id 
AA1 1 2 O THR A 96  ? O THR A 95  N PHE A 72  ? N PHE A 71  
AA1 2 3 O LEU A 71  ? O LEU A 70  N ASP A 50  ? N ASP A 49  
AA1 3 4 N LEU A 51  ? N LEU A 50  O LEU A 118 ? O LEU A 117 
AA1 4 5 N VAL A 117 ? N VAL A 116 O VAL A 148 ? O VAL A 147 
AA1 5 6 N ARG A 153 ? N ARG A 152 O ARG A 178 ? O ARG A 177 
AA1 6 7 O GLU A 183 ? O GLU A 182 N ARG A 167 ? N ARG A 166 
AA2 1 2 O THR A 96  ? O THR A 95  N PHE A 72  ? N PHE A 71  
AA2 2 3 O LEU A 71  ? O LEU A 70  N ASP A 50  ? N ASP A 49  
AA2 3 4 N LEU A 51  ? N LEU A 50  O LEU A 118 ? O LEU A 117 
AA2 4 5 N VAL A 117 ? N VAL A 116 O VAL A 148 ? O VAL A 147 
AA2 5 6 N ARG A 153 ? N ARG A 152 O ARG A 178 ? O ARG A 177 
AA2 6 7 O THR A 177 ? O THR A 176 N TYR A 174 ? N TYR A 173 
# 
loop_
_struct_site.id 
_struct_site.pdbx_evidence_code 
_struct_site.pdbx_auth_asym_id 
_struct_site.pdbx_auth_comp_id 
_struct_site.pdbx_auth_seq_id 
_struct_site.pdbx_auth_ins_code 
_struct_site.pdbx_num_residues 
_struct_site.details 
AC1 Software A SFG 401 ? 18 'binding site for residue SFG A 401' 
AC2 Software A ACT 402 ? 7  'binding site for residue ACT A 402' 
# 
loop_
_struct_site_gen.id 
_struct_site_gen.site_id 
_struct_site_gen.pdbx_num_res 
_struct_site_gen.label_comp_id 
_struct_site_gen.label_asym_id 
_struct_site_gen.label_seq_id 
_struct_site_gen.pdbx_auth_ins_code 
_struct_site_gen.auth_comp_id 
_struct_site_gen.auth_asym_id 
_struct_site_gen.auth_seq_id 
_struct_site_gen.label_atom_id 
_struct_site_gen.label_alt_id 
_struct_site_gen.symmetry 
_struct_site_gen.details 
1  AC1 18 ARG A 23  ? ARG A 22  . ? 1_555 ? 
2  AC1 18 PRO A 24  ? PRO A 23  . ? 1_555 ? 
3  AC1 18 THR A 25  ? THR A 24  . ? 1_555 ? 
4  AC1 18 TYR A 52  ? TYR A 51  . ? 1_555 ? 
5  AC1 18 ALA A 53  ? ALA A 52  . ? 1_555 ? 
6  AC1 18 GLY A 54  ? GLY A 53  . ? 1_555 ? 
7  AC1 18 SER A 55  ? SER A 54  . ? 1_555 ? 
8  AC1 18 GLU A 74  ? GLU A 73  . ? 1_555 ? 
9  AC1 18 SER A 75  ? SER A 74  . ? 1_555 ? 
10 AC1 18 ASP A 76  ? ASP A 75  . ? 1_555 ? 
11 AC1 18 SER A 79  ? SER A 78  . ? 1_555 ? 
12 AC1 18 VAL A 102 ? VAL A 101 . ? 1_555 ? 
13 AC1 18 ASP A 120 ? ASP A 119 . ? 1_555 ? 
14 AC1 18 PRO A 122 ? PRO A 121 . ? 1_555 ? 
15 AC1 18 ACT C .   ? ACT A 402 . ? 1_555 ? 
16 AC1 18 HOH D .   ? HOH A 502 . ? 1_555 ? 
17 AC1 18 HOH D .   ? HOH A 530 . ? 1_555 ? 
18 AC1 18 HOH D .   ? HOH A 536 . ? 1_555 ? 
19 AC2 7  ARG A 23  ? ARG A 22  . ? 1_555 ? 
20 AC2 7  PRO A 24  ? PRO A 23  . ? 1_555 ? 
21 AC2 7  THR A 25  ? THR A 24  . ? 1_555 ? 
22 AC2 7  ASP A 120 ? ASP A 119 . ? 1_555 ? 
23 AC2 7  GLU A 152 ? GLU A 151 . ? 1_555 ? 
24 AC2 7  SFG B .   ? SFG A 401 . ? 1_555 ? 
25 AC2 7  HOH D .   ? HOH A 511 . ? 1_555 ? 
# 
_atom_sites.entry_id                    6M1C 
_atom_sites.Cartn_transf_matrix[1][1]   ? 
_atom_sites.Cartn_transf_matrix[1][2]   ? 
_atom_sites.Cartn_transf_matrix[1][3]   ? 
_atom_sites.Cartn_transf_matrix[2][1]   ? 
_atom_sites.Cartn_transf_matrix[2][2]   ? 
_atom_sites.Cartn_transf_matrix[2][3]   ? 
_atom_sites.Cartn_transf_matrix[3][1]   ? 
_atom_sites.Cartn_transf_matrix[3][2]   ? 
_atom_sites.Cartn_transf_matrix[3][3]   ? 
_atom_sites.Cartn_transf_vector[1]      ? 
_atom_sites.Cartn_transf_vector[2]      ? 
_atom_sites.Cartn_transf_vector[3]      ? 
_atom_sites.fract_transf_matrix[1][1]   0.01078381 
_atom_sites.fract_transf_matrix[1][2]   0.01490225 
_atom_sites.fract_transf_matrix[1][3]   0.00996811 
_atom_sites.fract_transf_matrix[2][1]   -0.01012160 
_atom_sites.fract_transf_matrix[2][2]   0.01562326 
_atom_sites.fract_transf_matrix[2][3]   0.00954971 
_atom_sites.fract_transf_matrix[3][1]   -0.00035534 
_atom_sites.fract_transf_matrix[3][2]   -0.00539744 
_atom_sites.fract_transf_matrix[3][3]   0.00845356 
_atom_sites.fract_transf_vector[1]      -0.369033 
_atom_sites.fract_transf_vector[2]      0.313855 
_atom_sites.fract_transf_vector[3]      0.070847 
_atom_sites.solution_primary            ? 
_atom_sites.solution_secondary          ? 
_atom_sites.solution_hydrogens          ? 
_atom_sites.special_details             ? 
# 
loop_
_atom_type.symbol 
C 
N 
O 
S 
# 
loop_
_atom_site.group_PDB 
_atom_site.id 
_atom_site.type_symbol 
_atom_site.label_atom_id 
_atom_site.label_alt_id 
_atom_site.label_comp_id 
_atom_site.label_asym_id 
_atom_site.label_entity_id 
_atom_site.label_seq_id 
_atom_site.pdbx_PDB_ins_code 
_atom_site.Cartn_x 
_atom_site.Cartn_y 
_atom_site.Cartn_z 
_atom_site.occupancy 
_atom_site.B_iso_or_equiv 
_atom_site.pdbx_formal_charge 
_atom_site.auth_seq_id 
_atom_site.auth_comp_id 
_atom_site.auth_asym_id 
_atom_site.auth_atom_id 
_atom_site.pdbx_PDB_model_num 
ATOM   1    N N     . SER A 1 1   ? 8.654   15.175  12.095  1.00 82.42 ? 0   SER A N     1 
ATOM   2    C CA    . SER A 1 1   ? 9.015   13.759  12.150  1.00 80.92 ? 0   SER A CA    1 
ATOM   3    C C     . SER A 1 1   ? 9.270   13.212  10.748  1.00 75.59 ? 0   SER A C     1 
ATOM   4    O O     . SER A 1 1   ? 8.490   12.412  10.226  1.00 82.35 ? 0   SER A O     1 
ATOM   5    C CB    . SER A 1 1   ? 7.916   12.945  12.843  1.00 71.41 ? 0   SER A CB    1 
ATOM   6    N N     . MET A 1 2   ? 10.372  13.632  10.140  1.00 68.35 ? 1   MET A N     1 
ATOM   7    C CA    . MET A 1 2   ? 10.631  13.270  8.754   1.00 77.69 ? 1   MET A CA    1 
ATOM   8    C C     . MET A 1 2   ? 11.108  11.825  8.693   1.00 69.11 ? 1   MET A C     1 
ATOM   9    O O     . MET A 1 2   ? 12.099  11.458  9.337   1.00 66.06 ? 1   MET A O     1 
ATOM   10   C CB    . MET A 1 2   ? 11.643  14.226  8.121   1.00 76.73 ? 1   MET A CB    1 
ATOM   11   C CG    . MET A 1 2   ? 11.296  14.616  6.690   1.00 68.63 ? 1   MET A CG    1 
ATOM   12   S SD    . MET A 1 2   ? 9.535   14.991  6.450   1.00 82.76 ? 1   MET A SD    1 
ATOM   13   C CE    . MET A 1 2   ? 9.331   16.504  7.389   1.00 60.51 ? 1   MET A CE    1 
ATOM   14   N N     . THR A 1 3   ? 10.391  11.017  7.916   1.00 62.81 ? 2   THR A N     1 
ATOM   15   C CA    . THR A 1 3   ? 10.577  9.579   7.833   1.00 58.72 ? 2   THR A CA    1 
ATOM   16   C C     . THR A 1 3   ? 11.643  9.225   6.806   1.00 52.91 ? 2   THR A C     1 
ATOM   17   O O     . THR A 1 3   ? 12.035  10.044  5.972   1.00 61.90 ? 2   THR A O     1 
ATOM   18   C CB    . THR A 1 3   ? 9.258   8.899   7.473   1.00 58.05 ? 2   THR A CB    1 
ATOM   19   O OG1   . THR A 1 3   ? 8.818   9.384   6.208   1.00 59.75 ? 2   THR A OG1   1 
ATOM   20   C CG2   . THR A 1 3   ? 8.189   9.226   8.512   1.00 67.10 ? 2   THR A CG2   1 
ATOM   21   N N     . ARG A 1 4   ? 12.105  7.977   6.870   1.00 50.92 ? 3   ARG A N     1 
ATOM   22   C CA    . ARG A 1 4   ? 13.123  7.491   5.954   1.00 54.46 ? 3   ARG A CA    1 
ATOM   23   C C     . ARG A 1 4   ? 12.837  6.040   5.593   1.00 51.15 ? 3   ARG A C     1 
ATOM   24   O O     . ARG A 1 4   ? 12.205  5.305   6.354   1.00 54.20 ? 3   ARG A O     1 
ATOM   25   C CB    . ARG A 1 4   ? 14.532  7.638   6.552   1.00 56.28 ? 3   ARG A CB    1 
ATOM   26   C CG    . ARG A 1 4   ? 14.895  6.570   7.571   1.00 61.62 ? 3   ARG A CG    1 
ATOM   27   C CD    . ARG A 1 4   ? 16.164  6.927   8.338   1.00 61.78 ? 3   ARG A CD    1 
ATOM   28   N NE    . ARG A 1 4   ? 15.900  7.917   9.379   1.00 64.98 ? 3   ARG A NE    1 
ATOM   29   C CZ    . ARG A 1 4   ? 15.424  7.621   10.590  1.00 67.79 ? 3   ARG A CZ    1 
ATOM   30   N NH1   . ARG A 1 4   ? 15.213  8.595   11.469  1.00 60.92 ? 3   ARG A NH1   1 
ATOM   31   N NH2   . ARG A 1 4   ? 15.156  6.355   10.927  1.00 57.15 ? 3   ARG A NH2   1 
ATOM   32   N N     . ILE A 1 5   ? 13.285  5.649   4.398   1.00 52.71 ? 4   ILE A N     1 
ATOM   33   C CA    . ILE A 1 5   ? 13.142  4.270   3.943   1.00 50.58 ? 4   ILE A CA    1 
ATOM   34   C C     . ILE A 1 5   ? 13.807  3.342   4.955   1.00 53.28 ? 4   ILE A C     1 
ATOM   35   O O     . ILE A 1 5   ? 14.893  3.636   5.471   1.00 54.62 ? 4   ILE A O     1 
ATOM   36   C CB    . ILE A 1 5   ? 13.760  4.127   2.538   1.00 49.06 ? 4   ILE A CB    1 
ATOM   37   C CG1   . ILE A 1 5   ? 13.123  5.130   1.566   1.00 50.21 ? 4   ILE A CG1   1 
ATOM   38   C CG2   . ILE A 1 5   ? 13.603  2.712   1.998   1.00 47.79 ? 4   ILE A CG2   1 
ATOM   39   C CD1   . ILE A 1 5   ? 11.667  4.834   1.259   1.00 46.82 ? 4   ILE A CD1   1 
ATOM   40   N N     . ILE A 1 6   ? 13.152  2.221   5.266   1.00 49.48 ? 5   ILE A N     1 
ATOM   41   C CA    . ILE A 1 6   ? 13.680  1.332   6.305   1.00 54.12 ? 5   ILE A CA    1 
ATOM   42   C C     . ILE A 1 6   ? 14.713  0.364   5.728   1.00 53.07 ? 5   ILE A C     1 
ATOM   43   O O     . ILE A 1 6   ? 15.893  0.402   6.102   1.00 51.10 ? 5   ILE A O     1 
ATOM   44   C CB    . ILE A 1 6   ? 12.533  0.605   7.036   1.00 52.83 ? 5   ILE A CB    1 
ATOM   45   C CG1   . ILE A 1 6   ? 11.909  1.537   8.088   1.00 45.79 ? 5   ILE A CG1   1 
ATOM   46   C CG2   . ILE A 1 6   ? 13.038  -0.658  7.701   1.00 55.78 ? 5   ILE A CG2   1 
ATOM   47   C CD1   . ILE A 1 6   ? 10.413  1.405   8.236   1.00 51.29 ? 5   ILE A CD1   1 
ATOM   48   N N     . GLY A 1 7   ? 14.301  -0.495  4.784   1.00 52.33 ? 6   GLY A N     1 
ATOM   49   C CA    . GLY A 1 7   ? 15.182  -1.481  4.195   1.00 46.69 ? 6   GLY A CA    1 
ATOM   50   C C     . GLY A 1 7   ? 15.309  -1.346  2.685   1.00 49.67 ? 6   GLY A C     1 
ATOM   51   O O     . GLY A 1 7   ? 14.608  -0.557  2.041   1.00 49.05 ? 6   GLY A O     1 
ATOM   52   N N     . GLY A 1 8   ? 16.217  -2.139  2.124   1.00 48.67 ? 7   GLY A N     1 
ATOM   53   C CA    . GLY A 1 8   ? 16.447  -2.167  0.693   1.00 48.60 ? 7   GLY A CA    1 
ATOM   54   C C     . GLY A 1 8   ? 17.627  -1.311  0.279   1.00 48.50 ? 7   GLY A C     1 
ATOM   55   O O     . GLY A 1 8   ? 18.375  -0.776  1.101   1.00 45.64 ? 7   GLY A O     1 
ATOM   56   N N     . VAL A 1 9   ? 17.780  -1.173  -1.043  1.00 51.19 ? 8   VAL A N     1 
ATOM   57   C CA    . VAL A 1 9   ? 18.876  -0.372  -1.603  1.00 55.16 ? 8   VAL A CA    1 
ATOM   58   C C     . VAL A 1 9   ? 18.821  1.075   -1.114  1.00 58.31 ? 8   VAL A C     1 
ATOM   59   O O     . VAL A 1 9   ? 19.864  1.715   -0.926  1.00 59.27 ? 8   VAL A O     1 
ATOM   60   C CB    . VAL A 1 9   ? 18.852  -0.441  -3.143  1.00 53.08 ? 8   VAL A CB    1 
ATOM   61   C CG1   . VAL A 1 9   ? 19.196  -1.840  -3.621  1.00 55.77 ? 8   VAL A CG1   1 
ATOM   62   C CG2   . VAL A 1 9   ? 17.487  -0.053  -3.663  1.00 50.86 ? 8   VAL A CG2   1 
ATOM   63   N N     . ALA A 1 10  ? 17.625  1.610   -0.885  1.00 52.04 ? 9   ALA A N     1 
ATOM   64   C CA    . ALA A 1 10  ? 17.477  2.984   -0.433  1.00 49.42 ? 9   ALA A CA    1 
ATOM   65   C C     . ALA A 1 10  ? 17.415  3.117   1.080   1.00 54.37 ? 9   ALA A C     1 
ATOM   66   O O     . ALA A 1 10  ? 17.104  4.208   1.571   1.00 52.25 ? 9   ALA A O     1 
ATOM   67   C CB    . ALA A 1 10  ? 16.224  3.607   -1.045  1.00 52.17 ? 9   ALA A CB    1 
ATOM   68   N N     . GLY A 1 11  ? 17.684  2.037   1.826   1.00 57.16 ? 10  GLY A N     1 
ATOM   69   C CA    . GLY A 1 11  ? 17.647  2.062   3.278   1.00 47.40 ? 10  GLY A CA    1 
ATOM   70   C C     . GLY A 1 11  ? 18.365  3.256   3.883   1.00 55.84 ? 10  GLY A C     1 
ATOM   71   O O     . GLY A 1 11  ? 19.518  3.546   3.540   1.00 55.60 ? 10  GLY A O     1 
ATOM   72   N N     . GLY A 1 12  ? 17.678  3.977   4.767   1.00 59.20 ? 11  GLY A N     1 
ATOM   73   C CA    . GLY A 1 12  ? 18.220  5.145   5.422   1.00 58.13 ? 11  GLY A CA    1 
ATOM   74   C C     . GLY A 1 12  ? 17.913  6.465   4.740   1.00 53.94 ? 11  GLY A C     1 
ATOM   75   O O     . GLY A 1 12  ? 17.847  7.495   5.418   1.00 56.68 ? 11  GLY A O     1 
ATOM   76   N N     . ARG A 1 13  ? 17.710  6.459   3.424   1.00 54.41 ? 12  ARG A N     1 
ATOM   77   C CA    A ARG A 1 13  ? 17.516  7.698   2.683   0.30 56.27 ? 12  ARG A CA    1 
ATOM   78   C CA    B ARG A 1 13  ? 17.511  7.695   2.675   0.70 56.19 ? 12  ARG A CA    1 
ATOM   79   C C     . ARG A 1 13  ? 16.156  8.321   2.995   1.00 57.16 ? 12  ARG A C     1 
ATOM   80   O O     . ARG A 1 13  ? 15.133  7.634   3.054   1.00 60.11 ? 12  ARG A O     1 
ATOM   81   C CB    A ARG A 1 13  ? 17.655  7.426   1.187   0.30 54.40 ? 12  ARG A CB    1 
ATOM   82   C CB    B ARG A 1 13  ? 17.622  7.431   1.172   0.70 54.40 ? 12  ARG A CB    1 
ATOM   83   C CG    A ARG A 1 13  ? 18.953  6.705   0.833   0.30 54.79 ? 12  ARG A CG    1 
ATOM   84   C CG    B ARG A 1 13  ? 19.047  7.454   0.616   0.70 56.77 ? 12  ARG A CG    1 
ATOM   85   C CD    A ARG A 1 13  ? 18.991  6.306   -0.628  0.30 55.01 ? 12  ARG A CD    1 
ATOM   86   C CD    B ARG A 1 13  ? 19.537  8.876   0.306   0.70 56.14 ? 12  ARG A CD    1 
ATOM   87   N NE    A ARG A 1 13  ? 18.969  7.463   -1.512  0.30 50.70 ? 12  ARG A NE    1 
ATOM   88   N NE    B ARG A 1 13  ? 18.600  9.617   -0.536  0.70 57.47 ? 12  ARG A NE    1 
ATOM   89   C CZ    A ARG A 1 13  ? 18.762  7.391   -2.820  0.30 51.85 ? 12  ARG A CZ    1 
ATOM   90   C CZ    B ARG A 1 13  ? 17.815  10.596  -0.092  0.70 56.47 ? 12  ARG A CZ    1 
ATOM   91   N NH1   A ARG A 1 13  ? 18.554  6.213   -3.392  0.30 49.90 ? 12  ARG A NH1   1 
ATOM   92   N NH1   B ARG A 1 13  ? 17.862  10.962  1.182   0.70 55.20 ? 12  ARG A NH1   1 
ATOM   93   N NH2   A ARG A 1 13  ? 18.757  8.493   -3.554  0.30 51.09 ? 12  ARG A NH2   1 
ATOM   94   N NH2   B ARG A 1 13  ? 16.983  11.208  -0.919  0.70 53.94 ? 12  ARG A NH2   1 
ATOM   95   N N     . ARG A 1 14  ? 16.154  9.641   3.191   1.00 51.15 ? 13  ARG A N     1 
ATOM   96   C CA    . ARG A 1 14  ? 14.965  10.364  3.622   1.00 48.39 ? 13  ARG A CA    1 
ATOM   97   C C     . ARG A 1 14  ? 13.996  10.650  2.481   1.00 56.14 ? 13  ARG A C     1 
ATOM   98   O O     . ARG A 1 14  ? 14.403  10.953  1.354   1.00 59.18 ? 13  ARG A O     1 
ATOM   99   C CB    . ARG A 1 14  ? 15.363  11.686  4.269   1.00 55.60 ? 13  ARG A CB    1 
ATOM   100  C CG    . ARG A 1 14  ? 16.217  11.522  5.496   1.00 63.26 ? 13  ARG A CG    1 
ATOM   101  C CD    . ARG A 1 14  ? 15.553  12.177  6.685   1.00 72.69 ? 13  ARG A CD    1 
ATOM   102  N NE    . ARG A 1 14  ? 15.497  13.627  6.525   1.00 83.61 ? 13  ARG A NE    1 
ATOM   103  C CZ    . ARG A 1 14  ? 16.394  14.464  7.035   1.00 81.19 ? 13  ARG A CZ    1 
ATOM   104  N NH1   . ARG A 1 14  ? 17.417  13.992  7.743   1.00 72.67 ? 13  ARG A NH1   1 
ATOM   105  N NH2   . ARG A 1 14  ? 16.267  15.771  6.839   1.00 80.75 ? 13  ARG A NH2   1 
ATOM   106  N N     . ILE A 1 15  ? 12.702  10.580  2.799   1.00 52.61 ? 14  ILE A N     1 
ATOM   107  C CA    . ILE A 1 15  ? 11.627  10.982  1.906   1.00 41.78 ? 14  ILE A CA    1 
ATOM   108  C C     . ILE A 1 15  ? 10.739  11.977  2.643   1.00 45.72 ? 14  ILE A C     1 
ATOM   109  O O     . ILE A 1 15  ? 10.739  12.054  3.872   1.00 53.88 ? 14  ILE A O     1 
ATOM   110  C CB    . ILE A 1 15  ? 10.796  9.785   1.398   1.00 41.06 ? 14  ILE A CB    1 
ATOM   111  C CG1   . ILE A 1 15  ? 10.283  8.940   2.572   1.00 51.97 ? 14  ILE A CG1   1 
ATOM   112  C CG2   . ILE A 1 15  ? 11.618  8.935   0.469   1.00 41.47 ? 14  ILE A CG2   1 
ATOM   113  C CD1   . ILE A 1 15  ? 8.818   9.120   2.851   1.00 48.84 ? 14  ILE A CD1   1 
ATOM   114  N N     . ALA A 1 16  ? 9.984   12.748  1.868   1.00 49.50 ? 15  ALA A N     1 
ATOM   115  C CA    . ALA A 1 16  ? 9.167   13.845  2.359   1.00 47.37 ? 15  ALA A CA    1 
ATOM   116  C C     . ALA A 1 16  ? 7.743   13.371  2.615   1.00 42.92 ? 15  ALA A C     1 
ATOM   117  O O     . ALA A 1 16  ? 7.290   12.374  2.057   1.00 42.46 ? 15  ALA A O     1 
ATOM   118  C CB    . ALA A 1 16  ? 9.162   15.000  1.351   1.00 35.86 ? 15  ALA A CB    1 
ATOM   119  N N     . VAL A 1 17  ? 7.036   14.100  3.472   1.00 52.27 ? 16  VAL A N     1 
ATOM   120  C CA    . VAL A 1 17  ? 5.661   13.748  3.824   1.00 50.08 ? 16  VAL A CA    1 
ATOM   121  C C     . VAL A 1 17  ? 4.771   14.982  3.678   1.00 58.06 ? 16  VAL A C     1 
ATOM   122  O O     . VAL A 1 17  ? 5.184   16.092  4.045   1.00 63.43 ? 16  VAL A O     1 
ATOM   123  C CB    . VAL A 1 17  ? 5.593   13.159  5.245   1.00 57.51 ? 16  VAL A CB    1 
ATOM   124  C CG1   . VAL A 1 17  ? 4.190   12.669  5.562   1.00 57.72 ? 16  VAL A CG1   1 
ATOM   125  C CG2   . VAL A 1 17  ? 6.589   12.015  5.408   1.00 46.71 ? 16  VAL A CG2   1 
ATOM   126  N N     . PRO A 1 18  ? 3.563   14.844  3.134   1.00 61.82 ? 17  PRO A N     1 
ATOM   127  C CA    . PRO A 1 18  ? 2.624   15.991  3.040   1.00 67.16 ? 17  PRO A CA    1 
ATOM   128  C C     . PRO A 1 18  ? 2.129   16.392  4.422   1.00 67.71 ? 17  PRO A C     1 
ATOM   129  O O     . PRO A 1 18  ? 2.450   15.702  5.397   1.00 72.30 ? 17  PRO A O     1 
ATOM   130  C CB    . PRO A 1 18  ? 1.492   15.431  2.158   1.00 65.67 ? 17  PRO A CB    1 
ATOM   131  C CG    . PRO A 1 18  ? 2.105   14.280  1.420   1.00 59.25 ? 17  PRO A CG    1 
ATOM   132  C CD    . PRO A 1 18  ? 3.072   13.669  2.394   1.00 57.50 ? 17  PRO A CD    1 
ATOM   133  N N     . PRO A 1 19  ? 1.346   17.499  4.563   1.00 76.47 ? 18  PRO A N     1 
ATOM   134  C CA    . PRO A 1 19  ? 0.934   18.098  5.847   1.00 78.09 ? 18  PRO A CA    1 
ATOM   135  C C     . PRO A 1 19  ? 1.168   17.292  7.124   1.00 81.07 ? 18  PRO A C     1 
ATOM   136  O O     . PRO A 1 19  ? 2.013   17.703  7.921   1.00 82.57 ? 18  PRO A O     1 
ATOM   137  C CB    . PRO A 1 19  ? -0.577  18.310  5.642   1.00 73.00 ? 18  PRO A CB    1 
ATOM   138  C CG    . PRO A 1 19  ? -0.797  18.218  4.128   1.00 78.39 ? 18  PRO A CG    1 
ATOM   139  C CD    . PRO A 1 19  ? 0.574   18.156  3.498   1.00 77.40 ? 18  PRO A CD    1 
ATOM   140  N N     . THR A 1 22  ? -2.876  15.896  6.579   1.00 83.78 ? 21  THR A N     1 
ATOM   141  C CA    . THR A 1 22  ? -2.294  14.563  6.445   1.00 85.03 ? 21  THR A CA    1 
ATOM   142  C C     . THR A 1 22  ? -2.354  13.768  7.751   1.00 87.80 ? 21  THR A C     1 
ATOM   143  O O     . THR A 1 22  ? -2.623  14.321  8.821   1.00 90.33 ? 21  THR A O     1 
ATOM   144  C CB    . THR A 1 22  ? -0.831  14.641  5.985   1.00 82.31 ? 21  THR A CB    1 
ATOM   145  N N     . ARG A 1 23  ? -2.111  12.460  7.649   1.00 84.22 ? 22  ARG A N     1 
ATOM   146  C CA    . ARG A 1 23  ? -2.028  11.559  8.795   1.00 79.87 ? 22  ARG A CA    1 
ATOM   147  C C     . ARG A 1 23  ? -1.288  10.306  8.342   1.00 79.40 ? 22  ARG A C     1 
ATOM   148  O O     . ARG A 1 23  ? -1.908  9.361   7.836   1.00 75.21 ? 22  ARG A O     1 
ATOM   149  C CB    . ARG A 1 23  ? -3.419  11.229  9.348   0.00 79.63 ? 22  ARG A CB    1 
ATOM   150  C CG    . ARG A 1 23  ? -3.447  10.157  10.445  0.00 80.07 ? 22  ARG A CG    1 
ATOM   151  C CD    . ARG A 1 23  ? -2.340  10.343  11.482  0.00 83.37 ? 22  ARG A CD    1 
ATOM   152  N NE    . ARG A 1 23  ? -2.751  11.138  12.636  0.00 85.81 ? 22  ARG A NE    1 
ATOM   153  C CZ    . ARG A 1 23  ? -1.920  11.526  13.599  0.00 86.70 ? 22  ARG A CZ    1 
ATOM   154  N NH1   . ARG A 1 23  ? -2.367  12.245  14.619  0.00 87.73 ? 22  ARG A NH1   1 
ATOM   155  N NH2   . ARG A 1 23  ? -0.636  11.198  13.537  0.00 86.40 ? 22  ARG A NH2   1 
ATOM   156  N N     . PRO A 1 24  ? 0.043   10.269  8.496   1.00 79.54 ? 23  PRO A N     1 
ATOM   157  C CA    . PRO A 1 24  ? 0.837   9.213   7.854   1.00 72.16 ? 23  PRO A CA    1 
ATOM   158  C C     . PRO A 1 24  ? 1.258   8.083   8.778   1.00 71.28 ? 23  PRO A C     1 
ATOM   159  O O     . PRO A 1 24  ? 1.147   8.155   10.009  1.00 73.15 ? 23  PRO A O     1 
ATOM   160  C CB    . PRO A 1 24  ? 2.070   9.973   7.335   1.00 68.38 ? 23  PRO A CB    1 
ATOM   161  C CG    . PRO A 1 24  ? 2.039   11.350  8.054   1.00 72.46 ? 23  PRO A CG    1 
ATOM   162  C CD    . PRO A 1 24  ? 0.906   11.324  9.044   1.00 79.30 ? 23  PRO A CD    1 
ATOM   163  N N     . THR A 1 25  ? 1.787   7.039   8.150   1.00 69.36 ? 24  THR A N     1 
ATOM   164  C CA    . THR A 1 25  ? 2.158   5.814   8.840   1.00 64.04 ? 24  THR A CA    1 
ATOM   165  C C     . THR A 1 25  ? 3.384   6.036   9.720   1.00 64.20 ? 24  THR A C     1 
ATOM   166  O O     . THR A 1 25  ? 4.322   6.745   9.334   1.00 66.76 ? 24  THR A O     1 
ATOM   167  C CB    . THR A 1 25  ? 2.440   4.725   7.803   1.00 61.06 ? 24  THR A CB    1 
ATOM   168  O OG1   . THR A 1 25  ? 1.379   4.703   6.835   1.00 64.71 ? 24  THR A OG1   1 
ATOM   169  C CG2   . THR A 1 25  ? 2.551   3.378   8.454   1.00 50.46 ? 24  THR A CG2   1 
ATOM   170  N N     . THR A 1 26  ? 3.376   5.427   10.910  1.00 58.47 ? 25  THR A N     1 
ATOM   171  C CA    . THR A 1 26  ? 4.565   5.441   11.753  1.00 58.96 ? 25  THR A CA    1 
ATOM   172  C C     . THR A 1 26  ? 5.608   4.471   11.208  1.00 54.10 ? 25  THR A C     1 
ATOM   173  O O     . THR A 1 26  ? 5.307   3.545   10.451  1.00 51.94 ? 25  THR A O     1 
ATOM   174  C CB    . THR A 1 26  ? 4.266   5.059   13.213  1.00 51.41 ? 25  THR A CB    1 
ATOM   175  O OG1   . THR A 1 26  ? 4.147   3.637   13.314  1.00 45.88 ? 25  THR A OG1   1 
ATOM   176  C CG2   . THR A 1 26  ? 2.991   5.717   13.717  1.00 54.21 ? 25  THR A CG2   1 
ATOM   177  N N     . ASP A 1 27  ? 6.851   4.682   11.638  1.00 55.91 ? 26  ASP A N     1 
ATOM   178  C CA    . ASP A 1 27  ? 7.955   3.898   11.102  1.00 52.13 ? 26  ASP A CA    1 
ATOM   179  C C     . ASP A 1 27  ? 7.878   2.445   11.551  1.00 53.12 ? 26  ASP A C     1 
ATOM   180  O O     . ASP A 1 27  ? 8.175   1.541   10.760  1.00 53.66 ? 26  ASP A O     1 
ATOM   181  C CB    . ASP A 1 27  ? 9.293   4.535   11.497  1.00 54.79 ? 26  ASP A CB    1 
ATOM   182  C CG    . ASP A 1 27  ? 9.491   5.917   10.871  1.00 62.91 ? 26  ASP A CG    1 
ATOM   183  O OD1   . ASP A 1 27  ? 8.866   6.890   11.355  1.00 67.87 ? 26  ASP A OD1   1 
ATOM   184  O OD2   . ASP A 1 27  ? 10.264  6.030   9.888   1.00 63.25 ? 26  ASP A OD2   1 
ATOM   185  N N     . ARG A 1 28  ? 7.460   2.189   12.801  1.00 50.01 ? 27  ARG A N     1 
ATOM   186  C CA    . ARG A 1 28  ? 7.342   0.802   13.256  1.00 48.66 ? 27  ARG A CA    1 
ATOM   187  C C     . ARG A 1 28  ? 6.280   0.043   12.464  1.00 48.36 ? 27  ARG A C     1 
ATOM   188  O O     . ARG A 1 28  ? 6.458   -1.144  12.155  1.00 43.49 ? 27  ARG A O     1 
ATOM   189  C CB    . ARG A 1 28  ? 7.020   0.729   14.752  1.00 51.64 ? 27  ARG A CB    1 
ATOM   190  C CG    . ARG A 1 28  ? 6.464   -0.641  15.133  1.00 50.48 ? 27  ARG A CG    1 
ATOM   191  C CD    . ARG A 1 28  ? 6.247   -0.854  16.602  1.00 58.04 ? 27  ARG A CD    1 
ATOM   192  N NE    . ARG A 1 28  ? 7.474   -1.217  17.301  1.00 59.72 ? 27  ARG A NE    1 
ATOM   193  C CZ    . ARG A 1 28  ? 7.572   -1.317  18.624  1.00 56.53 ? 27  ARG A CZ    1 
ATOM   194  N NH1   . ARG A 1 28  ? 6.512   -1.075  19.396  1.00 44.44 ? 27  ARG A NH1   1 
ATOM   195  N NH2   . ARG A 1 28  ? 8.733   -1.652  19.173  1.00 55.42 ? 27  ARG A NH2   1 
ATOM   196  N N     . VAL A 1 29  ? 5.163   0.703   12.142  1.00 45.21 ? 28  VAL A N     1 
ATOM   197  C CA    . VAL A 1 29  ? 4.146   0.065   11.309  1.00 48.71 ? 28  VAL A CA    1 
ATOM   198  C C     . VAL A 1 29  ? 4.732   -0.339  9.959   1.00 48.44 ? 28  VAL A C     1 
ATOM   199  O O     . VAL A 1 29  ? 4.493   -1.454  9.471   1.00 45.59 ? 28  VAL A O     1 
ATOM   200  C CB    . VAL A 1 29  ? 2.930   0.991   11.138  1.00 46.19 ? 28  VAL A CB    1 
ATOM   201  C CG1   . VAL A 1 29  ? 1.941   0.373   10.175  1.00 42.89 ? 28  VAL A CG1   1 
ATOM   202  C CG2   . VAL A 1 29  ? 2.267   1.243   12.485  1.00 44.33 ? 28  VAL A CG2   1 
ATOM   203  N N     . ARG A 1 30  ? 5.521   0.551   9.344   1.00 47.27 ? 29  ARG A N     1 
ATOM   204  C CA    A ARG A 1 30  ? 6.100   0.250   8.037   0.50 47.99 ? 29  ARG A CA    1 
ATOM   205  C CA    B ARG A 1 30  ? 6.107   0.254   8.038   0.50 47.99 ? 29  ARG A CA    1 
ATOM   206  C C     . ARG A 1 30  ? 7.170   -0.834  8.149   1.00 42.75 ? 29  ARG A C     1 
ATOM   207  O O     . ARG A 1 30  ? 7.184   -1.784  7.360   1.00 40.27 ? 29  ARG A O     1 
ATOM   208  C CB    A ARG A 1 30  ? 6.667   1.525   7.406   0.50 47.35 ? 29  ARG A CB    1 
ATOM   209  C CB    B ARG A 1 30  ? 6.694   1.523   7.415   0.50 47.32 ? 29  ARG A CB    1 
ATOM   210  C CG    A ARG A 1 30  ? 7.279   1.327   6.025   0.50 47.04 ? 29  ARG A CG    1 
ATOM   211  C CG    B ARG A 1 30  ? 5.666   2.609   7.168   0.50 47.99 ? 29  ARG A CG    1 
ATOM   212  C CD    A ARG A 1 30  ? 7.488   2.651   5.275   0.50 47.90 ? 29  ARG A CD    1 
ATOM   213  C CD    B ARG A 1 30  ? 6.229   3.784   6.375   0.50 50.07 ? 29  ARG A CD    1 
ATOM   214  N NE    A ARG A 1 30  ? 8.506   3.495   5.894   0.50 49.22 ? 29  ARG A NE    1 
ATOM   215  N NE    B ARG A 1 30  ? 7.115   4.632   7.167   0.50 51.44 ? 29  ARG A NE    1 
ATOM   216  C CZ    A ARG A 1 30  ? 8.245   4.484   6.745   0.50 51.17 ? 29  ARG A CZ    1 
ATOM   217  C CZ    B ARG A 1 30  ? 8.442   4.629   7.066   0.50 51.45 ? 29  ARG A CZ    1 
ATOM   218  N NH1   A ARG A 1 30  ? 6.991   4.763   7.083   0.50 51.41 ? 29  ARG A NH1   1 
ATOM   219  N NH1   B ARG A 1 30  ? 9.043   3.820   6.203   0.50 49.97 ? 29  ARG A NH1   1 
ATOM   220  N NH2   A ARG A 1 30  ? 9.238   5.196   7.261   0.50 51.47 ? 29  ARG A NH2   1 
ATOM   221  N NH2   B ARG A 1 30  ? 9.168   5.439   7.827   0.50 51.51 ? 29  ARG A NH2   1 
ATOM   222  N N     . GLU A 1 31  ? 8.066   -0.711  9.132   1.00 51.26 ? 30  GLU A N     1 
ATOM   223  C CA    . GLU A 1 31  ? 9.055   -1.761  9.374   1.00 50.93 ? 30  GLU A CA    1 
ATOM   224  C C     . GLU A 1 31  ? 8.384   -3.114  9.566   1.00 49.55 ? 30  GLU A C     1 
ATOM   225  O O     . GLU A 1 31  ? 8.833   -4.128  9.016   1.00 47.43 ? 30  GLU A O     1 
ATOM   226  C CB    . GLU A 1 31  ? 9.898   -1.425  10.605  1.00 49.71 ? 30  GLU A CB    1 
ATOM   227  C CG    . GLU A 1 31  ? 10.975  -2.463  10.905  1.00 57.03 ? 30  GLU A CG    1 
ATOM   228  C CD    . GLU A 1 31  ? 11.394  -2.507  12.380  1.00 68.79 ? 30  GLU A CD    1 
ATOM   229  O OE1   . GLU A 1 31  ? 10.522  -2.697  13.266  1.00 59.73 ? 30  GLU A OE1   1 
ATOM   230  O OE2   . GLU A 1 31  ? 12.608  -2.352  12.649  1.00 74.33 ? 30  GLU A OE2   1 
ATOM   231  N N     . SER A 1 32  ? 7.284   -3.141  10.321  1.00 44.00 ? 31  SER A N     1 
ATOM   232  C CA    . SER A 1 32  ? 6.635   -4.402  10.656  1.00 47.85 ? 31  SER A CA    1 
ATOM   233  C C     . SER A 1 32  ? 5.895   -4.982  9.462   1.00 47.52 ? 31  SER A C     1 
ATOM   234  O O     . SER A 1 32  ? 5.967   -6.191  9.211   1.00 45.94 ? 31  SER A O     1 
ATOM   235  C CB    . SER A 1 32  ? 5.669   -4.199  11.827  1.00 51.10 ? 31  SER A CB    1 
ATOM   236  O OG    . SER A 1 32  ? 5.286   -5.431  12.423  1.00 64.12 ? 31  SER A OG    1 
ATOM   237  N N     . LEU A 1 33  ? 5.156   -4.135  8.739   1.00 42.00 ? 32  LEU A N     1 
ATOM   238  C CA    . LEU A 1 33  ? 4.453   -4.591  7.548   1.00 42.77 ? 32  LEU A CA    1 
ATOM   239  C C     . LEU A 1 33  ? 5.416   -5.258  6.582   1.00 41.29 ? 32  LEU A C     1 
ATOM   240  O O     . LEU A 1 33  ? 5.103   -6.300  5.993   1.00 38.17 ? 32  LEU A O     1 
ATOM   241  C CB    . LEU A 1 33  ? 3.742   -3.407  6.883   1.00 46.73 ? 32  LEU A CB    1 
ATOM   242  C CG    . LEU A 1 33  ? 2.932   -3.578  5.597   1.00 42.15 ? 32  LEU A CG    1 
ATOM   243  C CD1   . LEU A 1 33  ? 1.978   -2.408  5.389   1.00 45.47 ? 32  LEU A CD1   1 
ATOM   244  C CD2   . LEU A 1 33  ? 3.831   -3.707  4.377   1.00 40.50 ? 32  LEU A CD2   1 
ATOM   245  N N     . PHE A 1 34  ? 6.590   -4.673  6.392   1.00 36.84 ? 33  PHE A N     1 
ATOM   246  C CA    . PHE A 1 34  ? 7.473   -5.269  5.407   1.00 40.30 ? 33  PHE A CA    1 
ATOM   247  C C     . PHE A 1 34  ? 8.186   -6.482  5.969   1.00 42.66 ? 33  PHE A C     1 
ATOM   248  O O     . PHE A 1 34  ? 8.374   -7.457  5.239   1.00 43.02 ? 33  PHE A O     1 
ATOM   249  C CB    . PHE A 1 34  ? 8.419   -4.208  4.848   1.00 44.58 ? 33  PHE A CB    1 
ATOM   250  C CG    . PHE A 1 34  ? 7.746   -3.325  3.815   1.00 41.66 ? 33  PHE A CG    1 
ATOM   251  C CD1   . PHE A 1 34  ? 7.786   -3.657  2.476   1.00 40.66 ? 33  PHE A CD1   1 
ATOM   252  C CD2   . PHE A 1 34  ? 7.013   -2.214  4.200   1.00 37.87 ? 33  PHE A CD2   1 
ATOM   253  C CE1   . PHE A 1 34  ? 7.136   -2.868  1.523   1.00 44.21 ? 33  PHE A CE1   1 
ATOM   254  C CE2   . PHE A 1 34  ? 6.365   -1.421  3.260   1.00 47.27 ? 33  PHE A CE2   1 
ATOM   255  C CZ    . PHE A 1 34  ? 6.429   -1.746  1.915   1.00 40.85 ? 33  PHE A CZ    1 
ATOM   256  N N     . ASN A 1 35  ? 8.508   -6.479  7.267   1.00 41.98 ? 34  ASN A N     1 
ATOM   257  C CA    . ASN A 1 35  ? 8.923   -7.715  7.928   1.00 43.99 ? 34  ASN A CA    1 
ATOM   258  C C     . ASN A 1 35  ? 7.915   -8.835  7.701   1.00 41.56 ? 34  ASN A C     1 
ATOM   259  O O     . ASN A 1 35  ? 8.288   -9.950  7.322   1.00 45.91 ? 34  ASN A O     1 
ATOM   260  C CB    . ASN A 1 35  ? 9.121   -7.481  9.425   1.00 42.08 ? 34  ASN A CB    1 
ATOM   261  C CG    . ASN A 1 35  ? 10.359  -6.663  9.719   1.00 48.28 ? 34  ASN A CG    1 
ATOM   262  O OD1   . ASN A 1 35  ? 11.280  -6.605  8.908   1.00 53.21 ? 34  ASN A OD1   1 
ATOM   263  N ND2   . ASN A 1 35  ? 10.384  -6.015  10.877  1.00 54.93 ? 34  ASN A ND2   1 
ATOM   264  N N     . ILE A 1 36  ? 6.625   -8.551  7.912   1.00 37.30 ? 35  ILE A N     1 
ATOM   265  C CA    . ILE A 1 36  ? 5.606   -9.585  7.730   1.00 40.02 ? 35  ILE A CA    1 
ATOM   266  C C     . ILE A 1 36  ? 5.564   -10.042 6.282   1.00 44.33 ? 35  ILE A C     1 
ATOM   267  O O     . ILE A 1 36  ? 5.655   -11.241 5.989   1.00 49.93 ? 35  ILE A O     1 
ATOM   268  C CB    . ILE A 1 36  ? 4.220   -9.086  8.170   1.00 38.08 ? 35  ILE A CB    1 
ATOM   269  C CG1   . ILE A 1 36  ? 4.196   -8.746  9.652   1.00 42.48 ? 35  ILE A CG1   1 
ATOM   270  C CG2   . ILE A 1 36  ? 3.175   -10.147 7.859   1.00 38.51 ? 35  ILE A CG2   1 
ATOM   271  C CD1   . ILE A 1 36  ? 2.904   -8.087  10.074  1.00 41.04 ? 35  ILE A CD1   1 
ATOM   272  N N     . VAL A 1 37  ? 5.397   -9.095  5.355   1.00 44.50 ? 36  VAL A N     1 
ATOM   273  C CA    . VAL A 1 37  ? 5.216   -9.453  3.954   1.00 45.37 ? 36  VAL A CA    1 
ATOM   274  C C     . VAL A 1 37  ? 6.464   -10.128 3.408   1.00 40.59 ? 36  VAL A C     1 
ATOM   275  O O     . VAL A 1 37  ? 6.381   -11.167 2.744   1.00 40.02 ? 36  VAL A O     1 
ATOM   276  C CB    . VAL A 1 37  ? 4.832   -8.212  3.126   1.00 43.70 ? 36  VAL A CB    1 
ATOM   277  C CG1   . VAL A 1 37  ? 4.719   -8.580  1.672   1.00 38.35 ? 36  VAL A CG1   1 
ATOM   278  C CG2   . VAL A 1 37  ? 3.511   -7.646  3.617   1.00 42.10 ? 36  VAL A CG2   1 
ATOM   279  N N     . THR A 1 38  ? 7.641   -9.563  3.688   1.00 41.00 ? 37  THR A N     1 
ATOM   280  C CA    . THR A 1 38  ? 8.865   -10.099 3.100   1.00 47.72 ? 37  THR A CA    1 
ATOM   281  C C     . THR A 1 38  ? 9.276   -11.416 3.729   1.00 52.60 ? 37  THR A C     1 
ATOM   282  O O     . THR A 1 38  ? 10.150  -12.099 3.181   1.00 56.53 ? 37  THR A O     1 
ATOM   283  C CB    . THR A 1 38  ? 10.036  -9.124  3.233   1.00 54.24 ? 37  THR A CB    1 
ATOM   284  O OG1   . THR A 1 38  ? 10.319  -8.905  4.624   1.00 49.45 ? 37  THR A OG1   1 
ATOM   285  C CG2   . THR A 1 38  ? 9.746   -7.788  2.521   1.00 43.14 ? 37  THR A CG2   1 
ATOM   286  N N     . ALA A 1 39  ? 8.696   -11.772 4.877   1.00 49.83 ? 38  ALA A N     1 
ATOM   287  C CA    . ALA A 1 39  ? 8.971   -13.084 5.440   1.00 49.30 ? 38  ALA A CA    1 
ATOM   288  C C     . ALA A 1 39  ? 8.310   -14.173 4.612   1.00 54.20 ? 38  ALA A C     1 
ATOM   289  O O     . ALA A 1 39  ? 8.865   -15.264 4.463   1.00 62.37 ? 38  ALA A O     1 
ATOM   290  C CB    . ALA A 1 39  ? 8.503   -13.148 6.894   1.00 52.21 ? 38  ALA A CB    1 
ATOM   291  N N     . ARG A 1 40  ? 7.145   -13.886 4.036   1.00 47.01 ? 39  ARG A N     1 
ATOM   292  C CA    . ARG A 1 40  ? 6.328   -14.897 3.382   1.00 46.84 ? 39  ARG A CA    1 
ATOM   293  C C     . ARG A 1 40  ? 6.252   -14.741 1.872   1.00 53.37 ? 39  ARG A C     1 
ATOM   294  O O     . ARG A 1 40  ? 5.556   -15.524 1.212   1.00 50.34 ? 39  ARG A O     1 
ATOM   295  C CB    . ARG A 1 40  ? 4.926   -14.862 3.982   1.00 54.76 ? 39  ARG A CB    1 
ATOM   296  C CG    . ARG A 1 40  ? 4.988   -14.878 5.497   1.00 61.02 ? 39  ARG A CG    1 
ATOM   297  C CD    . ARG A 1 40  ? 3.672   -14.511 6.108   1.00 58.21 ? 39  ARG A CD    1 
ATOM   298  N NE    . ARG A 1 40  ? 2.609   -15.355 5.590   1.00 58.16 ? 39  ARG A NE    1 
ATOM   299  C CZ    . ARG A 1 40  ? 1.508   -15.624 6.271   1.00 60.17 ? 39  ARG A CZ    1 
ATOM   300  N NH1   . ARG A 1 40  ? 1.356   -15.111 7.492   1.00 55.51 ? 39  ARG A NH1   1 
ATOM   301  N NH2   . ARG A 1 40  ? 0.574   -16.406 5.742   1.00 57.64 ? 39  ARG A NH2   1 
ATOM   302  N N     . ARG A 1 41  ? 6.919   -13.731 1.319   1.00 54.64 ? 40  ARG A N     1 
ATOM   303  C CA    . ARG A 1 41  ? 7.110   -13.551 -0.109  1.00 45.47 ? 40  ARG A CA    1 
ATOM   304  C C     . ARG A 1 41  ? 8.446   -12.859 -0.287  1.00 46.97 ? 40  ARG A C     1 
ATOM   305  O O     . ARG A 1 41  ? 8.893   -12.124 0.594   1.00 48.66 ? 40  ARG A O     1 
ATOM   306  C CB    . ARG A 1 41  ? 6.029   -12.679 -0.751  1.00 49.98 ? 40  ARG A CB    1 
ATOM   307  C CG    . ARG A 1 41  ? 4.618   -13.160 -0.629  1.00 50.40 ? 40  ARG A CG    1 
ATOM   308  C CD    . ARG A 1 41  ? 4.250   -14.062 -1.784  1.00 50.89 ? 40  ARG A CD    1 
ATOM   309  N NE    . ARG A 1 41  ? 2.810   -14.310 -1.825  1.00 55.83 ? 40  ARG A NE    1 
ATOM   310  C CZ    . ARG A 1 41  ? 2.158   -15.095 -0.970  1.00 49.59 ? 40  ARG A CZ    1 
ATOM   311  N NH1   . ARG A 1 41  ? 2.818   -15.709 0.006   1.00 47.23 ? 40  ARG A NH1   1 
ATOM   312  N NH2   . ARG A 1 41  ? 0.847   -15.262 -1.089  1.00 47.12 ? 40  ARG A NH2   1 
ATOM   313  N N     . ASP A 1 42  ? 9.080   -13.072 -1.431  1.00 58.96 ? 41  ASP A N     1 
ATOM   314  C CA    . ASP A 1 42  ? 10.148  -12.168 -1.835  1.00 62.50 ? 41  ASP A CA    1 
ATOM   315  C C     . ASP A 1 42  ? 9.603   -11.139 -2.810  1.00 49.14 ? 41  ASP A C     1 
ATOM   316  O O     . ASP A 1 42  ? 8.857   -11.477 -3.731  1.00 50.34 ? 41  ASP A O     1 
ATOM   317  C CB    . ASP A 1 42  ? 11.331  -12.896 -2.456  1.00 61.82 ? 41  ASP A CB    1 
ATOM   318  C CG    . ASP A 1 42  ? 12.640  -12.263 -2.048  1.00 70.17 ? 41  ASP A CG    1 
ATOM   319  O OD1   . ASP A 1 42  ? 12.583  -11.216 -1.361  1.00 71.05 ? 41  ASP A OD1   1 
ATOM   320  O OD2   . ASP A 1 42  ? 13.712  -12.804 -2.390  1.00 76.65 ? 41  ASP A OD2   1 
ATOM   321  N N     . LEU A 1 43  ? 9.968   -9.880  -2.583  1.00 47.60 ? 42  LEU A N     1 
ATOM   322  C CA    . LEU A 1 43  ? 9.436   -8.778  -3.367  1.00 48.49 ? 42  LEU A CA    1 
ATOM   323  C C     . LEU A 1 43  ? 10.043  -8.673  -4.757  1.00 49.44 ? 42  LEU A C     1 
ATOM   324  O O     . LEU A 1 43  ? 9.491   -7.952  -5.595  1.00 52.12 ? 42  LEU A O     1 
ATOM   325  C CB    . LEU A 1 43  ? 9.665   -7.444  -2.650  1.00 45.37 ? 42  LEU A CB    1 
ATOM   326  C CG    . LEU A 1 43  ? 9.034   -7.287  -1.270  1.00 47.19 ? 42  LEU A CG    1 
ATOM   327  C CD1   . LEU A 1 43  ? 9.132   -5.828  -0.814  1.00 41.87 ? 42  LEU A CD1   1 
ATOM   328  C CD2   . LEU A 1 43  ? 7.590   -7.782  -1.294  1.00 38.84 ? 42  LEU A CD2   1 
ATOM   329  N N     . THR A 1 44  ? 11.163  -9.344  -5.022  1.00 48.36 ? 43  THR A N     1 
ATOM   330  C CA    . THR A 1 44  ? 11.906  -9.053  -6.240  1.00 52.62 ? 43  THR A CA    1 
ATOM   331  C C     . THR A 1 44  ? 11.133  -9.593  -7.436  1.00 48.18 ? 43  THR A C     1 
ATOM   332  O O     . THR A 1 44  ? 10.766  -10.769 -7.463  1.00 48.34 ? 43  THR A O     1 
ATOM   333  C CB    . THR A 1 44  ? 13.318  -9.634  -6.169  1.00 55.57 ? 43  THR A CB    1 
ATOM   334  O OG1   . THR A 1 44  ? 13.269  -11.064 -6.183  1.00 57.72 ? 43  THR A OG1   1 
ATOM   335  C CG2   . THR A 1 44  ? 14.036  -9.136  -4.892  1.00 55.12 ? 43  THR A CG2   1 
ATOM   336  N N     . GLY A 1 45  ? 10.852  -8.730  -8.405  1.00 46.42 ? 44  GLY A N     1 
ATOM   337  C CA    . GLY A 1 45  ? 10.028  -9.117  -9.529  1.00 45.70 ? 44  GLY A CA    1 
ATOM   338  C C     . GLY A 1 45  ? 8.541   -9.003  -9.304  1.00 41.54 ? 44  GLY A C     1 
ATOM   339  O O     . GLY A 1 45  ? 7.770   -9.352  -10.205 1.00 48.65 ? 44  GLY A O     1 
ATOM   340  N N     . LEU A 1 46  ? 8.116   -8.504  -8.147  1.00 38.58 ? 45  LEU A N     1 
ATOM   341  C CA    . LEU A 1 46  ? 6.705   -8.402  -7.801  1.00 42.53 ? 45  LEU A CA    1 
ATOM   342  C C     . LEU A 1 46  ? 6.152   -7.028  -8.167  1.00 40.88 ? 45  LEU A C     1 
ATOM   343  O O     . LEU A 1 46  ? 6.823   -6.005  -7.991  1.00 41.12 ? 45  LEU A O     1 
ATOM   344  C CB    . LEU A 1 46  ? 6.490   -8.664  -6.300  1.00 44.17 ? 45  LEU A CB    1 
ATOM   345  C CG    . LEU A 1 46  ? 6.786   -10.051 -5.718  1.00 42.57 ? 45  LEU A CG    1 
ATOM   346  C CD1   . LEU A 1 46  ? 6.071   -10.261 -4.362  1.00 47.39 ? 45  LEU A CD1   1 
ATOM   347  C CD2   . LEU A 1 46  ? 6.424   -11.155 -6.698  1.00 47.01 ? 45  LEU A CD2   1 
ATOM   348  N N     . ALA A 1 47  ? 4.916   -7.019  -8.662  1.00 43.58 ? 46  ALA A N     1 
ATOM   349  C CA    . ALA A 1 47  ? 4.198   -5.800  -9.016  1.00 43.22 ? 46  ALA A CA    1 
ATOM   350  C C     . ALA A 1 47  ? 3.286   -5.397  -7.866  1.00 42.51 ? 46  ALA A C     1 
ATOM   351  O O     . ALA A 1 47  ? 2.608   -6.242  -7.280  1.00 48.54 ? 46  ALA A O     1 
ATOM   352  C CB    . ALA A 1 47  ? 3.372   -6.006  -10.288 1.00 37.07 ? 46  ALA A CB    1 
ATOM   353  N N     . VAL A 1 48  ? 3.255   -4.096  -7.571  1.00 42.45 ? 47  VAL A N     1 
ATOM   354  C CA    . VAL A 1 48  ? 2.679   -3.557  -6.342  1.00 37.78 ? 47  VAL A CA    1 
ATOM   355  C C     . VAL A 1 48  ? 1.693   -2.441  -6.670  1.00 38.47 ? 47  VAL A C     1 
ATOM   356  O O     . VAL A 1 48  ? 1.979   -1.567  -7.495  1.00 43.77 ? 47  VAL A O     1 
ATOM   357  C CB    . VAL A 1 48  ? 3.781   -3.015  -5.410  1.00 34.84 ? 47  VAL A CB    1 
ATOM   358  C CG1   . VAL A 1 48  ? 3.178   -2.448  -4.126  1.00 36.86 ? 47  VAL A CG1   1 
ATOM   359  C CG2   . VAL A 1 48  ? 4.834   -4.076  -5.135  1.00 36.15 ? 47  VAL A CG2   1 
ATOM   360  N N     . LEU A 1 49  ? 0.551   -2.449  -5.994  1.00 39.10 ? 48  LEU A N     1 
ATOM   361  C CA    . LEU A 1 49  ? -0.434  -1.378  -6.065  1.00 36.96 ? 48  LEU A CA    1 
ATOM   362  C C     . LEU A 1 49  ? -0.494  -0.671  -4.713  1.00 42.45 ? 48  LEU A C     1 
ATOM   363  O O     . LEU A 1 49  ? -0.696  -1.326  -3.680  1.00 33.52 ? 48  LEU A O     1 
ATOM   364  C CB    . LEU A 1 49  ? -1.799  -1.950  -6.439  1.00 35.43 ? 48  LEU A CB    1 
ATOM   365  C CG    . LEU A 1 49  ? -2.967  -1.001  -6.660  1.00 39.06 ? 48  LEU A CG    1 
ATOM   366  C CD1   . LEU A 1 49  ? -2.729  -0.112  -7.888  1.00 36.51 ? 48  LEU A CD1   1 
ATOM   367  C CD2   . LEU A 1 49  ? -4.248  -1.806  -6.809  1.00 33.69 ? 48  LEU A CD2   1 
ATOM   368  N N     . ASP A 1 50  ? -0.291  0.654   -4.712  1.00 39.91 ? 49  ASP A N     1 
ATOM   369  C CA    . ASP A 1 50  ? -0.253  1.451   -3.475  1.00 41.51 ? 49  ASP A CA    1 
ATOM   370  C C     . ASP A 1 50  ? -1.426  2.432   -3.470  1.00 40.03 ? 49  ASP A C     1 
ATOM   371  O O     . ASP A 1 50  ? -1.361  3.487   -4.104  1.00 37.51 ? 49  ASP A O     1 
ATOM   372  C CB    . ASP A 1 50  ? 1.078   2.194   -3.330  1.00 37.72 ? 49  ASP A CB    1 
ATOM   373  C CG    . ASP A 1 50  ? 1.223   2.914   -1.971  1.00 49.49 ? 49  ASP A CG    1 
ATOM   374  O OD1   . ASP A 1 50  ? 2.367   3.329   -1.627  1.00 47.45 ? 49  ASP A OD1   1 
ATOM   375  O OD2   . ASP A 1 50  ? 0.209   3.050   -1.230  1.00 50.96 ? 49  ASP A OD2   1 
ATOM   376  N N     . LEU A 1 51  ? -2.469  2.106   -2.714  1.00 37.86 ? 50  LEU A N     1 
ATOM   377  C CA    . LEU A 1 51  ? -3.702  2.879   -2.701  1.00 37.65 ? 50  LEU A CA    1 
ATOM   378  C C     . LEU A 1 51  ? -3.671  3.931   -1.608  1.00 41.47 ? 50  LEU A C     1 
ATOM   379  O O     . LEU A 1 51  ? -3.238  3.659   -0.483  1.00 36.49 ? 50  LEU A O     1 
ATOM   380  C CB    . LEU A 1 51  ? -4.903  1.957   -2.496  1.00 30.82 ? 50  LEU A CB    1 
ATOM   381  C CG    . LEU A 1 51  ? -4.939  0.912   -3.610  1.00 37.38 ? 50  LEU A CG    1 
ATOM   382  C CD1   . LEU A 1 51  ? -6.071  -0.070  -3.386  1.00 33.25 ? 50  LEU A CD1   1 
ATOM   383  C CD2   . LEU A 1 51  ? -5.028  1.597   -5.011  1.00 32.14 ? 50  LEU A CD2   1 
ATOM   384  N N     . TYR A 1 52  ? -4.169  5.131   -1.937  1.00 40.40 ? 51  TYR A N     1 
ATOM   385  C CA    . TYR A 1 52  ? -4.125  6.261   -1.010  1.00 42.26 ? 51  TYR A CA    1 
ATOM   386  C C     . TYR A 1 52  ? -2.680  6.516   -0.611  1.00 42.37 ? 51  TYR A C     1 
ATOM   387  O O     . TYR A 1 52  ? -2.334  6.529   0.570   1.00 44.48 ? 51  TYR A O     1 
ATOM   388  C CB    . TYR A 1 52  ? -4.992  6.017   0.231   1.00 43.72 ? 51  TYR A CB    1 
ATOM   389  C CG    . TYR A 1 52  ? -6.378  5.535   -0.072  1.00 40.42 ? 51  TYR A CG    1 
ATOM   390  C CD1   . TYR A 1 52  ? -7.381  6.429   -0.386  1.00 39.87 ? 51  TYR A CD1   1 
ATOM   391  C CD2   . TYR A 1 52  ? -6.682  4.190   -0.045  1.00 39.30 ? 51  TYR A CD2   1 
ATOM   392  C CE1   . TYR A 1 52  ? -8.649  6.003   -0.658  1.00 37.55 ? 51  TYR A CE1   1 
ATOM   393  C CE2   . TYR A 1 52  ? -7.951  3.748   -0.334  1.00 38.55 ? 51  TYR A CE2   1 
ATOM   394  C CZ    . TYR A 1 52  ? -8.932  4.663   -0.638  1.00 37.88 ? 51  TYR A CZ    1 
ATOM   395  O OH    . TYR A 1 52  ? -10.213 4.252   -0.930  1.00 43.02 ? 51  TYR A OH    1 
ATOM   396  N N     . ALA A 1 53  ? -1.830  6.690   -1.623  1.00 40.14 ? 52  ALA A N     1 
ATOM   397  C CA    . ALA A 1 53  ? -0.393  6.586   -1.418  1.00 39.17 ? 52  ALA A CA    1 
ATOM   398  C C     . ALA A 1 53  ? 0.161   7.670   -0.494  1.00 36.97 ? 52  ALA A C     1 
ATOM   399  O O     . ALA A 1 53  ? 1.203   7.453   0.128   1.00 40.09 ? 52  ALA A O     1 
ATOM   400  C CB    . ALA A 1 53  ? 0.317   6.605   -2.777  1.00 34.34 ? 52  ALA A CB    1 
ATOM   401  N N     . GLY A 1 54  ? -0.494  8.820   -0.378  1.00 40.45 ? 53  GLY A N     1 
ATOM   402  C CA    . GLY A 1 54  ? 0.016   9.868   0.491   1.00 38.99 ? 53  GLY A CA    1 
ATOM   403  C C     . GLY A 1 54  ? 1.402   10.351  0.115   1.00 38.92 ? 53  GLY A C     1 
ATOM   404  O O     . GLY A 1 54  ? 1.569   11.090  -0.858  1.00 41.85 ? 53  GLY A O     1 
ATOM   405  N N     . SER A 1 55  ? 2.413   9.945   0.871   1.00 39.99 ? 54  SER A N     1 
ATOM   406  C CA    . SER A 1 55  ? 3.787   10.298  0.545   1.00 38.03 ? 54  SER A CA    1 
ATOM   407  C C     . SER A 1 55  ? 4.462   9.276   -0.347  1.00 33.51 ? 54  SER A C     1 
ATOM   408  O O     . SER A 1 55  ? 5.585   9.521   -0.795  1.00 35.84 ? 54  SER A O     1 
ATOM   409  C CB    . SER A 1 55  ? 4.623   10.449  1.818   1.00 42.08 ? 54  SER A CB    1 
ATOM   410  O OG    . SER A 1 55  ? 4.879   9.181   2.395   1.00 43.87 ? 54  SER A OG    1 
ATOM   411  N N     . GLY A 1 56  ? 3.813   8.148   -0.611  1.00 34.61 ? 55  GLY A N     1 
ATOM   412  C CA    . GLY A 1 56  ? 4.441   7.041   -1.304  1.00 35.73 ? 55  GLY A CA    1 
ATOM   413  C C     . GLY A 1 56  ? 5.371   6.196   -0.462  1.00 38.05 ? 55  GLY A C     1 
ATOM   414  O O     . GLY A 1 56  ? 6.052   5.329   -1.015  1.00 35.49 ? 55  GLY A O     1 
ATOM   415  N N     . ALA A 1 57  ? 5.401   6.405   0.861   1.00 37.98 ? 56  ALA A N     1 
ATOM   416  C CA    . ALA A 1 57  ? 6.368   5.717   1.720   1.00 40.43 ? 56  ALA A CA    1 
ATOM   417  C C     . ALA A 1 57  ? 6.299   4.197   1.574   1.00 39.77 ? 56  ALA A C     1 
ATOM   418  O O     . ALA A 1 57  ? 7.337   3.528   1.477   1.00 39.24 ? 56  ALA A O     1 
ATOM   419  C CB    . ALA A 1 57  ? 6.148   6.117   3.177   1.00 39.96 ? 56  ALA A CB    1 
ATOM   420  N N     . LEU A 1 58  ? 5.092   3.629   1.557   1.00 40.28 ? 57  LEU A N     1 
ATOM   421  C CA    . LEU A 1 58  ? 4.975   2.173   1.475   1.00 41.21 ? 57  LEU A CA    1 
ATOM   422  C C     . LEU A 1 58  ? 5.489   1.655   0.139   1.00 43.33 ? 57  LEU A C     1 
ATOM   423  O O     . LEU A 1 58  ? 6.283   0.709   0.092   1.00 44.20 ? 57  LEU A O     1 
ATOM   424  C CB    . LEU A 1 58  ? 3.525   1.741   1.700   1.00 42.27 ? 57  LEU A CB    1 
ATOM   425  C CG    . LEU A 1 58  ? 2.921   2.165   3.040   1.00 45.68 ? 57  LEU A CG    1 
ATOM   426  C CD1   . LEU A 1 58  ? 1.554   1.547   3.245   1.00 47.46 ? 57  LEU A CD1   1 
ATOM   427  C CD2   . LEU A 1 58  ? 3.843   1.772   4.160   1.00 44.81 ? 57  LEU A CD2   1 
ATOM   428  N N     . GLY A 1 59  ? 5.055   2.273   -0.964  1.00 44.66 ? 58  GLY A N     1 
ATOM   429  C CA    . GLY A 1 59  ? 5.471   1.798   -2.270  1.00 34.37 ? 58  GLY A CA    1 
ATOM   430  C C     . GLY A 1 59  ? 6.943   2.034   -2.526  1.00 35.66 ? 58  GLY A C     1 
ATOM   431  O O     . GLY A 1 59  ? 7.622   1.198   -3.129  1.00 34.67 ? 58  GLY A O     1 
ATOM   432  N N     . LEU A 1 60  ? 7.454   3.184   -2.090  1.00 35.03 ? 59  LEU A N     1 
ATOM   433  C CA    . LEU A 1 60  ? 8.885   3.421   -2.171  1.00 35.03 ? 59  LEU A CA    1 
ATOM   434  C C     . LEU A 1 60  ? 9.654   2.391   -1.353  1.00 45.10 ? 59  LEU A C     1 
ATOM   435  O O     . LEU A 1 60  ? 10.782  2.026   -1.709  1.00 47.11 ? 59  LEU A O     1 
ATOM   436  C CB    . LEU A 1 60  ? 9.193   4.843   -1.700  1.00 38.01 ? 59  LEU A CB    1 
ATOM   437  C CG    . LEU A 1 60  ? 8.618   5.936   -2.602  1.00 39.54 ? 59  LEU A CG    1 
ATOM   438  C CD1   . LEU A 1 60  ? 8.503   7.246   -1.844  1.00 38.68 ? 59  LEU A CD1   1 
ATOM   439  C CD2   . LEU A 1 60  ? 9.477   6.100   -3.831  1.00 30.68 ? 59  LEU A CD2   1 
ATOM   440  N N     . GLU A 1 61  ? 9.050   1.888   -0.270  1.00 40.20 ? 60  GLU A N     1 
ATOM   441  C CA    . GLU A 1 61  ? 9.681   0.829   0.500   1.00 40.12 ? 60  GLU A CA    1 
ATOM   442  C C     . GLU A 1 61  ? 9.766   -0.457  -0.318  1.00 39.05 ? 60  GLU A C     1 
ATOM   443  O O     . GLU A 1 61  ? 10.847  -1.035  -0.465  1.00 47.02 ? 60  GLU A O     1 
ATOM   444  C CB    . GLU A 1 61  ? 8.910   0.615   1.807   1.00 44.00 ? 60  GLU A CB    1 
ATOM   445  C CG    . GLU A 1 61  ? 9.629   -0.206  2.850   1.00 45.24 ? 60  GLU A CG    1 
ATOM   446  C CD    . GLU A 1 61  ? 10.712  0.582   3.572   1.00 50.86 ? 60  GLU A CD    1 
ATOM   447  O OE1   . GLU A 1 61  ? 10.410  1.658   4.148   1.00 48.98 ? 60  GLU A OE1   1 
ATOM   448  O OE2   . GLU A 1 61  ? 11.871  0.113   3.559   1.00 52.39 ? 60  GLU A OE2   1 
ATOM   449  N N     . ALA A 1 62  ? 8.638   -0.924  -0.858  1.00 33.49 ? 61  ALA A N     1 
ATOM   450  C CA    . ALA A 1 62  ? 8.663   -2.130  -1.684  1.00 38.50 ? 61  ALA A CA    1 
ATOM   451  C C     . ALA A 1 62  ? 9.616   -1.968  -2.857  1.00 42.48 ? 61  ALA A C     1 
ATOM   452  O O     . ALA A 1 62  ? 10.388  -2.884  -3.173  1.00 40.85 ? 61  ALA A O     1 
ATOM   453  C CB    . ALA A 1 62  ? 7.258   -2.462  -2.191  1.00 36.08 ? 61  ALA A CB    1 
ATOM   454  N N     . LEU A 1 63  ? 9.566   -0.802  -3.514  1.00 45.08 ? 62  LEU A N     1 
ATOM   455  C CA    . LEU A 1 63  ? 10.500  -0.474  -4.589  1.00 39.82 ? 62  LEU A CA    1 
ATOM   456  C C     . LEU A 1 63  ? 11.942  -0.666  -4.144  1.00 43.54 ? 62  LEU A C     1 
ATOM   457  O O     . LEU A 1 63  ? 12.735  -1.329  -4.824  1.00 46.00 ? 62  LEU A O     1 
ATOM   458  C CB    . LEU A 1 63  ? 10.275  0.971   -5.021  1.00 44.71 ? 62  LEU A CB    1 
ATOM   459  C CG    . LEU A 1 63  ? 10.633  1.272   -6.471  1.00 47.43 ? 62  LEU A CG    1 
ATOM   460  C CD1   . LEU A 1 63  ? 9.998   0.265   -7.474  1.00 43.31 ? 62  LEU A CD1   1 
ATOM   461  C CD2   . LEU A 1 63  ? 10.179  2.648   -6.827  1.00 51.33 ? 62  LEU A CD2   1 
ATOM   462  N N     . SER A 1 64  ? 12.293  -0.090  -2.996  1.00 39.51 ? 63  SER A N     1 
ATOM   463  C CA    . SER A 1 64  ? 13.643  -0.226  -2.463  1.00 44.94 ? 63  SER A CA    1 
ATOM   464  C C     . SER A 1 64  ? 14.042  -1.688  -2.264  1.00 48.37 ? 63  SER A C     1 
ATOM   465  O O     . SER A 1 64  ? 15.208  -2.049  -2.461  1.00 49.81 ? 63  SER A O     1 
ATOM   466  C CB    . SER A 1 64  ? 13.742  0.538   -1.145  1.00 41.25 ? 63  SER A CB    1 
ATOM   467  O OG    . SER A 1 64  ? 15.072  0.558   -0.682  1.00 45.15 ? 63  SER A OG    1 
ATOM   468  N N     . ARG A 1 65  ? 13.101  -2.543  -1.854  1.00 46.65 ? 64  ARG A N     1 
ATOM   469  C CA    . ARG A 1 65  ? 13.427  -3.932  -1.544  1.00 48.83 ? 64  ARG A CA    1 
ATOM   470  C C     . ARG A 1 65  ? 13.367  -4.840  -2.762  1.00 45.51 ? 64  ARG A C     1 
ATOM   471  O O     . ARG A 1 65  ? 13.515  -6.055  -2.617  1.00 49.27 ? 64  ARG A O     1 
ATOM   472  C CB    . ARG A 1 65  ? 12.505  -4.475  -0.454  1.00 37.72 ? 64  ARG A CB    1 
ATOM   473  C CG    . ARG A 1 65  ? 12.578  -3.679  0.813   1.00 42.64 ? 64  ARG A CG    1 
ATOM   474  C CD    . ARG A 1 65  ? 11.358  -3.887  1.681   1.00 43.52 ? 64  ARG A CD    1 
ATOM   475  N NE    . ARG A 1 65  ? 11.495  -3.169  2.945   1.00 46.28 ? 64  ARG A NE    1 
ATOM   476  C CZ    . ARG A 1 65  ? 11.997  -3.710  4.045   1.00 49.77 ? 64  ARG A CZ    1 
ATOM   477  N NH1   . ARG A 1 65  ? 12.390  -4.976  4.025   1.00 48.25 ? 64  ARG A NH1   1 
ATOM   478  N NH2   . ARG A 1 65  ? 12.093  -2.996  5.160   1.00 54.56 ? 64  ARG A NH2   1 
ATOM   479  N N     . GLY A 1 66  ? 13.132  -4.291  -3.948  1.00 43.43 ? 65  GLY A N     1 
ATOM   480  C CA    . GLY A 1 66  ? 13.325  -5.050  -5.165  1.00 46.74 ? 65  GLY A CA    1 
ATOM   481  C C     . GLY A 1 66  ? 12.076  -5.361  -5.948  1.00 44.52 ? 65  GLY A C     1 
ATOM   482  O O     . GLY A 1 66  ? 12.168  -6.076  -6.956  1.00 46.43 ? 65  GLY A O     1 
ATOM   483  N N     . ALA A 1 67  ? 10.917  -4.859  -5.528  1.00 39.05 ? 66  ALA A N     1 
ATOM   484  C CA    . ALA A 1 67  ? 9.731   -4.961  -6.361  1.00 42.49 ? 66  ALA A CA    1 
ATOM   485  C C     . ALA A 1 67  ? 10.014  -4.393  -7.743  1.00 45.44 ? 66  ALA A C     1 
ATOM   486  O O     . ALA A 1 67  ? 10.793  -3.452  -7.905  1.00 47.56 ? 66  ALA A O     1 
ATOM   487  C CB    . ALA A 1 67  ? 8.557   -4.223  -5.723  1.00 44.87 ? 66  ALA A CB    1 
ATOM   488  N N     . ALA A 1 68  ? 9.381   -4.988  -8.752  1.00 44.77 ? 67  ALA A N     1 
ATOM   489  C CA    . ALA A 1 68  ? 9.598   -4.541  -10.122 1.00 41.10 ? 67  ALA A CA    1 
ATOM   490  C C     . ALA A 1 68  ? 8.883   -3.223  -10.386 1.00 43.27 ? 67  ALA A C     1 
ATOM   491  O O     . ALA A 1 68  ? 9.497   -2.264  -10.863 1.00 52.07 ? 67  ALA A O     1 
ATOM   492  C CB    . ALA A 1 68  ? 9.134   -5.610  -11.108 1.00 40.84 ? 67  ALA A CB    1 
ATOM   493  N N     . SER A 1 69  ? 7.589   -3.153  -10.081 1.00 41.63 ? 68  SER A N     1 
ATOM   494  C CA    . SER A 1 69  ? 6.800   -1.958  -10.342 1.00 44.21 ? 68  SER A CA    1 
ATOM   495  C C     . SER A 1 69  ? 5.888   -1.634  -9.166  1.00 41.97 ? 68  SER A C     1 
ATOM   496  O O     . SER A 1 69  ? 5.438   -2.523  -8.438  1.00 40.27 ? 68  SER A O     1 
ATOM   497  C CB    . SER A 1 69  ? 5.942   -2.120  -11.598 1.00 48.49 ? 68  SER A CB    1 
ATOM   498  O OG    . SER A 1 69  ? 4.945   -3.108  -11.381 1.00 52.30 ? 68  SER A OG    1 
ATOM   499  N N     . VAL A 1 70  ? 5.603   -0.347  -9.000  1.00 37.83 ? 69  VAL A N     1 
ATOM   500  C CA    . VAL A 1 70  ? 4.585   0.120   -8.073  1.00 38.13 ? 69  VAL A CA    1 
ATOM   501  C C     . VAL A 1 70  ? 3.715   1.135   -8.793  1.00 35.52 ? 69  VAL A C     1 
ATOM   502  O O     . VAL A 1 70  ? 4.226   2.086   -9.388  1.00 38.81 ? 69  VAL A O     1 
ATOM   503  C CB    . VAL A 1 70  ? 5.185   0.742   -6.801  1.00 36.66 ? 69  VAL A CB    1 
ATOM   504  C CG1   . VAL A 1 70  ? 4.080   1.249   -5.909  1.00 29.99 ? 69  VAL A CG1   1 
ATOM   505  C CG2   . VAL A 1 70  ? 6.016   -0.284  -6.057  1.00 38.44 ? 69  VAL A CG2   1 
ATOM   506  N N     . LEU A 1 71  ? 2.410   0.935   -8.738  1.00 34.65 ? 70  LEU A N     1 
ATOM   507  C CA    . LEU A 1 71  ? 1.449   1.941   -9.158  1.00 36.02 ? 70  LEU A CA    1 
ATOM   508  C C     . LEU A 1 71  ? 0.955   2.671   -7.914  1.00 36.48 ? 70  LEU A C     1 
ATOM   509  O O     . LEU A 1 71  ? 0.274   2.079   -7.072  1.00 34.64 ? 70  LEU A O     1 
ATOM   510  C CB    . LEU A 1 71  ? 0.290   1.305   -9.920  1.00 36.15 ? 70  LEU A CB    1 
ATOM   511  C CG    . LEU A 1 71  ? -0.750  2.304   -10.422 1.00 34.61 ? 70  LEU A CG    1 
ATOM   512  C CD1   . LEU A 1 71  ? -0.125  3.307   -11.382 1.00 34.11 ? 70  LEU A CD1   1 
ATOM   513  C CD2   . LEU A 1 71  ? -1.926  1.604   -11.074 1.00 32.32 ? 70  LEU A CD2   1 
ATOM   514  N N     . PHE A 1 72  ? 1.309   3.953   -7.797  1.00 37.88 ? 71  PHE A N     1 
ATOM   515  C CA    . PHE A 1 72  ? 0.814   4.820   -6.732  1.00 32.39 ? 71  PHE A CA    1 
ATOM   516  C C     . PHE A 1 72  ? -0.494  5.459   -7.163  1.00 33.52 ? 71  PHE A C     1 
ATOM   517  O O     . PHE A 1 72  ? -0.563  6.053   -8.243  1.00 39.28 ? 71  PHE A O     1 
ATOM   518  C CB    . PHE A 1 72  ? 1.828   5.914   -6.400  1.00 30.18 ? 71  PHE A CB    1 
ATOM   519  C CG    . PHE A 1 72  ? 3.127   5.392   -5.882  1.00 38.11 ? 71  PHE A CG    1 
ATOM   520  C CD1   . PHE A 1 72  ? 3.350   5.287   -4.505  1.00 33.53 ? 71  PHE A CD1   1 
ATOM   521  C CD2   . PHE A 1 72  ? 4.125   4.978   -6.766  1.00 31.68 ? 71  PHE A CD2   1 
ATOM   522  C CE1   . PHE A 1 72  ? 4.555   4.797   -4.014  1.00 35.51 ? 71  PHE A CE1   1 
ATOM   523  C CE2   . PHE A 1 72  ? 5.330   4.486   -6.284  1.00 36.04 ? 71  PHE A CE2   1 
ATOM   524  C CZ    . PHE A 1 72  ? 5.547   4.394   -4.898  1.00 34.70 ? 71  PHE A CZ    1 
ATOM   525  N N     . VAL A 1 73  ? -1.524  5.346   -6.324  1.00 26.96 ? 72  VAL A N     1 
ATOM   526  C CA    . VAL A 1 73  ? -2.824  5.948   -6.594  1.00 31.52 ? 72  VAL A CA    1 
ATOM   527  C C     . VAL A 1 73  ? -3.167  6.891   -5.448  1.00 39.25 ? 72  VAL A C     1 
ATOM   528  O O     . VAL A 1 73  ? -3.182  6.480   -4.280  1.00 43.12 ? 72  VAL A O     1 
ATOM   529  C CB    . VAL A 1 73  ? -3.919  4.887   -6.794  1.00 32.30 ? 72  VAL A CB    1 
ATOM   530  C CG1   . VAL A 1 73  ? -5.222  5.538   -7.211  1.00 29.60 ? 72  VAL A CG1   1 
ATOM   531  C CG2   . VAL A 1 73  ? -3.493  3.874   -7.837  1.00 28.50 ? 72  VAL A CG2   1 
ATOM   532  N N     . GLU A 1 74  ? -3.469  8.143   -5.795  1.00 36.86 ? 73  GLU A N     1 
ATOM   533  C CA    . GLU A 1 74  ? -3.570  9.238   -4.843  1.00 36.63 ? 73  GLU A CA    1 
ATOM   534  C C     . GLU A 1 74  ? -4.346  10.373  -5.498  1.00 40.92 ? 73  GLU A C     1 
ATOM   535  O O     . GLU A 1 74  ? -3.959  10.843  -6.567  1.00 38.56 ? 73  GLU A O     1 
ATOM   536  C CB    . GLU A 1 74  ? -2.170  9.706   -4.426  1.00 38.46 ? 73  GLU A CB    1 
ATOM   537  C CG    . GLU A 1 74  ? -2.140  11.031  -3.679  1.00 38.70 ? 73  GLU A CG    1 
ATOM   538  C CD    . GLU A 1 74  ? -2.821  10.960  -2.321  1.00 49.63 ? 73  GLU A CD    1 
ATOM   539  O OE1   . GLU A 1 74  ? -2.628  9.954   -1.586  1.00 46.01 ? 73  GLU A OE1   1 
ATOM   540  O OE2   . GLU A 1 74  ? -3.555  11.918  -1.992  1.00 53.80 ? 73  GLU A OE2   1 
ATOM   541  N N     . SER A 1 75  ? -5.425  10.820  -4.854  1.00 39.73 ? 74  SER A N     1 
ATOM   542  C CA    . SER A 1 75  ? -6.304  11.832  -5.426  1.00 43.11 ? 74  SER A CA    1 
ATOM   543  C C     . SER A 1 75  ? -5.872  13.264  -5.127  1.00 42.34 ? 74  SER A C     1 
ATOM   544  O O     . SER A 1 75  ? -6.222  14.171  -5.889  1.00 49.64 ? 74  SER A O     1 
ATOM   545  C CB    . SER A 1 75  ? -7.741  11.636  -4.931  1.00 42.82 ? 74  SER A CB    1 
ATOM   546  O OG    . SER A 1 75  ? -7.838  11.897  -3.542  1.00 49.97 ? 74  SER A OG    1 
ATOM   547  N N     . ASP A 1 76  ? -5.137  13.511  -4.047  1.00 43.97 ? 75  ASP A N     1 
ATOM   548  C CA    . ASP A 1 76  ? -4.720  14.875  -3.733  1.00 46.05 ? 75  ASP A CA    1 
ATOM   549  C C     . ASP A 1 76  ? -3.501  15.269  -4.565  1.00 45.74 ? 75  ASP A C     1 
ATOM   550  O O     . ASP A 1 76  ? -2.510  14.534  -4.614  1.00 47.22 ? 75  ASP A O     1 
ATOM   551  C CB    . ASP A 1 76  ? -4.410  15.010  -2.248  1.00 43.02 ? 75  ASP A CB    1 
ATOM   552  C CG    . ASP A 1 76  ? -3.836  16.368  -1.898  1.00 49.40 ? 75  ASP A CG    1 
ATOM   553  O OD1   . ASP A 1 76  ? -4.586  17.362  -1.936  1.00 55.19 ? 75  ASP A OD1   1 
ATOM   554  O OD2   . ASP A 1 76  ? -2.631  16.446  -1.586  1.00 52.00 ? 75  ASP A OD2   1 
ATOM   555  N N     . GLN A 1 77  ? -3.561  16.449  -5.194  1.00 41.87 ? 76  GLN A N     1 
ATOM   556  C CA    . GLN A 1 77  ? -2.510  16.852  -6.129  1.00 44.38 ? 76  GLN A CA    1 
ATOM   557  C C     . GLN A 1 77  ? -1.213  17.230  -5.412  1.00 42.33 ? 76  GLN A C     1 
ATOM   558  O O     . GLN A 1 77  ? -0.121  16.880  -5.881  1.00 35.98 ? 76  GLN A O     1 
ATOM   559  C CB    . GLN A 1 77  ? -3.007  18.004  -7.011  1.00 45.67 ? 76  GLN A CB    1 
ATOM   560  C CG    . GLN A 1 77  ? -4.248  17.646  -7.830  1.00 49.57 ? 76  GLN A CG    1 
ATOM   561  C CD    . GLN A 1 77  ? -4.843  18.824  -8.585  1.00 64.75 ? 76  GLN A CD    1 
ATOM   562  O OE1   . GLN A 1 77  ? -4.455  19.111  -9.728  1.00 61.52 ? 76  GLN A OE1   1 
ATOM   563  N NE2   . GLN A 1 77  ? -5.799  19.510  -7.952  1.00 57.50 ? 76  GLN A NE2   1 
ATOM   564  N N     . ARG A 1 78  ? -1.298  17.957  -4.291  1.00 43.02 ? 77  ARG A N     1 
ATOM   565  C CA    . ARG A 1 78  ? -0.085  18.236  -3.521  1.00 42.44 ? 77  ARG A CA    1 
ATOM   566  C C     . ARG A 1 78  ? 0.559   16.950  -3.002  1.00 44.90 ? 77  ARG A C     1 
ATOM   567  O O     . ARG A 1 78  ? 1.794   16.866  -2.917  1.00 40.35 ? 77  ARG A O     1 
ATOM   568  C CB    . ARG A 1 78  ? -0.386  19.180  -2.355  1.00 46.35 ? 77  ARG A CB    1 
ATOM   569  C CG    . ARG A 1 78  ? -0.472  20.647  -2.716  1.00 46.71 ? 77  ARG A CG    1 
ATOM   570  C CD    . ARG A 1 78  ? 0.747   21.102  -3.527  1.00 64.08 ? 77  ARG A CD    1 
ATOM   571  N NE    . ARG A 1 78  ? 0.735   22.548  -3.787  1.00 79.52 ? 77  ARG A NE    1 
ATOM   572  C CZ    . ARG A 1 78  ? 1.409   23.156  -4.765  1.00 75.05 ? 77  ARG A CZ    1 
ATOM   573  N NH1   . ARG A 1 78  ? 2.184   22.449  -5.582  1.00 80.25 ? 77  ARG A NH1   1 
ATOM   574  N NH2   . ARG A 1 78  ? 1.321   24.476  -4.917  1.00 66.49 ? 77  ARG A NH2   1 
ATOM   575  N N     . SER A 1 79  ? -0.251  15.940  -2.663  1.00 40.18 ? 78  SER A N     1 
ATOM   576  C CA    . SER A 1 79  ? 0.301   14.657  -2.244  1.00 41.38 ? 78  SER A CA    1 
ATOM   577  C C     . SER A 1 79  ? 0.986   13.957  -3.405  1.00 38.43 ? 78  SER A C     1 
ATOM   578  O O     . SER A 1 79  ? 2.095   13.427  -3.259  1.00 39.94 ? 78  SER A O     1 
ATOM   579  C CB    . SER A 1 79  ? -0.798  13.768  -1.665  1.00 42.89 ? 78  SER A CB    1 
ATOM   580  O OG    . SER A 1 79  ? -1.324  14.324  -0.482  1.00 45.07 ? 78  SER A OG    1 
ATOM   581  N N     . ALA A 1 80  ? 0.337   13.943  -4.572  1.00 39.69 ? 79  ALA A N     1 
ATOM   582  C CA    . ALA A 1 80  ? 0.950   13.345  -5.754  1.00 38.64 ? 79  ALA A CA    1 
ATOM   583  C C     . ALA A 1 80  ? 2.282   14.008  -6.082  1.00 36.99 ? 79  ALA A C     1 
ATOM   584  O O     . ALA A 1 80  ? 3.241   13.336  -6.482  1.00 37.34 ? 79  ALA A O     1 
ATOM   585  C CB    . ALA A 1 80  ? -0.001  13.441  -6.941  1.00 35.28 ? 79  ALA A CB    1 
ATOM   586  N N     . ALA A 1 81  ? 2.370   15.326  -5.898  1.00 36.32 ? 80  ALA A N     1 
ATOM   587  C CA    . ALA A 1 81  ? 3.636   16.014  -6.121  1.00 37.32 ? 80  ALA A CA    1 
ATOM   588  C C     . ALA A 1 81  ? 4.703   15.505  -5.157  1.00 36.87 ? 80  ALA A C     1 
ATOM   589  O O     . ALA A 1 81  ? 5.839   15.220  -5.559  1.00 34.80 ? 80  ALA A O     1 
ATOM   590  C CB    . ALA A 1 81  ? 3.439   17.527  -5.986  1.00 33.00 ? 80  ALA A CB    1 
ATOM   591  N N     . VAL A 1 82  ? 4.338   15.355  -3.881  1.00 34.71 ? 81  VAL A N     1 
ATOM   592  C CA    . VAL A 1 82  ? 5.273   14.808  -2.900  1.00 33.19 ? 81  VAL A CA    1 
ATOM   593  C C     . VAL A 1 82  ? 5.732   13.407  -3.299  1.00 32.00 ? 81  VAL A C     1 
ATOM   594  O O     . VAL A 1 82  ? 6.924   13.087  -3.224  1.00 33.86 ? 81  VAL A O     1 
ATOM   595  C CB    . VAL A 1 82  ? 4.641   14.823  -1.500  1.00 36.47 ? 81  VAL A CB    1 
ATOM   596  C CG1   . VAL A 1 82  ? 5.569   14.138  -0.512  1.00 39.49 ? 81  VAL A CG1   1 
ATOM   597  C CG2   . VAL A 1 82  ? 4.361   16.249  -1.061  1.00 35.48 ? 81  VAL A CG2   1 
ATOM   598  N N     . ILE A 1 83  ? 4.807   12.550  -3.734  1.00 32.67 ? 82  ILE A N     1 
ATOM   599  C CA    . ILE A 1 83  ? 5.205   11.215  -4.182  1.00 32.51 ? 82  ILE A CA    1 
ATOM   600  C C     . ILE A 1 83  ? 6.230   11.307  -5.315  1.00 37.48 ? 82  ILE A C     1 
ATOM   601  O O     . ILE A 1 83  ? 7.225   10.569  -5.333  1.00 36.28 ? 82  ILE A O     1 
ATOM   602  C CB    . ILE A 1 83  ? 3.974   10.405  -4.618  1.00 34.80 ? 82  ILE A CB    1 
ATOM   603  C CG1   . ILE A 1 83  ? 3.033   10.155  -3.445  1.00 34.52 ? 82  ILE A CG1   1 
ATOM   604  C CG2   . ILE A 1 83  ? 4.396   9.107   -5.280  1.00 32.46 ? 82  ILE A CG2   1 
ATOM   605  C CD1   . ILE A 1 83  ? 1.670   9.671   -3.865  1.00 35.17 ? 82  ILE A CD1   1 
ATOM   606  N N     . ALA A 1 84  ? 6.004   12.218  -6.271  1.00 31.53 ? 83  ALA A N     1 
ATOM   607  C CA    . ALA A 1 84  ? 6.895   12.333  -7.427  1.00 37.04 ? 83  ALA A CA    1 
ATOM   608  C C     . ALA A 1 84  ? 8.274   12.832  -7.023  1.00 35.33 ? 83  ALA A C     1 
ATOM   609  O O     . ALA A 1 84  ? 9.287   12.307  -7.489  1.00 33.94 ? 83  ALA A O     1 
ATOM   610  C CB    . ALA A 1 84  ? 6.289   13.261  -8.479  1.00 34.67 ? 83  ALA A CB    1 
ATOM   611  N N     . ARG A 1 85  ? 8.336   13.845  -6.161  1.00 35.93 ? 84  ARG A N     1 
ATOM   612  C CA    . ARG A 1 85  ? 9.624   14.266  -5.617  1.00 41.32 ? 84  ARG A CA    1 
ATOM   613  C C     . ARG A 1 85  ? 10.363  13.087  -4.998  1.00 39.06 ? 84  ARG A C     1 
ATOM   614  O O     . ARG A 1 85  ? 11.544  12.865  -5.278  1.00 39.03 ? 84  ARG A O     1 
ATOM   615  C CB    . ARG A 1 85  ? 9.428   15.379  -4.579  1.00 45.57 ? 84  ARG A CB    1 
ATOM   616  C CG    . ARG A 1 85  ? 8.997   16.724  -5.162  1.00 50.68 ? 84  ARG A CG    1 
ATOM   617  C CD    . ARG A 1 85  ? 10.093  17.340  -6.033  1.00 57.97 ? 84  ARG A CD    1 
ATOM   618  N NE    . ARG A 1 85  ? 9.681   18.583  -6.681  1.00 57.39 ? 84  ARG A NE    1 
ATOM   619  C CZ    . ARG A 1 85  ? 10.421  19.235  -7.576  1.00 60.91 ? 84  ARG A CZ    1 
ATOM   620  N NH1   . ARG A 1 85  ? 11.608  18.762  -7.940  1.00 60.44 ? 84  ARG A NH1   1 
ATOM   621  N NH2   . ARG A 1 85  ? 9.977   20.364  -8.105  1.00 60.45 ? 84  ARG A NH2   1 
ATOM   622  N N     . ASN A 1 86  ? 9.669   12.310  -4.162  1.00 36.90 ? 85  ASN A N     1 
ATOM   623  C CA    . ASN A 1 86  ? 10.309  11.183  -3.481  1.00 37.95 ? 85  ASN A CA    1 
ATOM   624  C C     . ASN A 1 86  ? 10.820  10.135  -4.469  1.00 35.93 ? 85  ASN A C     1 
ATOM   625  O O     . ASN A 1 86  ? 11.952  9.652   -4.336  1.00 37.55 ? 85  ASN A O     1 
ATOM   626  C CB    . ASN A 1 86  ? 9.342   10.546  -2.475  1.00 36.11 ? 85  ASN A CB    1 
ATOM   627  C CG    . ASN A 1 86  ? 9.080   11.422  -1.281  1.00 38.26 ? 85  ASN A CG    1 
ATOM   628  O OD1   . ASN A 1 86  ? 9.941   12.214  -0.874  1.00 34.59 ? 85  ASN A OD1   1 
ATOM   629  N ND2   . ASN A 1 86  ? 7.889   11.278  -0.691  1.00 34.42 ? 85  ASN A ND2   1 
ATOM   630  N N     . ILE A 1 87  ? 10.000  9.747   -5.454  1.00 33.14 ? 86  ILE A N     1 
ATOM   631  C CA    . ILE A 1 87  ? 10.488  8.822   -6.485  1.00 39.75 ? 86  ILE A CA    1 
ATOM   632  C C     . ILE A 1 87  ? 11.789  9.334   -7.094  1.00 40.04 ? 86  ILE A C     1 
ATOM   633  O O     . ILE A 1 87  ? 12.712  8.560   -7.362  1.00 44.89 ? 86  ILE A O     1 
ATOM   634  C CB    . ILE A 1 87  ? 9.434   8.601   -7.582  1.00 40.69 ? 86  ILE A CB    1 
ATOM   635  C CG1   . ILE A 1 87  ? 8.172   7.944   -7.041  1.00 40.85 ? 86  ILE A CG1   1 
ATOM   636  C CG2   . ILE A 1 87  ? 10.010  7.742   -8.693  1.00 43.64 ? 86  ILE A CG2   1 
ATOM   637  C CD1   . ILE A 1 87  ? 7.004   8.085   -8.020  1.00 34.59 ? 86  ILE A CD1   1 
ATOM   638  N N     . GLU A 1 88  ? 11.885  10.646  -7.312  1.00 40.22 ? 87  GLU A N     1 
ATOM   639  C CA    . GLU A 1 88  ? 13.096  11.204  -7.908  1.00 46.65 ? 87  GLU A CA    1 
ATOM   640  C C     . GLU A 1 88  ? 14.261  11.151  -6.935  1.00 44.96 ? 87  GLU A C     1 
ATOM   641  O O     . GLU A 1 88  ? 15.377  10.775  -7.310  1.00 45.94 ? 87  GLU A O     1 
ATOM   642  C CB    . GLU A 1 88  ? 12.855  12.646  -8.357  1.00 47.34 ? 87  GLU A CB    1 
ATOM   643  C CG    . GLU A 1 88  ? 12.223  12.787  -9.719  1.00 50.50 ? 87  GLU A CG    1 
ATOM   644  C CD    . GLU A 1 88  ? 11.819  14.218  -10.026 1.00 57.13 ? 87  GLU A CD    1 
ATOM   645  O OE1   . GLU A 1 88  ? 12.302  15.152  -9.337  1.00 57.12 ? 87  GLU A OE1   1 
ATOM   646  O OE2   . GLU A 1 88  ? 11.006  14.400  -10.958 1.00 56.12 ? 87  GLU A OE2   1 
ATOM   647  N N     . ALA A 1 89  ? 14.029  11.550  -5.688  1.00 38.89 ? 88  ALA A N     1 
ATOM   648  C CA    . ALA A 1 89  ? 15.109  11.558  -4.704  1.00 48.58 ? 88  ALA A CA    1 
ATOM   649  C C     . ALA A 1 89  ? 15.688  10.161  -4.498  1.00 51.80 ? 88  ALA A C     1 
ATOM   650  O O     . ALA A 1 89  ? 16.901  10.007  -4.306  1.00 56.64 ? 88  ALA A O     1 
ATOM   651  C CB    . ALA A 1 89  ? 14.607  12.125  -3.374  1.00 50.99 ? 88  ALA A CB    1 
ATOM   652  N N     . LEU A 1 90  ? 14.842  9.130   -4.528  1.00 47.71 ? 89  LEU A N     1 
ATOM   653  C CA    . LEU A 1 90  ? 15.353  7.778   -4.355  1.00 49.42 ? 89  LEU A CA    1 
ATOM   654  C C     . LEU A 1 90  ? 16.037  7.261   -5.609  1.00 49.59 ? 89  LEU A C     1 
ATOM   655  O O     . LEU A 1 90  ? 16.937  6.419   -5.514  1.00 51.08 ? 89  LEU A O     1 
ATOM   656  C CB    . LEU A 1 90  ? 14.227  6.832   -3.952  1.00 47.70 ? 89  LEU A CB    1 
ATOM   657  C CG    . LEU A 1 90  ? 13.606  7.210   -2.616  1.00 48.53 ? 89  LEU A CG    1 
ATOM   658  C CD1   . LEU A 1 90  ? 12.706  6.089   -2.148  1.00 48.39 ? 89  LEU A CD1   1 
ATOM   659  C CD2   . LEU A 1 90  ? 14.704  7.523   -1.599  1.00 52.01 ? 89  LEU A CD2   1 
ATOM   660  N N     . GLY A 1 91  ? 15.626  7.742   -6.779  1.00 49.59 ? 90  GLY A N     1 
ATOM   661  C CA    . GLY A 1 91  ? 16.245  7.336   -8.024  1.00 45.86 ? 90  GLY A CA    1 
ATOM   662  C C     . GLY A 1 91  ? 16.098  5.855   -8.311  1.00 54.97 ? 90  GLY A C     1 
ATOM   663  O O     . GLY A 1 91  ? 17.078  5.179   -8.633  1.00 59.61 ? 90  GLY A O     1 
ATOM   664  N N     . LEU A 1 92  ? 14.889  5.329   -8.188  1.00 47.92 ? 91  LEU A N     1 
ATOM   665  C CA    . LEU A 1 92  ? 14.640  3.930   -8.484  1.00 51.93 ? 91  LEU A CA    1 
ATOM   666  C C     . LEU A 1 92  ? 13.639  3.826   -9.620  1.00 60.03 ? 91  LEU A C     1 
ATOM   667  O O     . LEU A 1 92  ? 12.743  4.664   -9.759  1.00 58.95 ? 91  LEU A O     1 
ATOM   668  C CB    . LEU A 1 92  ? 14.120  3.186   -7.252  1.00 56.49 ? 91  LEU A CB    1 
ATOM   669  C CG    . LEU A 1 92  ? 15.063  3.153   -6.041  1.00 54.52 ? 91  LEU A CG    1 
ATOM   670  C CD1   . LEU A 1 92  ? 14.332  2.694   -4.803  1.00 46.42 ? 91  LEU A CD1   1 
ATOM   671  C CD2   . LEU A 1 92  ? 16.281  2.272   -6.303  1.00 55.69 ? 91  LEU A CD2   1 
ATOM   672  N N     . SER A 1 93  ? 13.799  2.794   -10.435 1.00 57.24 ? 92  SER A N     1 
ATOM   673  C CA    . SER A 1 93  ? 12.922  2.592   -11.573 1.00 53.39 ? 92  SER A CA    1 
ATOM   674  C C     . SER A 1 93  ? 11.692  1.783   -11.159 1.00 50.01 ? 92  SER A C     1 
ATOM   675  O O     . SER A 1 93  ? 11.659  1.171   -10.092 1.00 51.80 ? 92  SER A O     1 
ATOM   676  C CB    . SER A 1 93  ? 13.678  1.885   -12.691 1.00 63.22 ? 92  SER A CB    1 
ATOM   677  O OG    . SER A 1 93  ? 14.868  2.590   -13.008 1.00 72.28 ? 92  SER A OG    1 
ATOM   678  N N     . GLY A 1 94  ? 10.676  1.777   -12.029 1.00 45.60 ? 93  GLY A N     1 
ATOM   679  C CA    . GLY A 1 94  ? 9.486   0.977   -11.828 1.00 38.99 ? 93  GLY A CA    1 
ATOM   680  C C     . GLY A 1 94  ? 8.292   1.717   -11.259 1.00 43.68 ? 93  GLY A C     1 
ATOM   681  O O     . GLY A 1 94  ? 7.213   1.122   -11.153 1.00 37.59 ? 93  GLY A O     1 
ATOM   682  N N     . ALA A 1 95  ? 8.437   2.990   -10.898 1.00 43.05 ? 94  ALA A N     1 
ATOM   683  C CA    . ALA A 1 95  ? 7.349   3.733   -10.271 1.00 39.26 ? 94  ALA A CA    1 
ATOM   684  C C     . ALA A 1 95  ? 6.465   4.382   -11.327 1.00 36.88 ? 94  ALA A C     1 
ATOM   685  O O     . ALA A 1 95  ? 6.959   5.028   -12.251 1.00 39.89 ? 94  ALA A O     1 
ATOM   686  C CB    . ALA A 1 95  ? 7.892   4.795   -9.321  1.00 38.72 ? 94  ALA A CB    1 
ATOM   687  N N     . THR A 1 96  ? 5.163   4.202   -11.182 1.00 33.36 ? 95  THR A N     1 
ATOM   688  C CA    . THR A 1 96  ? 4.171   4.878   -11.986 1.00 30.61 ? 95  THR A CA    1 
ATOM   689  C C     . THR A 1 96  ? 3.173   5.546   -11.057 1.00 32.19 ? 95  THR A C     1 
ATOM   690  O O     . THR A 1 96  ? 2.798   4.987   -10.024 1.00 42.44 ? 95  THR A O     1 
ATOM   691  C CB    . THR A 1 96  ? 3.453   3.912   -12.926 1.00 39.10 ? 95  THR A CB    1 
ATOM   692  O OG1   . THR A 1 96  ? 4.419   3.248   -13.748 1.00 41.85 ? 95  THR A OG1   1 
ATOM   693  C CG2   . THR A 1 96  ? 2.492   4.671   -13.821 1.00 35.23 ? 95  THR A CG2   1 
ATOM   694  N N     . LEU A 1 97  ? 2.727   6.732   -11.432 1.00 34.84 ? 96  LEU A N     1 
ATOM   695  C CA    . LEU A 1 97  ? 1.901   7.562   -10.576 1.00 35.08 ? 96  LEU A CA    1 
ATOM   696  C C     . LEU A 1 97  ? 0.576   7.822   -11.279 1.00 34.04 ? 96  LEU A C     1 
ATOM   697  O O     . LEU A 1 97  ? 0.556   8.177   -12.457 1.00 40.28 ? 96  LEU A O     1 
ATOM   698  C CB    . LEU A 1 97  ? 2.646   8.860   -10.244 1.00 34.37 ? 96  LEU A CB    1 
ATOM   699  C CG    . LEU A 1 97  ? 2.030   9.903   -9.321  1.00 37.85 ? 96  LEU A CG    1 
ATOM   700  C CD1   . LEU A 1 97  ? 1.443   9.253   -8.053  1.00 38.77 ? 96  LEU A CD1   1 
ATOM   701  C CD2   . LEU A 1 97  ? 3.091   10.961  -8.980  1.00 36.92 ? 96  LEU A CD2   1 
ATOM   702  N N     . ARG A 1 98  ? -0.529  7.618   -10.568 1.00 36.78 ? 97  ARG A N     1 
ATOM   703  C CA    . ARG A 1 98  ? -1.866  7.732   -11.151 1.00 35.05 ? 97  ARG A CA    1 
ATOM   704  C C     . ARG A 1 98  ? -2.713  8.598   -10.229 1.00 37.49 ? 97  ARG A C     1 
ATOM   705  O O     . ARG A 1 98  ? -3.200  8.121   -9.196  1.00 40.23 ? 97  ARG A O     1 
ATOM   706  C CB    . ARG A 1 98  ? -2.497  6.357   -11.349 1.00 33.39 ? 97  ARG A CB    1 
ATOM   707  C CG    . ARG A 1 98  ? -3.934  6.443   -11.754 1.00 39.02 ? 97  ARG A CG    1 
ATOM   708  C CD    . ARG A 1 98  ? -4.295  5.487   -12.860 1.00 37.61 ? 97  ARG A CD    1 
ATOM   709  N NE    . ARG A 1 98  ? -5.622  5.797   -13.392 1.00 42.10 ? 97  ARG A NE    1 
ATOM   710  C CZ    . ARG A 1 98  ? -6.418  4.891   -13.946 1.00 47.06 ? 97  ARG A CZ    1 
ATOM   711  N NH1   . ARG A 1 98  ? -7.622  5.237   -14.399 1.00 47.53 ? 97  ARG A NH1   1 
ATOM   712  N NH2   . ARG A 1 98  ? -6.010  3.632   -14.031 1.00 46.72 ? 97  ARG A NH2   1 
ATOM   713  N N     . ARG A 1 99  ? -2.880  9.869   -10.584 1.00 40.61 ? 98  ARG A N     1 
ATOM   714  C CA    . ARG A 1 99  ? -3.657  10.780  -9.750  1.00 43.71 ? 98  ARG A CA    1 
ATOM   715  C C     . ARG A 1 99  ? -5.132  10.645  -10.101 1.00 40.10 ? 98  ARG A C     1 
ATOM   716  O O     . ARG A 1 99  ? -5.522  10.839  -11.254 1.00 51.86 ? 98  ARG A O     1 
ATOM   717  C CB    . ARG A 1 99  ? -3.199  12.227  -9.916  1.00 38.35 ? 98  ARG A CB    1 
ATOM   718  C CG    . ARG A 1 99  ? -3.964  13.201  -9.021  1.00 40.86 ? 98  ARG A CG    1 
ATOM   719  C CD    . ARG A 1 99  ? -3.800  14.643  -9.480  1.00 55.16 ? 98  ARG A CD    1 
ATOM   720  N NE    . ARG A 1 99  ? -4.104  14.825  -10.902 1.00 57.47 ? 98  ARG A NE    1 
ATOM   721  C CZ    . ARG A 1 99  ? -5.223  15.375  -11.372 1.00 60.37 ? 98  ARG A CZ    1 
ATOM   722  N NH1   . ARG A 1 99  ? -6.149  15.814  -10.527 1.00 56.85 ? 98  ARG A NH1   1 
ATOM   723  N NH2   . ARG A 1 99  ? -5.413  15.489  -12.688 1.00 53.24 ? 98  ARG A NH2   1 
ATOM   724  N N     . GLY A 1 100 ? -5.940  10.325  -9.105  1.00 40.85 ? 99  GLY A N     1 
ATOM   725  C CA    . GLY A 1 100 ? -7.343  10.040  -9.322  1.00 41.39 ? 99  GLY A CA    1 
ATOM   726  C C     . GLY A 1 100 ? -7.930  9.446   -8.063  1.00 41.20 ? 99  GLY A C     1 
ATOM   727  O O     . GLY A 1 100 ? -7.228  9.199   -7.073  1.00 39.47 ? 99  GLY A O     1 
ATOM   728  N N     . ALA A 1 101 ? -9.245  9.225   -8.117  1.00 40.39 ? 100 ALA A N     1 
ATOM   729  C CA    . ALA A 1 101 ? -9.993  8.697   -6.983  1.00 43.85 ? 100 ALA A CA    1 
ATOM   730  C C     . ALA A 1 101 ? -9.784  7.190   -6.898  1.00 43.47 ? 100 ALA A C     1 
ATOM   731  O O     . ALA A 1 101 ? -10.102 6.463   -7.847  1.00 43.68 ? 100 ALA A O     1 
ATOM   732  C CB    . ALA A 1 101 ? -11.474 9.036   -7.126  1.00 41.78 ? 100 ALA A CB    1 
ATOM   733  N N     . VAL A 1 102 ? -9.250  6.726   -5.763  1.00 38.51 ? 101 VAL A N     1 
ATOM   734  C CA    . VAL A 1 102 ? -8.873  5.318   -5.621  1.00 39.67 ? 101 VAL A CA    1 
ATOM   735  C C     . VAL A 1 102 ? -10.027 4.400   -6.010  1.00 36.54 ? 101 VAL A C     1 
ATOM   736  O O     . VAL A 1 102 ? -9.860  3.477   -6.814  1.00 37.91 ? 101 VAL A O     1 
ATOM   737  C CB    . VAL A 1 102 ? -8.379  5.027   -4.190  1.00 37.09 ? 101 VAL A CB    1 
ATOM   738  C CG1   . VAL A 1 102 ? -8.468  3.540   -3.897  1.00 39.44 ? 101 VAL A CG1   1 
ATOM   739  C CG2   . VAL A 1 102 ? -6.933  5.438   -4.040  1.00 40.32 ? 101 VAL A CG2   1 
ATOM   740  N N     . ALA A 1 103 ? -11.218 4.633   -5.455  1.00 33.54 ? 102 ALA A N     1 
ATOM   741  C CA    . ALA A 1 103 ? -12.331 3.743   -5.780  1.00 37.08 ? 102 ALA A CA    1 
ATOM   742  C C     . ALA A 1 103 ? -12.720 3.847   -7.256  1.00 38.15 ? 102 ALA A C     1 
ATOM   743  O O     . ALA A 1 103 ? -13.168 2.858   -7.849  1.00 39.30 ? 102 ALA A O     1 
ATOM   744  C CB    . ALA A 1 103 ? -13.525 4.022   -4.862  1.00 31.13 ? 102 ALA A CB    1 
ATOM   745  N N     . ALA A 1 104 ? -12.528 5.013   -7.877  1.00 35.27 ? 103 ALA A N     1 
ATOM   746  C CA    . ALA A 1 104 ? -12.759 5.122   -9.315  1.00 35.20 ? 103 ALA A CA    1 
ATOM   747  C C     . ALA A 1 104 ? -11.746 4.294   -10.109 1.00 38.80 ? 103 ALA A C     1 
ATOM   748  O O     . ALA A 1 104 ? -12.118 3.558   -11.027 1.00 42.78 ? 103 ALA A O     1 
ATOM   749  C CB    . ALA A 1 104 ? -12.713 6.588   -9.738  1.00 40.42 ? 103 ALA A CB    1 
ATOM   750  N N     . VAL A 1 105 ? -10.460 4.389   -9.756  1.00 35.71 ? 104 VAL A N     1 
ATOM   751  C CA    . VAL A 1 105 ? -9.420  3.622   -10.445 1.00 32.85 ? 104 VAL A CA    1 
ATOM   752  C C     . VAL A 1 105 ? -9.656  2.118   -10.297 1.00 41.60 ? 104 VAL A C     1 
ATOM   753  O O     . VAL A 1 105 ? -9.604  1.370   -11.281 1.00 42.95 ? 104 VAL A O     1 
ATOM   754  C CB    . VAL A 1 105 ? -8.028  4.016   -9.916  1.00 33.76 ? 104 VAL A CB    1 
ATOM   755  C CG1   . VAL A 1 105 ? -6.959  3.187   -10.579 1.00 33.27 ? 104 VAL A CG1   1 
ATOM   756  C CG2   . VAL A 1 105 ? -7.763  5.512   -10.099 1.00 36.76 ? 104 VAL A CG2   1 
ATOM   757  N N     . VAL A 1 106 ? -9.871  1.648   -9.054  1.00 38.14 ? 105 VAL A N     1 
ATOM   758  C CA    . VAL A 1 106 ? -10.077 0.218   -8.809  1.00 35.83 ? 105 VAL A CA    1 
ATOM   759  C C     . VAL A 1 106 ? -11.292 -0.274  -9.577  1.00 36.00 ? 105 VAL A C     1 
ATOM   760  O O     . VAL A 1 106 ? -11.294 -1.382  -10.127 1.00 38.13 ? 105 VAL A O     1 
ATOM   761  C CB    . VAL A 1 106 ? -10.221 -0.071  -7.292  1.00 40.18 ? 105 VAL A CB    1 
ATOM   762  C CG1   . VAL A 1 106 ? -10.849 -1.441  -7.044  1.00 31.33 ? 105 VAL A CG1   1 
ATOM   763  C CG2   . VAL A 1 106 ? -8.886  -0.011  -6.581  1.00 35.89 ? 105 VAL A CG2   1 
ATOM   764  N N     . ALA A 1 107 ? -12.346 0.541   -9.616  1.00 36.87 ? 106 ALA A N     1 
ATOM   765  C CA    . ALA A 1 107 ? -13.547 0.192   -10.365 1.00 41.55 ? 106 ALA A CA    1 
ATOM   766  C C     . ALA A 1 107 ? -13.251 -0.013  -11.849 1.00 41.76 ? 106 ALA A C     1 
ATOM   767  O O     . ALA A 1 107 ? -13.761 -0.956  -12.463 1.00 40.78 ? 106 ALA A O     1 
ATOM   768  C CB    . ALA A 1 107 ? -14.604 1.281   -10.185 1.00 38.77 ? 106 ALA A CB    1 
ATOM   769  N N     . ALA A 1 108 ? -12.433 0.865   -12.439 1.00 37.75 ? 107 ALA A N     1 
ATOM   770  C CA    . ALA A 1 108 ? -12.123 0.818   -13.867 1.00 40.41 ? 107 ALA A CA    1 
ATOM   771  C C     . ALA A 1 108 ? -11.382 -0.448  -14.287 1.00 44.84 ? 107 ALA A C     1 
ATOM   772  O O     . ALA A 1 108 ? -11.236 -0.680  -15.492 1.00 43.61 ? 107 ALA A O     1 
ATOM   773  C CB    . ALA A 1 108 ? -11.293 2.041   -14.261 1.00 36.96 ? 107 ALA A CB    1 
ATOM   774  N N     . GLY A 1 109 ? -10.885 -1.248  -13.338 1.00 38.43 ? 108 GLY A N     1 
ATOM   775  C CA    . GLY A 1 109 ? -10.294 -2.532  -13.670 1.00 43.07 ? 108 GLY A CA    1 
ATOM   776  C C     . GLY A 1 109 ? -8.872  -2.437  -14.193 1.00 42.93 ? 108 GLY A C     1 
ATOM   777  O O     . GLY A 1 109 ? -8.206  -1.402  -14.113 1.00 42.42 ? 108 GLY A O     1 
ATOM   778  N N     . THR A 1 110 ? -8.406  -3.561  -14.735 1.00 44.34 ? 109 THR A N     1 
ATOM   779  C CA    . THR A 1 110 ? -7.086  -3.676  -15.348 1.00 43.42 ? 109 THR A CA    1 
ATOM   780  C C     . THR A 1 110 ? -6.966  -5.051  -15.994 1.00 50.80 ? 109 THR A C     1 
ATOM   781  O O     . THR A 1 110 ? -7.707  -5.981  -15.654 1.00 53.08 ? 109 THR A O     1 
ATOM   782  C CB    . THR A 1 110 ? -5.949  -3.482  -14.336 1.00 41.66 ? 109 THR A CB    1 
ATOM   783  O OG1   . THR A 1 110 ? -4.694  -3.612  -15.011 1.00 43.53 ? 109 THR A OG1   1 
ATOM   784  C CG2   . THR A 1 110 ? -6.018  -4.536  -13.235 1.00 45.09 ? 109 THR A CG2   1 
ATOM   785  N N     . THR A 1 111 ? -5.997  -5.172  -16.910 1.00 47.25 ? 110 THR A N     1 
ATOM   786  C CA    . THR A 1 111 ? -5.705  -6.428  -17.601 1.00 54.15 ? 110 THR A CA    1 
ATOM   787  C C     . THR A 1 111 ? -4.499  -7.169  -17.022 1.00 48.40 ? 110 THR A C     1 
ATOM   788  O O     . THR A 1 111 ? -4.185  -8.269  -17.487 1.00 53.82 ? 110 THR A O     1 
ATOM   789  C CB    . THR A 1 111 ? -5.477  -6.190  -19.114 1.00 58.54 ? 110 THR A CB    1 
ATOM   790  O OG1   . THR A 1 111 ? -4.429  -5.225  -19.322 1.00 51.82 ? 110 THR A OG1   1 
ATOM   791  C CG2   . THR A 1 111 ? -6.759  -5.719  -19.804 1.00 55.22 ? 110 THR A CG2   1 
ATOM   792  N N     . SER A 1 112 ? -3.820  -6.605  -16.035 1.00 48.37 ? 111 SER A N     1 
ATOM   793  C CA    . SER A 1 112 ? -2.631  -7.239  -15.473 1.00 52.40 ? 111 SER A CA    1 
ATOM   794  C C     . SER A 1 112 ? -2.672  -7.209  -13.948 1.00 47.57 ? 111 SER A C     1 
ATOM   795  O O     . SER A 1 112 ? -2.600  -6.124  -13.359 1.00 46.79 ? 111 SER A O     1 
ATOM   796  C CB    . SER A 1 112 ? -1.372  -6.536  -15.985 1.00 59.26 ? 111 SER A CB    1 
ATOM   797  O OG    . SER A 1 112 ? -0.200  -7.096  -15.420 1.00 63.07 ? 111 SER A OG    1 
ATOM   798  N N     . PRO A 1 113 ? -2.770  -8.364  -13.282 1.00 47.39 ? 112 PRO A N     1 
ATOM   799  C CA    . PRO A 1 113 ? -2.849  -8.379  -11.809 1.00 44.73 ? 112 PRO A CA    1 
ATOM   800  C C     . PRO A 1 113 ? -1.545  -7.955  -11.158 1.00 44.47 ? 112 PRO A C     1 
ATOM   801  O O     . PRO A 1 113 ? -0.459  -8.097  -11.718 1.00 49.42 ? 112 PRO A O     1 
ATOM   802  C CB    . PRO A 1 113 ? -3.158  -9.847  -11.462 1.00 41.95 ? 112 PRO A CB    1 
ATOM   803  C CG    . PRO A 1 113 ? -3.451  -10.530 -12.761 1.00 52.95 ? 112 PRO A CG    1 
ATOM   804  C CD    . PRO A 1 113 ? -2.822  -9.716  -13.860 1.00 46.82 ? 112 PRO A CD    1 
ATOM   805  N N     . VAL A 1 114 ? -1.656  -7.467  -9.931  1.00 44.61 ? 113 VAL A N     1 
ATOM   806  C CA    . VAL A 1 114 ? -0.495  -7.208  -9.111  1.00 38.87 ? 113 VAL A CA    1 
ATOM   807  C C     . VAL A 1 114 ? -0.330  -8.334  -8.103  1.00 45.93 ? 113 VAL A C     1 
ATOM   808  O O     . VAL A 1 114 ? -1.176  -9.220  -7.969  1.00 42.57 ? 113 VAL A O     1 
ATOM   809  C CB    . VAL A 1 114 ? -0.574  -5.828  -8.422  1.00 41.49 ? 113 VAL A CB    1 
ATOM   810  C CG1   . VAL A 1 114 ? -0.827  -4.731  -9.479  1.00 38.28 ? 113 VAL A CG1   1 
ATOM   811  C CG2   . VAL A 1 114 ? -1.644  -5.815  -7.361  1.00 36.27 ? 113 VAL A CG2   1 
ATOM   812  N N     . ASP A 1 115 ? 0.792   -8.315  -7.381  1.00 45.57 ? 114 ASP A N     1 
ATOM   813  C CA    . ASP A 1 115 ? 1.100   -9.316  -6.376  1.00 42.85 ? 114 ASP A CA    1 
ATOM   814  C C     . ASP A 1 115 ? 0.970   -8.801  -4.951  1.00 43.66 ? 114 ASP A C     1 
ATOM   815  O O     . ASP A 1 115 ? 0.848   -9.611  -4.031  1.00 44.07 ? 114 ASP A O     1 
ATOM   816  C CB    . ASP A 1 115 ? 2.522   -9.857  -6.603  1.00 44.06 ? 114 ASP A CB    1 
ATOM   817  C CG    . ASP A 1 115 ? 2.754   -10.289 -8.060  1.00 54.17 ? 114 ASP A CG    1 
ATOM   818  O OD1   . ASP A 1 115 ? 2.218   -11.347 -8.467  1.00 55.88 ? 114 ASP A OD1   1 
ATOM   819  O OD2   . ASP A 1 115 ? 3.451   -9.555  -8.808  1.00 48.92 ? 114 ASP A OD2   1 
ATOM   820  N N     . LEU A 1 116 ? 0.955   -7.486  -4.748  1.00 43.55 ? 115 LEU A N     1 
ATOM   821  C CA    . LEU A 1 116 ? 0.803   -6.912  -3.412  1.00 36.59 ? 115 LEU A CA    1 
ATOM   822  C C     . LEU A 1 116 ? 0.039   -5.598  -3.512  1.00 40.55 ? 115 LEU A C     1 
ATOM   823  O O     . LEU A 1 116 ? 0.451   -4.691  -4.248  1.00 38.93 ? 115 LEU A O     1 
ATOM   824  C CB    . LEU A 1 116 ? 2.160   -6.685  -2.759  1.00 33.15 ? 115 LEU A CB    1 
ATOM   825  C CG    . LEU A 1 116 ? 2.139   -5.935  -1.427  1.00 43.91 ? 115 LEU A CG    1 
ATOM   826  C CD1   . LEU A 1 116 ? 1.613   -6.838  -0.299  1.00 35.31 ? 115 LEU A CD1   1 
ATOM   827  C CD2   . LEU A 1 116 ? 3.534   -5.373  -1.097  1.00 39.69 ? 115 LEU A CD2   1 
ATOM   828  N N     . VAL A 1 117 ? -1.056  -5.500  -2.762  1.00 38.37 ? 116 VAL A N     1 
ATOM   829  C CA    . VAL A 1 117 ? -1.890  -4.305  -2.680  1.00 35.38 ? 116 VAL A CA    1 
ATOM   830  C C     . VAL A 1 117 ? -1.672  -3.664  -1.318  1.00 36.96 ? 116 VAL A C     1 
ATOM   831  O O     . VAL A 1 117 ? -1.938  -4.290  -0.285  1.00 41.59 ? 116 VAL A O     1 
ATOM   832  C CB    . VAL A 1 117 ? -3.374  -4.639  -2.882  1.00 33.06 ? 116 VAL A CB    1 
ATOM   833  C CG1   . VAL A 1 117 ? -4.187  -3.371  -2.917  1.00 35.84 ? 116 VAL A CG1   1 
ATOM   834  C CG2   . VAL A 1 117 ? -3.576  -5.453  -4.145  1.00 35.87 ? 116 VAL A CG2   1 
ATOM   835  N N     . LEU A 1 118 ? -1.216  -2.418  -1.307  1.00 37.05 ? 117 LEU A N     1 
ATOM   836  C CA    . LEU A 1 118 ? -1.031  -1.642  -0.085  1.00 32.73 ? 117 LEU A CA    1 
ATOM   837  C C     . LEU A 1 118 ? -2.069  -0.527  -0.028  1.00 36.70 ? 117 LEU A C     1 
ATOM   838  O O     . LEU A 1 118 ? -2.247  0.206   -1.004  1.00 42.45 ? 117 LEU A O     1 
ATOM   839  C CB    . LEU A 1 118 ? 0.380   -1.059  -0.025  1.00 38.09 ? 117 LEU A CB    1 
ATOM   840  C CG    . LEU A 1 118 ? 1.542   -2.044  -0.153  1.00 38.88 ? 117 LEU A CG    1 
ATOM   841  C CD1   . LEU A 1 118 ? 2.874   -1.312  -0.237  1.00 35.43 ? 117 LEU A CD1   1 
ATOM   842  C CD2   . LEU A 1 118 ? 1.540   -3.032  1.022   1.00 35.65 ? 117 LEU A CD2   1 
ATOM   843  N N     . ALA A 1 119 ? -2.749  -0.387  1.111   1.00 40.89 ? 118 ALA A N     1 
ATOM   844  C CA    . ALA A 1 119 ? -3.827  0.590   1.233   1.00 37.00 ? 118 ALA A CA    1 
ATOM   845  C C     . ALA A 1 119 ? -3.766  1.269   2.588   1.00 41.61 ? 118 ALA A C     1 
ATOM   846  O O     . ALA A 1 119 ? -3.698  0.590   3.614   1.00 46.43 ? 118 ALA A O     1 
ATOM   847  C CB    . ALA A 1 119 ? -5.192  -0.077  1.055   1.00 33.00 ? 118 ALA A CB    1 
ATOM   848  N N     . ASP A 1 120 ? -3.821  2.600   2.601   1.00 42.22 ? 119 ASP A N     1 
ATOM   849  C CA    . ASP A 1 120 ? -3.871  3.381   3.838   1.00 45.22 ? 119 ASP A CA    1 
ATOM   850  C C     . ASP A 1 120 ? -5.014  4.387   3.771   1.00 44.31 ? 119 ASP A C     1 
ATOM   851  O O     . ASP A 1 120 ? -4.790  5.600   3.702   1.00 50.79 ? 119 ASP A O     1 
ATOM   852  C CB    . ASP A 1 120 ? -2.546  4.096   4.099   1.00 45.14 ? 119 ASP A CB    1 
ATOM   853  C CG    . ASP A 1 120 ? -2.539  4.834   5.426   1.00 51.55 ? 119 ASP A CG    1 
ATOM   854  O OD1   . ASP A 1 120 ? -3.418  4.558   6.280   1.00 50.54 ? 119 ASP A OD1   1 
ATOM   855  O OD2   . ASP A 1 120 ? -1.658  5.698   5.615   1.00 56.40 ? 119 ASP A OD2   1 
ATOM   856  N N     . PRO A 1 121 ? -6.255  3.917   3.816   1.00 42.99 ? 120 PRO A N     1 
ATOM   857  C CA    . PRO A 1 121 ? -7.395  4.812   3.585   1.00 49.64 ? 120 PRO A CA    1 
ATOM   858  C C     . PRO A 1 121 ? -7.519  5.852   4.683   1.00 52.42 ? 120 PRO A C     1 
ATOM   859  O O     . PRO A 1 121 ? -7.467  5.520   5.878   1.00 53.33 ? 120 PRO A O     1 
ATOM   860  C CB    . PRO A 1 121 ? -8.600  3.859   3.586   1.00 46.40 ? 120 PRO A CB    1 
ATOM   861  C CG    . PRO A 1 121 ? -8.029  2.527   3.315   1.00 46.63 ? 120 PRO A CG    1 
ATOM   862  C CD    . PRO A 1 121 ? -6.683  2.522   3.967   1.00 42.66 ? 120 PRO A CD    1 
ATOM   863  N N     . PRO A 1 122 ? -7.706  7.120   4.310   1.00 50.75 ? 121 PRO A N     1 
ATOM   864  C CA    . PRO A 1 122 ? -7.909  8.179   5.311   1.00 50.70 ? 121 PRO A CA    1 
ATOM   865  C C     . PRO A 1 122 ? -9.186  7.948   6.110   1.00 56.95 ? 121 PRO A C     1 
ATOM   866  O O     . PRO A 1 122 ? -10.010 7.087   5.791   1.00 54.40 ? 121 PRO A O     1 
ATOM   867  C CB    . PRO A 1 122 ? -7.989  9.450   4.464   1.00 57.57 ? 121 PRO A CB    1 
ATOM   868  C CG    . PRO A 1 122 ? -8.504  8.964   3.119   1.00 51.50 ? 121 PRO A CG    1 
ATOM   869  C CD    . PRO A 1 122 ? -7.900  7.597   2.927   1.00 48.20 ? 121 PRO A CD    1 
ATOM   870  N N     . TYR A 1 123 ? -9.345  8.733   7.182   1.00 59.24 ? 122 TYR A N     1 
ATOM   871  C CA    . TYR A 1 123 ? -10.404 8.456   8.149   1.00 57.45 ? 122 TYR A CA    1 
ATOM   872  C C     . TYR A 1 123 ? -11.788 8.845   7.651   1.00 56.59 ? 122 TYR A C     1 
ATOM   873  O O     . TYR A 1 123 ? -12.782 8.364   8.208   1.00 56.95 ? 122 TYR A O     1 
ATOM   874  C CB    . TYR A 1 123 ? -10.125 9.164   9.475   1.00 57.74 ? 122 TYR A CB    1 
ATOM   875  C CG    . TYR A 1 123 ? -10.181 10.669  9.387   0.00 57.16 ? 122 TYR A CG    1 
ATOM   876  C CD1   . TYR A 1 123 ? -11.363 11.355  9.631   0.00 56.99 ? 122 TYR A CD1   1 
ATOM   877  C CD2   . TYR A 1 123 ? -9.051  11.404  9.060   0.00 57.40 ? 122 TYR A CD2   1 
ATOM   878  C CE1   . TYR A 1 123 ? -11.418 12.732  9.549   0.00 57.12 ? 122 TYR A CE1   1 
ATOM   879  C CE2   . TYR A 1 123 ? -9.096  12.781  8.977   0.00 57.55 ? 122 TYR A CE2   1 
ATOM   880  C CZ    . TYR A 1 123 ? -10.282 13.439  9.222   0.00 57.56 ? 122 TYR A CZ    1 
ATOM   881  O OH    . TYR A 1 123 ? -10.330 14.811  9.139   0.00 57.99 ? 122 TYR A OH    1 
ATOM   882  N N     . ASN A 1 124 ? -11.879 9.701   6.631   1.00 50.16 ? 123 ASN A N     1 
ATOM   883  C CA    . ASN A 1 124 ? -13.179 10.030  6.059   1.00 52.37 ? 123 ASN A CA    1 
ATOM   884  C C     . ASN A 1 124 ? -13.790 8.855   5.312   1.00 55.71 ? 123 ASN A C     1 
ATOM   885  O O     . ASN A 1 124 ? -15.009 8.837   5.101   1.00 62.20 ? 123 ASN A O     1 
ATOM   886  C CB    . ASN A 1 124 ? -13.063 11.221  5.112   1.00 53.41 ? 123 ASN A CB    1 
ATOM   887  C CG    . ASN A 1 124 ? -11.978 11.029  4.085   1.00 60.68 ? 123 ASN A CG    1 
ATOM   888  O OD1   . ASN A 1 124 ? -10.939 10.450  4.389   1.00 62.20 ? 123 ASN A OD1   1 
ATOM   889  N ND2   . ASN A 1 124 ? -12.209 11.501  2.856   1.00 62.09 ? 123 ASN A ND2   1 
ATOM   890  N N     . VAL A 1 125 ? -12.976 7.885   4.906   1.00 55.36 ? 124 VAL A N     1 
ATOM   891  C CA    . VAL A 1 125 ? -13.461 6.703   4.200   1.00 50.78 ? 124 VAL A CA    1 
ATOM   892  C C     . VAL A 1 125 ? -14.033 5.715   5.211   1.00 53.91 ? 124 VAL A C     1 
ATOM   893  O O     . VAL A 1 125 ? -13.377 5.379   6.203   1.00 58.74 ? 124 VAL A O     1 
ATOM   894  C CB    . VAL A 1 125 ? -12.328 6.070   3.382   1.00 52.55 ? 124 VAL A CB    1 
ATOM   895  C CG1   . VAL A 1 125 ? -12.747 4.722   2.863   1.00 46.53 ? 124 VAL A CG1   1 
ATOM   896  C CG2   . VAL A 1 125 ? -11.906 7.006   2.229   1.00 44.86 ? 124 VAL A CG2   1 
ATOM   897  N N     . ASP A 1 126 ? -15.261 5.251   4.969   1.00 51.40 ? 125 ASP A N     1 
ATOM   898  C CA    . ASP A 1 126 ? -15.880 4.258   5.840   1.00 54.31 ? 125 ASP A CA    1 
ATOM   899  C C     . ASP A 1 126 ? -15.358 2.856   5.532   1.00 54.07 ? 125 ASP A C     1 
ATOM   900  O O     . ASP A 1 126 ? -14.998 2.535   4.391   1.00 49.22 ? 125 ASP A O     1 
ATOM   901  C CB    . ASP A 1 126 ? -17.404 4.275   5.703   1.00 58.31 ? 125 ASP A CB    1 
ATOM   902  C CG    . ASP A 1 126 ? -18.022 5.593   6.148   1.00 66.64 ? 125 ASP A CG    1 
ATOM   903  O OD1   . ASP A 1 126 ? -17.417 6.286   6.998   1.00 65.74 ? 125 ASP A OD1   1 
ATOM   904  O OD2   . ASP A 1 126 ? -19.116 5.934   5.643   1.00 66.80 ? 125 ASP A OD2   1 
ATOM   905  N N     . SER A 1 127 ? -15.333 2.013   6.570   1.00 42.99 ? 126 SER A N     1 
ATOM   906  C CA    . SER A 1 127 ? -14.791 0.670   6.416   1.00 42.00 ? 126 SER A CA    1 
ATOM   907  C C     . SER A 1 127 ? -15.629 -0.175  5.466   1.00 43.08 ? 126 SER A C     1 
ATOM   908  O O     . SER A 1 127 ? -15.087 -1.019  4.744   1.00 43.53 ? 126 SER A O     1 
ATOM   909  C CB    . SER A 1 127 ? -14.685 -0.013  7.778   1.00 49.30 ? 126 SER A CB    1 
ATOM   910  O OG    . SER A 1 127 ? -13.777 0.673   8.621   1.00 52.64 ? 126 SER A OG    1 
ATOM   911  N N     . ALA A 1 128 ? -16.949 0.013   5.459   1.00 39.19 ? 127 ALA A N     1 
ATOM   912  C CA    . ALA A 1 128 ? -17.782 -0.782  4.563   1.00 39.09 ? 127 ALA A CA    1 
ATOM   913  C C     . ALA A 1 128 ? -17.538 -0.418  3.103   1.00 46.05 ? 127 ALA A C     1 
ATOM   914  O O     . ALA A 1 128 ? -17.739 -1.251  2.211   1.00 43.44 ? 127 ALA A O     1 
ATOM   915  C CB    . ALA A 1 128 ? -19.250 -0.596  4.913   1.00 40.23 ? 127 ALA A CB    1 
ATOM   916  N N     . ASP A 1 129 ? -17.116 0.818   2.841   1.00 40.67 ? 128 ASP A N     1 
ATOM   917  C CA    . ASP A 1 129 ? -16.698 1.185   1.497   1.00 40.68 ? 128 ASP A CA    1 
ATOM   918  C C     . ASP A 1 129 ? -15.334 0.585   1.165   1.00 40.30 ? 128 ASP A C     1 
ATOM   919  O O     . ASP A 1 129 ? -15.102 0.162   0.027   1.00 36.94 ? 128 ASP A O     1 
ATOM   920  C CB    . ASP A 1 129 ? -16.704 2.710   1.354   1.00 45.04 ? 128 ASP A CB    1 
ATOM   921  C CG    . ASP A 1 129 ? -18.133 3.300   1.325   1.00 53.20 ? 128 ASP A CG    1 
ATOM   922  O OD1   . ASP A 1 129 ? -18.961 2.842   0.494   1.00 50.69 ? 128 ASP A OD1   1 
ATOM   923  O OD2   . ASP A 1 129 ? -18.433 4.219   2.132   1.00 50.95 ? 128 ASP A OD2   1 
ATOM   924  N N     . VAL A 1 130 ? -14.431 0.508   2.151   1.00 42.15 ? 129 VAL A N     1 
ATOM   925  C CA    . VAL A 1 130 ? -13.191 -0.243  1.955   1.00 41.12 ? 129 VAL A CA    1 
ATOM   926  C C     . VAL A 1 130 ? -13.502 -1.710  1.694   1.00 41.99 ? 129 VAL A C     1 
ATOM   927  O O     . VAL A 1 130 ? -12.804 -2.382  0.928   1.00 42.58 ? 129 VAL A O     1 
ATOM   928  C CB    . VAL A 1 130 ? -12.252 -0.080  3.165   1.00 37.13 ? 129 VAL A CB    1 
ATOM   929  C CG1   . VAL A 1 130 ? -10.956 -0.848  2.936   1.00 36.78 ? 129 VAL A CG1   1 
ATOM   930  C CG2   . VAL A 1 130 ? -11.964 1.364   3.417   1.00 42.42 ? 129 VAL A CG2   1 
ATOM   931  N N     . ASP A 1 131 ? -14.544 -2.236  2.341   1.00 42.13 ? 130 ASP A N     1 
ATOM   932  C CA    . ASP A 1 131 ? -14.958 -3.600  2.048   1.00 41.95 ? 130 ASP A CA    1 
ATOM   933  C C     . ASP A 1 131 ? -15.265 -3.754  0.563   1.00 41.59 ? 130 ASP A C     1 
ATOM   934  O O     . ASP A 1 131 ? -14.859 -4.739  -0.065  1.00 39.08 ? 130 ASP A O     1 
ATOM   935  C CB    . ASP A 1 131 ? -16.165 -3.984  2.908   1.00 43.33 ? 130 ASP A CB    1 
ATOM   936  C CG    . ASP A 1 131 ? -15.810 -4.106  4.398   1.00 54.21 ? 130 ASP A CG    1 
ATOM   937  O OD1   . ASP A 1 131 ? -16.717 -4.101  5.269   1.00 52.56 ? 130 ASP A OD1   1 
ATOM   938  O OD2   . ASP A 1 131 ? -14.604 -4.197  4.704   1.00 57.96 ? 130 ASP A OD2   1 
ATOM   939  N N     . ALA A 1 132 ? -15.927 -2.755  -0.025  1.00 41.15 ? 131 ALA A N     1 
ATOM   940  C CA    . ALA A 1 132 ? -16.278 -2.818  -1.438  1.00 40.49 ? 131 ALA A CA    1 
ATOM   941  C C     . ALA A 1 132 ? -15.045 -2.772  -2.335  1.00 37.29 ? 131 ALA A C     1 
ATOM   942  O O     . ALA A 1 132 ? -15.016 -3.442  -3.369  1.00 38.71 ? 131 ALA A O     1 
ATOM   943  C CB    . ALA A 1 132 ? -17.243 -1.684  -1.782  1.00 38.52 ? 131 ALA A CB    1 
ATOM   944  N N     . ILE A 1 133 ? -14.022 -2.003  -1.955  1.00 36.00 ? 132 ILE A N     1 
ATOM   945  C CA    . ILE A 1 133 ? -12.793 -1.944  -2.742  1.00 32.83 ? 132 ILE A CA    1 
ATOM   946  C C     . ILE A 1 133 ? -12.082 -3.289  -2.740  1.00 38.54 ? 132 ILE A C     1 
ATOM   947  O O     . ILE A 1 133 ? -11.537 -3.714  -3.768  1.00 41.42 ? 132 ILE A O     1 
ATOM   948  C CB    . ILE A 1 133 ? -11.873 -0.825  -2.216  1.00 39.40 ? 132 ILE A CB    1 
ATOM   949  C CG1   . ILE A 1 133 ? -12.571 0.537   -2.292  1.00 37.76 ? 132 ILE A CG1   1 
ATOM   950  C CG2   . ILE A 1 133 ? -10.566 -0.788  -2.991  1.00 33.84 ? 132 ILE A CG2   1 
ATOM   951  C CD1   . ILE A 1 133 ? -13.321 0.734   -3.552  1.00 39.05 ? 132 ILE A CD1   1 
ATOM   952  N N     . LEU A 1 134 ? -12.052 -3.970  -1.582  1.00 41.24 ? 133 LEU A N     1 
ATOM   953  C CA    . LEU A 1 134 ? -11.427 -5.291  -1.492  1.00 36.85 ? 133 LEU A CA    1 
ATOM   954  C C     . LEU A 1 134 ? -12.146 -6.301  -2.370  1.00 35.70 ? 133 LEU A C     1 
ATOM   955  O O     . LEU A 1 134 ? -11.510 -7.140  -3.014  1.00 34.93 ? 133 LEU A O     1 
ATOM   956  C CB    . LEU A 1 134 ? -11.416 -5.784  -0.046  1.00 39.59 ? 133 LEU A CB    1 
ATOM   957  C CG    . LEU A 1 134 ? -10.649 -4.989  1.004   1.00 41.41 ? 133 LEU A CG    1 
ATOM   958  C CD1   . LEU A 1 134 ? -10.836 -5.633  2.375   1.00 36.69 ? 133 LEU A CD1   1 
ATOM   959  C CD2   . LEU A 1 134 ? -9.185  -4.896  0.633   1.00 36.79 ? 133 LEU A CD2   1 
ATOM   960  N N     . ALA A 1 135 ? -13.478 -6.247  -2.391  1.00 37.12 ? 134 ALA A N     1 
ATOM   961  C CA    . ALA A 1 135 ? -14.245 -7.087  -3.304  1.00 39.69 ? 134 ALA A CA    1 
ATOM   962  C C     . ALA A 1 135 ? -13.881 -6.792  -4.757  1.00 43.31 ? 134 ALA A C     1 
ATOM   963  O O     . ALA A 1 135 ? -13.661 -7.708  -5.561  1.00 42.59 ? 134 ALA A O     1 
ATOM   964  C CB    . ALA A 1 135 ? -15.741 -6.869  -3.063  1.00 38.85 ? 134 ALA A CB    1 
ATOM   965  N N     . ALA A 1 136 ? -13.793 -5.505  -5.102  1.00 42.25 ? 135 ALA A N     1 
ATOM   966  C CA    . ALA A 1 136 ? -13.464 -5.114  -6.467  1.00 38.71 ? 135 ALA A CA    1 
ATOM   967  C C     . ALA A 1 136 ? -12.055 -5.556  -6.858  1.00 41.45 ? 135 ALA A C     1 
ATOM   968  O O     . ALA A 1 136 ? -11.800 -5.888  -8.020  1.00 42.27 ? 135 ALA A O     1 
ATOM   969  C CB    . ALA A 1 136 ? -13.620 -3.600  -6.607  1.00 41.37 ? 135 ALA A CB    1 
ATOM   970  N N     . LEU A 1 137 ? -11.120 -5.555  -5.907  1.00 40.55 ? 136 LEU A N     1 
ATOM   971  C CA    . LEU A 1 137 ? -9.777  -6.049  -6.207  1.00 42.91 ? 136 LEU A CA    1 
ATOM   972  C C     . LEU A 1 137 ? -9.819  -7.460  -6.779  1.00 44.04 ? 136 LEU A C     1 
ATOM   973  O O     . LEU A 1 137 ? -9.011  -7.814  -7.641  1.00 40.50 ? 136 LEU A O     1 
ATOM   974  C CB    . LEU A 1 137 ? -8.908  -6.022  -4.951  1.00 40.50 ? 136 LEU A CB    1 
ATOM   975  C CG    . LEU A 1 137 ? -8.457  -4.652  -4.470  1.00 39.71 ? 136 LEU A CG    1 
ATOM   976  C CD1   . LEU A 1 137 ? -7.665  -4.807  -3.176  1.00 38.33 ? 136 LEU A CD1   1 
ATOM   977  C CD2   . LEU A 1 137 ? -7.615  -4.004  -5.537  1.00 32.83 ? 136 LEU A CD2   1 
ATOM   978  N N     . GLY A 1 138 ? -10.765 -8.273  -6.321  1.00 43.93 ? 137 GLY A N     1 
ATOM   979  C CA    . GLY A 1 138 ? -10.813 -9.656  -6.741  1.00 48.83 ? 137 GLY A CA    1 
ATOM   980  C C     . GLY A 1 138 ? -11.421 -9.894  -8.111  1.00 43.13 ? 137 GLY A C     1 
ATOM   981  O O     . GLY A 1 138 ? -10.944 -10.749 -8.862  1.00 46.15 ? 137 GLY A O     1 
ATOM   982  N N     . THR A 1 139 ? -12.479 -9.160  -8.446  1.00 44.18 ? 138 THR A N     1 
ATOM   983  C CA    . THR A 1 139 ? -13.190 -9.390  -9.698  1.00 42.42 ? 138 THR A CA    1 
ATOM   984  C C     . THR A 1 139 ? -12.668 -8.553  -10.862 1.00 49.39 ? 138 THR A C     1 
ATOM   985  O O     . THR A 1 139 ? -12.820 -8.953  -12.024 1.00 52.54 ? 138 THR A O     1 
ATOM   986  C CB    . THR A 1 139 ? -14.679 -9.099  -9.506  1.00 43.90 ? 138 THR A CB    1 
ATOM   987  O OG1   . THR A 1 139 ? -14.836 -7.803  -8.918  1.00 44.86 ? 138 THR A OG1   1 
ATOM   988  C CG2   . THR A 1 139 ? -15.315 -10.143 -8.602  1.00 41.03 ? 138 THR A CG2   1 
ATOM   989  N N     . ASN A 1 140 ? -12.070 -7.396  -10.588 1.00 45.29 ? 139 ASN A N     1 
ATOM   990  C CA    . ASN A 1 140 ? -11.763 -6.429  -11.630 1.00 41.44 ? 139 ASN A CA    1 
ATOM   991  C C     . ASN A 1 140 ? -10.360 -6.579  -12.182 1.00 42.10 ? 139 ASN A C     1 
ATOM   992  O O     . ASN A 1 140 ? -9.855  -5.642  -12.803 1.00 44.27 ? 139 ASN A O     1 
ATOM   993  C CB    . ASN A 1 140 ? -11.968 -5.012  -11.106 1.00 37.22 ? 139 ASN A CB    1 
ATOM   994  C CG    . ASN A 1 140 ? -13.411 -4.733  -10.796 1.00 41.97 ? 139 ASN A CG    1 
ATOM   995  O OD1   . ASN A 1 140 ? -14.259 -5.623  -10.896 1.00 43.13 ? 139 ASN A OD1   1 
ATOM   996  N ND2   . ASN A 1 140 ? -13.708 -3.500  -10.415 1.00 40.17 ? 139 ASN A ND2   1 
ATOM   997  N N     . GLY A 1 141 ? -9.715  -7.719  -11.955 1.00 44.70 ? 140 GLY A N     1 
ATOM   998  C CA    . GLY A 1 141 ? -8.451  -8.021  -12.587 1.00 39.21 ? 140 GLY A CA    1 
ATOM   999  C C     . GLY A 1 141 ? -7.209  -7.665  -11.801 1.00 42.20 ? 140 GLY A C     1 
ATOM   1000 O O     . GLY A 1 141 ? -6.103  -7.939  -12.283 1.00 42.46 ? 140 GLY A O     1 
ATOM   1001 N N     . TRP A 1 142 ? -7.342  -7.082  -10.604 1.00 42.82 ? 141 TRP A N     1 
ATOM   1002 C CA    . TRP A 1 142 ? -6.164  -6.637  -9.857  1.00 41.07 ? 141 TRP A CA    1 
ATOM   1003 C C     . TRP A 1 142 ? -5.443  -7.772  -9.140  1.00 42.31 ? 141 TRP A C     1 
ATOM   1004 O O     . TRP A 1 142 ? -4.228  -7.684  -8.918  1.00 42.37 ? 141 TRP A O     1 
ATOM   1005 C CB    . TRP A 1 142 ? -6.556  -5.576  -8.832  1.00 37.12 ? 141 TRP A CB    1 
ATOM   1006 C CG    . TRP A 1 142 ? -7.182  -4.376  -9.431  1.00 41.94 ? 141 TRP A CG    1 
ATOM   1007 C CD1   . TRP A 1 142 ? -8.516  -4.109  -9.541  1.00 41.12 ? 141 TRP A CD1   1 
ATOM   1008 C CD2   . TRP A 1 142 ? -6.497  -3.268  -10.022 1.00 34.95 ? 141 TRP A CD2   1 
ATOM   1009 N NE1   . TRP A 1 142 ? -8.702  -2.888  -10.164 1.00 37.42 ? 141 TRP A NE1   1 
ATOM   1010 C CE2   . TRP A 1 142 ? -7.475  -2.357  -10.460 1.00 34.14 ? 141 TRP A CE2   1 
ATOM   1011 C CE3   . TRP A 1 142 ? -5.149  -2.954  -10.212 1.00 37.61 ? 141 TRP A CE3   1 
ATOM   1012 C CZ2   . TRP A 1 142 ? -7.148  -1.162  -11.079 1.00 41.59 ? 141 TRP A CZ2   1 
ATOM   1013 C CZ3   . TRP A 1 142 ? -4.829  -1.773  -10.823 1.00 39.70 ? 141 TRP A CZ3   1 
ATOM   1014 C CH2   . TRP A 1 142 ? -5.820  -0.888  -11.250 1.00 38.06 ? 141 TRP A CH2   1 
ATOM   1015 N N     . THR A 1 143 ? -6.159  -8.817  -8.741  1.00 42.03 ? 142 THR A N     1 
ATOM   1016 C CA    . THR A 1 143 ? -5.573  -9.905  -7.969  1.00 46.19 ? 142 THR A CA    1 
ATOM   1017 C C     . THR A 1 143 ? -5.378  -11.123 -8.856  1.00 43.26 ? 142 THR A C     1 
ATOM   1018 O O     . THR A 1 143 ? -6.072  -11.296 -9.860  1.00 49.19 ? 142 THR A O     1 
ATOM   1019 C CB    . THR A 1 143 ? -6.446  -10.301 -6.770  1.00 43.15 ? 142 THR A CB    1 
ATOM   1020 O OG1   . THR A 1 143 ? -7.659  -10.903 -7.241  1.00 45.91 ? 142 THR A OG1   1 
ATOM   1021 C CG2   . THR A 1 143 ? -6.779  -9.091  -5.912  1.00 41.50 ? 142 THR A CG2   1 
ATOM   1022 N N     . ARG A 1 144 ? -4.398  -11.935 -8.489  1.00 40.46 ? 143 ARG A N     1 
ATOM   1023 C CA    . ARG A 1 144 ? -4.200  -13.283 -8.991  1.00 44.57 ? 143 ARG A CA    1 
ATOM   1024 C C     . ARG A 1 144 ? -4.147  -14.221 -7.792  1.00 48.89 ? 143 ARG A C     1 
ATOM   1025 O O     . ARG A 1 144 ? -4.245  -13.786 -6.645  1.00 44.13 ? 143 ARG A O     1 
ATOM   1026 C CB    . ARG A 1 144 ? -2.911  -13.391 -9.809  1.00 45.00 ? 143 ARG A CB    1 
ATOM   1027 C CG    . ARG A 1 144 ? -1.663  -13.115 -8.975  1.00 46.49 ? 143 ARG A CG    1 
ATOM   1028 C CD    . ARG A 1 144 ? -0.429  -13.716 -9.597  1.00 45.51 ? 143 ARG A CD    1 
ATOM   1029 N NE    . ARG A 1 144 ? -0.338  -13.357 -11.003 1.00 52.94 ? 143 ARG A NE    1 
ATOM   1030 C CZ    . ARG A 1 144 ? 0.153   -12.204 -11.450 1.00 56.73 ? 143 ARG A CZ    1 
ATOM   1031 N NH1   . ARG A 1 144 ? 0.611   -11.284 -10.602 1.00 54.75 ? 143 ARG A NH1   1 
ATOM   1032 N NH2   . ARG A 1 144 ? 0.189   -11.969 -12.751 1.00 55.86 ? 143 ARG A NH2   1 
ATOM   1033 N N     . GLU A 1 145 ? -3.978  -15.511 -8.063  1.00 50.87 ? 144 GLU A N     1 
ATOM   1034 C CA    . GLU A 1 145 ? -3.776  -16.472 -6.991  1.00 51.38 ? 144 GLU A CA    1 
ATOM   1035 C C     . GLU A 1 145 ? -2.496  -16.125 -6.227  1.00 50.07 ? 144 GLU A C     1 
ATOM   1036 O O     . GLU A 1 145 ? -1.430  -15.931 -6.821  1.00 46.03 ? 144 GLU A O     1 
ATOM   1037 C CB    . GLU A 1 145 ? -3.715  -17.892 -7.571  1.00 58.20 ? 144 GLU A CB    1 
ATOM   1038 C CG    . GLU A 1 145 ? -3.949  -19.031 -6.556  1.00 71.87 ? 144 GLU A CG    1 
ATOM   1039 C CD    . GLU A 1 145 ? -4.216  -20.399 -7.212  1.00 77.85 ? 144 GLU A CD    1 
ATOM   1040 O OE1   . GLU A 1 145 ? -3.540  -20.730 -8.211  1.00 73.04 ? 144 GLU A OE1   1 
ATOM   1041 O OE2   . GLU A 1 145 ? -5.103  -21.147 -6.723  1.00 77.91 ? 144 GLU A OE2   1 
ATOM   1042 N N     . GLY A 1 146 ? -2.615  -16.008 -4.904  1.00 42.35 ? 145 GLY A N     1 
ATOM   1043 C CA    . GLY A 1 146 ? -1.486  -15.673 -4.064  1.00 41.15 ? 145 GLY A CA    1 
ATOM   1044 C C     . GLY A 1 146 ? -1.270  -14.196 -3.812  1.00 42.43 ? 145 GLY A C     1 
ATOM   1045 O O     . GLY A 1 146 ? -0.339  -13.843 -3.077  1.00 41.91 ? 145 GLY A O     1 
ATOM   1046 N N     . THR A 1 147 ? -2.097  -13.326 -4.387  1.00 39.62 ? 146 THR A N     1 
ATOM   1047 C CA    . THR A 1 147 ? -1.922  -11.890 -4.209  1.00 43.20 ? 146 THR A CA    1 
ATOM   1048 C C     . THR A 1 147 ? -2.218  -11.495 -2.766  1.00 39.84 ? 146 THR A C     1 
ATOM   1049 O O     . THR A 1 147 ? -3.288  -11.804 -2.237  1.00 38.28 ? 146 THR A O     1 
ATOM   1050 C CB    . THR A 1 147 ? -2.837  -11.121 -5.170  1.00 40.98 ? 146 THR A CB    1 
ATOM   1051 O OG1   . THR A 1 147 ? -2.371  -11.262 -6.514  1.00 38.71 ? 146 THR A OG1   1 
ATOM   1052 C CG2   . THR A 1 147 ? -2.884  -9.654  -4.805  1.00 40.84 ? 146 THR A CG2   1 
ATOM   1053 N N     . VAL A 1 148 ? -1.277  -10.791 -2.140  1.00 40.52 ? 147 VAL A N     1 
ATOM   1054 C CA    . VAL A 1 148 ? -1.412  -10.303 -0.772  1.00 37.01 ? 147 VAL A CA    1 
ATOM   1055 C C     . VAL A 1 148 ? -2.016  -8.904  -0.772  1.00 43.30 ? 147 VAL A C     1 
ATOM   1056 O O     . VAL A 1 148 ? -1.627  -8.046  -1.573  1.00 45.24 ? 147 VAL A O     1 
ATOM   1057 C CB    . VAL A 1 148 ? -0.047  -10.304 -0.071  1.00 40.08 ? 147 VAL A CB    1 
ATOM   1058 C CG1   . VAL A 1 148 ? -0.156  -9.664  1.312   1.00 36.32 ? 147 VAL A CG1   1 
ATOM   1059 C CG2   . VAL A 1 148 ? 0.478   -11.723 0.020   1.00 42.64 ? 147 VAL A CG2   1 
ATOM   1060 N N     . ALA A 1 149 ? -2.977  -8.670  0.119   1.00 39.57 ? 148 ALA A N     1 
ATOM   1061 C CA    . ALA A 1 149 ? -3.522  -7.340  0.366   1.00 35.40 ? 148 ALA A CA    1 
ATOM   1062 C C     . ALA A 1 149 ? -3.271  -6.965  1.819   1.00 39.31 ? 148 ALA A C     1 
ATOM   1063 O O     . ALA A 1 149 ? -3.330  -7.819  2.709   1.00 48.49 ? 148 ALA A O     1 
ATOM   1064 C CB    . ALA A 1 149 ? -5.014  -7.272  0.047   1.00 34.64 ? 148 ALA A CB    1 
ATOM   1065 N N     . VAL A 1 150 ? -2.938  -5.699  2.057   1.00 41.82 ? 149 VAL A N     1 
ATOM   1066 C CA    . VAL A 1 150 ? -2.654  -5.186  3.395   1.00 37.76 ? 149 VAL A CA    1 
ATOM   1067 C C     . VAL A 1 150 ? -3.345  -3.841  3.523   1.00 38.29 ? 149 VAL A C     1 
ATOM   1068 O O     . VAL A 1 150 ? -3.256  -3.004  2.620   1.00 44.61 ? 149 VAL A O     1 
ATOM   1069 C CB    . VAL A 1 150 ? -1.136  -5.038  3.666   1.00 41.68 ? 149 VAL A CB    1 
ATOM   1070 C CG1   . VAL A 1 150 ? -0.857  -4.759  5.155   1.00 38.69 ? 149 VAL A CG1   1 
ATOM   1071 C CG2   . VAL A 1 150 ? -0.369  -6.255  3.180   1.00 41.67 ? 149 VAL A CG2   1 
ATOM   1072 N N     . VAL A 1 151 ? -4.027  -3.626  4.642   1.00 39.33 ? 150 VAL A N     1 
ATOM   1073 C CA    . VAL A 1 151 ? -4.782  -2.402  4.868   1.00 37.22 ? 150 VAL A CA    1 
ATOM   1074 C C     . VAL A 1 151 ? -4.433  -1.867  6.247   1.00 37.83 ? 150 VAL A C     1 
ATOM   1075 O O     . VAL A 1 151 ? -4.461  -2.609  7.236   1.00 44.57 ? 150 VAL A O     1 
ATOM   1076 C CB    . VAL A 1 151 ? -6.301  -2.622  4.748   1.00 36.44 ? 150 VAL A CB    1 
ATOM   1077 C CG1   . VAL A 1 151 ? -7.031  -1.289  4.693   1.00 39.37 ? 150 VAL A CG1   1 
ATOM   1078 C CG2   . VAL A 1 151 ? -6.633  -3.480  3.543   1.00 36.39 ? 150 VAL A CG2   1 
ATOM   1079 N N     . GLU A 1 152 ? -4.131  -0.578  6.312   1.00 38.52 ? 151 GLU A N     1 
ATOM   1080 C CA    . GLU A 1 152 ? -3.866  0.104   7.567   1.00 40.46 ? 151 GLU A CA    1 
ATOM   1081 C C     . GLU A 1 152 ? -5.038  1.002   7.929   1.00 41.23 ? 151 GLU A C     1 
ATOM   1082 O O     . GLU A 1 152 ? -5.516  1.774   7.093   1.00 45.48 ? 151 GLU A O     1 
ATOM   1083 C CB    . GLU A 1 152 ? -2.590  0.930   7.476   1.00 38.03 ? 151 GLU A CB    1 
ATOM   1084 C CG    . GLU A 1 152 ? -2.276  1.687   8.730   1.00 46.84 ? 151 GLU A CG    1 
ATOM   1085 C CD    . GLU A 1 152 ? -0.877  2.253   8.704   1.00 54.08 ? 151 GLU A CD    1 
ATOM   1086 O OE1   . GLU A 1 152 ? -0.282  2.312   7.611   0.00 51.20 ? 151 GLU A OE1   1 
ATOM   1087 O OE2   . GLU A 1 152 ? -0.350  2.622   9.773   0.00 51.67 ? 151 GLU A OE2   1 
ATOM   1088 N N     . ARG A 1 153 ? -5.493  0.897   9.173   1.00 40.74 ? 152 ARG A N     1 
ATOM   1089 C CA    . ARG A 1 153 ? -6.618  1.667   9.674   1.00 39.08 ? 152 ARG A CA    1 
ATOM   1090 C C     . ARG A 1 153 ? -6.361  2.020   11.133  1.00 43.43 ? 152 ARG A C     1 
ATOM   1091 O O     . ARG A 1 153 ? -5.572  1.369   11.828  1.00 41.04 ? 152 ARG A O     1 
ATOM   1092 C CB    . ARG A 1 153 ? -7.942  0.890   9.556   1.00 40.59 ? 152 ARG A CB    1 
ATOM   1093 C CG    . ARG A 1 153 ? -8.353  0.520   8.136   1.00 37.55 ? 152 ARG A CG    1 
ATOM   1094 C CD    . ARG A 1 153 ? -8.966  1.699   7.440   1.00 43.23 ? 152 ARG A CD    1 
ATOM   1095 N NE    . ARG A 1 153 ? -10.405 1.799   7.658   1.00 47.59 ? 152 ARG A NE    1 
ATOM   1096 C CZ    . ARG A 1 153 ? -11.130 2.866   7.335   1.00 45.04 ? 152 ARG A CZ    1 
ATOM   1097 N NH1   . ARG A 1 153 ? -10.543 3.924   6.801   1.00 43.88 ? 152 ARG A NH1   1 
ATOM   1098 N NH2   . ARG A 1 153 ? -12.435 2.887   7.563   1.00 50.49 ? 152 ARG A NH2   1 
ATOM   1099 N N     . ALA A 1 154 ? -7.048  3.056   11.599  1.00 39.71 ? 153 ALA A N     1 
ATOM   1100 C CA    . ALA A 1 154 ? -7.048  3.361   13.022  1.00 44.87 ? 153 ALA A CA    1 
ATOM   1101 C C     . ALA A 1 154 ? -7.891  2.333   13.781  1.00 46.00 ? 153 ALA A C     1 
ATOM   1102 O O     . ALA A 1 154 ? -8.903  1.840   13.272  1.00 44.63 ? 153 ALA A O     1 
ATOM   1103 C CB    . ALA A 1 154 ? -7.587  4.771   13.252  1.00 42.52 ? 153 ALA A CB    1 
ATOM   1104 N N     . THR A 1 155 ? -7.473  2.001   15.010  1.00 46.13 ? 154 THR A N     1 
ATOM   1105 C CA    . THR A 1 155 ? -8.266  1.067   15.811  1.00 44.00 ? 154 THR A CA    1 
ATOM   1106 C C     . THR A 1 155 ? -9.671  1.609   16.063  1.00 48.16 ? 154 THR A C     1 
ATOM   1107 O O     . THR A 1 155 ? -10.608 0.830   16.279  1.00 50.25 ? 154 THR A O     1 
ATOM   1108 C CB    . THR A 1 155 ? -7.561  0.761   17.130  1.00 43.21 ? 154 THR A CB    1 
ATOM   1109 O OG1   . THR A 1 155 ? -7.142  1.985   17.748  1.00 47.00 ? 154 THR A OG1   1 
ATOM   1110 C CG2   . THR A 1 155 ? -6.350  -0.130  16.894  1.00 40.10 ? 154 THR A CG2   1 
ATOM   1111 N N     . THR A 1 156 ? -9.826  2.937   16.043  1.00 43.70 ? 155 THR A N     1 
ATOM   1112 C CA    . THR A 1 156 ? -11.141 3.574   16.027  1.00 50.34 ? 155 THR A CA    1 
ATOM   1113 C C     . THR A 1 156 ? -12.052 2.980   14.959  1.00 55.31 ? 155 THR A C     1 
ATOM   1114 O O     . THR A 1 156 ? -13.242 2.748   15.200  1.00 57.95 ? 155 THR A O     1 
ATOM   1115 C CB    . THR A 1 156 ? -10.968 5.072   15.762  1.00 56.31 ? 155 THR A CB    1 
ATOM   1116 O OG1   . THR A 1 156 ? -10.113 5.641   16.761  1.00 67.24 ? 155 THR A OG1   1 
ATOM   1117 C CG2   . THR A 1 156 ? -12.312 5.794   15.741  1.00 62.11 ? 155 THR A CG2   1 
ATOM   1118 N N     . CYS A 1 157 ? -11.516 2.754   13.764  1.00 54.04 ? 156 CYS A N     1 
ATOM   1119 C CA    . CYS A 1 157 ? -12.340 2.358   12.634  1.00 49.68 ? 156 CYS A CA    1 
ATOM   1120 C C     . CYS A 1 157 ? -12.861 0.937   12.807  1.00 51.31 ? 156 CYS A C     1 
ATOM   1121 O O     . CYS A 1 157 ? -12.220 0.085   13.433  1.00 46.62 ? 156 CYS A O     1 
ATOM   1122 C CB    . CYS A 1 157 ? -11.541 2.483   11.338  1.00 41.85 ? 156 CYS A CB    1 
ATOM   1123 S SG    . CYS A 1 157 ? -11.112 4.194   10.918  1.00 54.68 ? 156 CYS A SG    1 
ATOM   1124 N N     . ALA A 1 158 ? -14.046 0.691   12.252  1.00 51.27 ? 157 ALA A N     1 
ATOM   1125 C CA    . ALA A 1 158 ? -14.601 -0.650  12.235  1.00 52.43 ? 157 ALA A CA    1 
ATOM   1126 C C     . ALA A 1 158 ? -13.683 -1.573  11.431  1.00 52.03 ? 157 ALA A C     1 
ATOM   1127 O O     . ALA A 1 158 ? -13.043 -1.140  10.467  1.00 49.98 ? 157 ALA A O     1 
ATOM   1128 C CB    . ALA A 1 158 ? -16.010 -0.641  11.639  1.00 44.08 ? 157 ALA A CB    1 
ATOM   1129 N N     . PRO A 1 159 ? -13.581 -2.841  11.815  1.00 54.56 ? 158 PRO A N     1 
ATOM   1130 C CA    . PRO A 1 159 ? -12.731 -3.771  11.066  1.00 48.55 ? 158 PRO A CA    1 
ATOM   1131 C C     . PRO A 1 159 ? -13.285 -4.030  9.675   1.00 43.23 ? 158 PRO A C     1 
ATOM   1132 O O     . PRO A 1 159 ? -14.450 -3.771  9.373   1.00 45.21 ? 158 PRO A O     1 
ATOM   1133 C CB    . PRO A 1 159 ? -12.761 -5.052  11.911  1.00 52.25 ? 158 PRO A CB    1 
ATOM   1134 C CG    . PRO A 1 159 ? -13.366 -4.655  13.224  1.00 56.93 ? 158 PRO A CG    1 
ATOM   1135 C CD    . PRO A 1 159 ? -14.264 -3.500  12.936  1.00 53.65 ? 158 PRO A CD    1 
ATOM   1136 N N     . LEU A 1 160 ? -12.435 -4.593  8.835   1.00 40.07 ? 159 LEU A N     1 
ATOM   1137 C CA    . LEU A 1 160 ? -12.839 -4.935  7.486   1.00 43.49 ? 159 LEU A CA    1 
ATOM   1138 C C     . LEU A 1 160 ? -13.601 -6.249  7.465   1.00 45.96 ? 159 LEU A C     1 
ATOM   1139 O O     . LEU A 1 160 ? -13.395 -7.129  8.302   1.00 52.12 ? 159 LEU A O     1 
ATOM   1140 C CB    . LEU A 1 160 ? -11.615 -5.041  6.581   1.00 43.75 ? 159 LEU A CB    1 
ATOM   1141 C CG    . LEU A 1 160 ? -10.801 -3.747  6.551   1.00 47.14 ? 159 LEU A CG    1 
ATOM   1142 C CD1   . LEU A 1 160 ? -9.481  -3.957  5.842   1.00 47.94 ? 159 LEU A CD1   1 
ATOM   1143 C CD2   . LEU A 1 160 ? -11.603 -2.600  5.906   1.00 40.25 ? 159 LEU A CD2   1 
ATOM   1144 N N     . THR A 1 161 ? -14.481 -6.386  6.489   1.00 48.53 ? 160 THR A N     1 
ATOM   1145 C CA    . THR A 1 161 ? -15.094 -7.674  6.194   1.00 52.80 ? 160 THR A CA    1 
ATOM   1146 C C     . THR A 1 161 ? -14.520 -8.134  4.863   1.00 47.34 ? 160 THR A C     1 
ATOM   1147 O O     . THR A 1 161 ? -14.738 -7.495  3.831   1.00 48.87 ? 160 THR A O     1 
ATOM   1148 C CB    . THR A 1 161 ? -16.617 -7.587  6.162   1.00 47.40 ? 160 THR A CB    1 
ATOM   1149 O OG1   . THR A 1 161 ? -17.022 -6.749  5.079   1.00 59.78 ? 160 THR A OG1   1 
ATOM   1150 C CG2   . THR A 1 161 ? -17.139 -7.000  7.472   1.00 53.90 ? 160 THR A CG2   1 
ATOM   1151 N N     . TRP A 1 162 ? -13.768 -9.201  4.894   1.00 43.53 ? 161 TRP A N     1 
ATOM   1152 C CA    . TRP A 1 162 ? -13.159 -9.679  3.670   1.00 45.83 ? 161 TRP A CA    1 
ATOM   1153 C C     . TRP A 1 162 ? -14.145 -10.540 2.882   1.00 44.70 ? 161 TRP A C     1 
ATOM   1154 O O     . TRP A 1 162 ? -14.949 -11.261 3.473   1.00 49.57 ? 161 TRP A O     1 
ATOM   1155 C CB    . TRP A 1 162 ? -11.900 -10.471 3.990   1.00 46.11 ? 161 TRP A CB    1 
ATOM   1156 C CG    . TRP A 1 162 ? -10.793 -9.591  4.449   1.00 43.78 ? 161 TRP A CG    1 
ATOM   1157 C CD1   . TRP A 1 162 ? -10.623 -9.085  5.693   1.00 45.05 ? 161 TRP A CD1   1 
ATOM   1158 C CD2   . TRP A 1 162 ? -9.706  -9.094  3.657   1.00 46.07 ? 161 TRP A CD2   1 
ATOM   1159 N NE1   . TRP A 1 162 ? -9.497  -8.308  5.741   1.00 45.68 ? 161 TRP A NE1   1 
ATOM   1160 C CE2   . TRP A 1 162 ? -8.910  -8.296  4.505   1.00 46.38 ? 161 TRP A CE2   1 
ATOM   1161 C CE3   . TRP A 1 162 ? -9.332  -9.240  2.314   1.00 40.01 ? 161 TRP A CE3   1 
ATOM   1162 C CZ2   . TRP A 1 162 ? -7.754  -7.647  4.057   1.00 40.17 ? 161 TRP A CZ2   1 
ATOM   1163 C CZ3   . TRP A 1 162 ? -8.187  -8.599  1.869   1.00 42.58 ? 161 TRP A CZ3   1 
ATOM   1164 C CH2   . TRP A 1 162 ? -7.408  -7.812  2.742   1.00 43.16 ? 161 TRP A CH2   1 
ATOM   1165 N N     . PRO A 1 163 ? -14.112 -10.478 1.558   1.00 44.89 ? 162 PRO A N     1 
ATOM   1166 C CA    . PRO A 1 163 ? -15.007 -11.314 0.753   1.00 48.81 ? 162 PRO A CA    1 
ATOM   1167 C C     . PRO A 1 163 ? -14.426 -12.710 0.551   1.00 48.11 ? 162 PRO A C     1 
ATOM   1168 O O     . PRO A 1 163 ? -13.253 -12.970 0.812   1.00 48.97 ? 162 PRO A O     1 
ATOM   1169 C CB    . PRO A 1 163 ? -15.094 -10.548 -0.574  1.00 51.96 ? 162 PRO A CB    1 
ATOM   1170 C CG    . PRO A 1 163 ? -13.769 -9.852  -0.690  1.00 44.36 ? 162 PRO A CG    1 
ATOM   1171 C CD    . PRO A 1 163 ? -13.332 -9.535  0.730   1.00 50.38 ? 162 PRO A CD    1 
ATOM   1172 N N     . GLU A 1 164 ? -15.277 -13.611 0.063   1.00 51.17 ? 163 GLU A N     1 
ATOM   1173 C CA    . GLU A 1 164 ? -14.822 -14.955 -0.261  1.00 50.23 ? 163 GLU A CA    1 
ATOM   1174 C C     . GLU A 1 164 ? -13.637 -14.898 -1.219  1.00 49.54 ? 163 GLU A C     1 
ATOM   1175 O O     . GLU A 1 164 ? -13.448 -13.939 -1.965  1.00 51.37 ? 163 GLU A O     1 
ATOM   1176 C CB    . GLU A 1 164 ? -15.944 -15.777 -0.894  1.00 58.88 ? 163 GLU A CB    1 
ATOM   1177 C CG    . GLU A 1 164 ? -17.208 -15.895 -0.063  1.00 65.59 ? 163 GLU A CG    1 
ATOM   1178 C CD    . GLU A 1 164 ? -18.292 -16.688 -0.777  1.00 78.51 ? 163 GLU A CD    1 
ATOM   1179 O OE1   . GLU A 1 164 ? -17.956 -17.398 -1.751  1.00 78.77 ? 163 GLU A OE1   1 
ATOM   1180 O OE2   . GLU A 1 164 ? -19.473 -16.598 -0.372  1.00 83.14 ? 163 GLU A OE2   1 
ATOM   1181 N N     . GLY A 1 165 ? -12.841 -15.954 -1.198  1.00 52.38 ? 164 GLY A N     1 
ATOM   1182 C CA    . GLY A 1 165 ? -11.654 -16.011 -2.010  1.00 45.26 ? 164 GLY A CA    1 
ATOM   1183 C C     . GLY A 1 165 ? -10.412 -15.473 -1.347  1.00 49.08 ? 164 GLY A C     1 
ATOM   1184 O O     . GLY A 1 165 ? -9.331  -15.566 -1.940  1.00 55.89 ? 164 GLY A O     1 
ATOM   1185 N N     . TRP A 1 166 ? -10.521 -14.922 -0.139  1.00 46.56 ? 165 TRP A N     1 
ATOM   1186 C CA    . TRP A 1 166 ? -9.377  -14.406 0.603   1.00 45.14 ? 165 TRP A CA    1 
ATOM   1187 C C     . TRP A 1 166 ? -9.171  -15.201 1.890   1.00 51.29 ? 165 TRP A C     1 
ATOM   1188 O O     . TRP A 1 166 ? -10.134 -15.579 2.563   1.00 51.04 ? 165 TRP A O     1 
ATOM   1189 C CB    . TRP A 1 166 ? -9.558  -12.922 0.934   1.00 42.57 ? 165 TRP A CB    1 
ATOM   1190 C CG    . TRP A 1 166 ? -9.600  -11.997 -0.290  1.00 45.20 ? 165 TRP A CG    1 
ATOM   1191 C CD1   . TRP A 1 166 ? -10.688 -11.711 -1.071  1.00 46.04 ? 165 TRP A CD1   1 
ATOM   1192 C CD2   . TRP A 1 166 ? -8.511  -11.240 -0.835  1.00 42.26 ? 165 TRP A CD2   1 
ATOM   1193 N NE1   . TRP A 1 166 ? -10.339 -10.834 -2.073  1.00 49.78 ? 165 TRP A NE1   1 
ATOM   1194 C CE2   . TRP A 1 166 ? -9.008  -10.532 -1.950  1.00 45.68 ? 165 TRP A CE2   1 
ATOM   1195 C CE3   . TRP A 1 166 ? -7.162  -11.096 -0.494  1.00 37.89 ? 165 TRP A CE3   1 
ATOM   1196 C CZ2   . TRP A 1 166 ? -8.212  -9.689  -2.704  1.00 37.26 ? 165 TRP A CZ2   1 
ATOM   1197 C CZ3   . TRP A 1 166 ? -6.370  -10.274 -1.261  1.00 39.97 ? 165 TRP A CZ3   1 
ATOM   1198 C CH2   . TRP A 1 166 ? -6.896  -9.574  -2.347  1.00 38.48 ? 165 TRP A CH2   1 
ATOM   1199 N N     . ARG A 1 167 ? -7.907  -15.447 2.223   1.00 49.38 ? 166 ARG A N     1 
ATOM   1200 C CA    . ARG A 1 167 ? -7.506  -16.117 3.451   1.00 46.63 ? 166 ARG A CA    1 
ATOM   1201 C C     . ARG A 1 167 ? -6.784  -15.107 4.335   1.00 44.60 ? 166 ARG A C     1 
ATOM   1202 O O     . ARG A 1 167 ? -5.698  -14.633 3.983   1.00 43.03 ? 166 ARG A O     1 
ATOM   1203 C CB    . ARG A 1 167 ? -6.606  -17.317 3.153   1.00 48.49 ? 166 ARG A CB    1 
ATOM   1204 C CG    . ARG A 1 167 ? -6.122  -18.080 4.385   1.00 58.01 ? 166 ARG A CG    1 
ATOM   1205 C CD    . ARG A 1 167 ? -7.257  -18.869 5.048   1.00 68.96 ? 166 ARG A CD    1 
ATOM   1206 N NE    . ARG A 1 167 ? -7.597  -20.093 4.321   1.00 74.70 ? 166 ARG A NE    1 
ATOM   1207 C CZ    . ARG A 1 167 ? -8.814  -20.632 4.289   1.00 76.74 ? 166 ARG A CZ    1 
ATOM   1208 N NH1   . ARG A 1 167 ? -9.819  -20.047 4.933   1.00 78.63 ? 166 ARG A NH1   1 
ATOM   1209 N NH2   . ARG A 1 167 ? -9.035  -21.749 3.603   1.00 77.43 ? 166 ARG A NH2   1 
ATOM   1210 N N     . ARG A 1 168 ? -7.372  -14.805 5.487   1.00 44.27 ? 167 ARG A N     1 
ATOM   1211 C CA    . ARG A 1 168 ? -6.849  -13.764 6.361   1.00 44.85 ? 167 ARG A CA    1 
ATOM   1212 C C     . ARG A 1 168 ? -5.570  -14.210 7.055   1.00 44.23 ? 167 ARG A C     1 
ATOM   1213 O O     . ARG A 1 168 ? -5.448  -15.352 7.494   1.00 52.38 ? 167 ARG A O     1 
ATOM   1214 C CB    . ARG A 1 168 ? -7.901  -13.393 7.400   1.00 47.18 ? 167 ARG A CB    1 
ATOM   1215 C CG    . ARG A 1 168 ? -9.222  -12.992 6.765   1.00 55.25 ? 167 ARG A CG    1 
ATOM   1216 C CD    . ARG A 1 168 ? -10.398 -13.211 7.691   1.00 59.89 ? 167 ARG A CD    1 
ATOM   1217 N NE    . ARG A 1 168 ? -10.101 -12.737 9.039   1.00 65.79 ? 167 ARG A NE    1 
ATOM   1218 C CZ    . ARG A 1 168 ? -10.113 -11.457 9.403   1.00 63.43 ? 167 ARG A CZ    1 
ATOM   1219 N NH1   . ARG A 1 168 ? -10.405 -10.517 8.516   1.00 63.63 ? 167 ARG A NH1   1 
ATOM   1220 N NH2   . ARG A 1 168 ? -9.830  -11.117 10.655  1.00 61.91 ? 167 ARG A NH2   1 
ATOM   1221 N N     . TRP A 1 169 ? -4.609  -13.313 7.134   1.00 43.56 ? 168 TRP A N     1 
ATOM   1222 C CA    . TRP A 1 169 ? -3.431  -13.501 7.963   1.00 42.18 ? 168 TRP A CA    1 
ATOM   1223 C C     . TRP A 1 169 ? -3.736  -12.985 9.359   1.00 40.89 ? 168 TRP A C     1 
ATOM   1224 O O     . TRP A 1 169 ? -4.794  -12.404 9.589   1.00 42.51 ? 168 TRP A O     1 
ATOM   1225 C CB    . TRP A 1 169 ? -2.238  -12.784 7.320   1.00 41.24 ? 168 TRP A CB    1 
ATOM   1226 C CG    . TRP A 1 169 ? -1.760  -13.439 6.036   1.00 43.59 ? 168 TRP A CG    1 
ATOM   1227 C CD1   . TRP A 1 169 ? -2.324  -14.510 5.405   1.00 46.73 ? 168 TRP A CD1   1 
ATOM   1228 C CD2   . TRP A 1 169 ? -0.622  -13.068 5.243   1.00 47.92 ? 168 TRP A CD2   1 
ATOM   1229 N NE1   . TRP A 1 169 ? -1.611  -14.830 4.274   1.00 48.88 ? 168 TRP A NE1   1 
ATOM   1230 C CE2   . TRP A 1 169 ? -0.564  -13.957 4.152   1.00 47.34 ? 168 TRP A CE2   1 
ATOM   1231 C CE3   . TRP A 1 169 ? 0.348   -12.066 5.348   1.00 46.90 ? 168 TRP A CE3   1 
ATOM   1232 C CZ2   . TRP A 1 169 ? 0.424   -13.878 3.181   1.00 46.26 ? 168 TRP A CZ2   1 
ATOM   1233 C CZ3   . TRP A 1 169 ? 1.327   -11.989 4.384   1.00 44.81 ? 168 TRP A CZ3   1 
ATOM   1234 C CH2   . TRP A 1 169 ? 1.362   -12.892 3.316   1.00 48.30 ? 168 TRP A CH2   1 
ATOM   1235 N N     . PRO A 1 170 ? -2.851  -13.191 10.334  1.00 40.18 ? 169 PRO A N     1 
ATOM   1236 C CA    . PRO A 1 170 ? -3.152  -12.707 11.693  1.00 44.04 ? 169 PRO A CA    1 
ATOM   1237 C C     . PRO A 1 170 ? -3.121  -11.187 11.779  1.00 38.58 ? 169 PRO A C     1 
ATOM   1238 O O     . PRO A 1 170 ? -2.152  -10.537 11.382  1.00 39.82 ? 169 PRO A O     1 
ATOM   1239 C CB    . PRO A 1 170 ? -2.056  -13.344 12.563  1.00 36.51 ? 169 PRO A CB    1 
ATOM   1240 C CG    . PRO A 1 170 ? -1.590  -14.523 11.793  1.00 43.38 ? 169 PRO A CG    1 
ATOM   1241 C CD    . PRO A 1 170 ? -1.712  -14.126 10.331  1.00 48.10 ? 169 PRO A CD    1 
ATOM   1242 N N     . GLN A 1 171 ? -4.195  -10.639 12.323  1.00 35.40 ? 170 GLN A N     1 
ATOM   1243 C CA    . GLN A 1 171 ? -4.310  -9.212  12.553  1.00 39.26 ? 170 GLN A CA    1 
ATOM   1244 C C     . GLN A 1 171 ? -3.226  -8.714  13.505  1.00 37.74 ? 170 GLN A C     1 
ATOM   1245 O O     . GLN A 1 171 ? -2.873  -9.386  14.474  1.00 35.34 ? 170 GLN A O     1 
ATOM   1246 C CB    . GLN A 1 171 ? -5.698  -8.936  13.119  1.00 43.17 ? 170 GLN A CB    1 
ATOM   1247 C CG    . GLN A 1 171 ? -5.982  -7.506  13.487  1.00 49.88 ? 170 GLN A CG    1 
ATOM   1248 C CD    . GLN A 1 171 ? -7.384  -7.362  14.043  1.00 56.79 ? 170 GLN A CD    1 
ATOM   1249 O OE1   . GLN A 1 171 ? -7.588  -6.775  15.115  1.00 59.92 ? 170 GLN A OE1   1 
ATOM   1250 N NE2   . GLN A 1 171 ? -8.365  -7.913  13.323  1.00 55.22 ? 170 GLN A NE2   1 
ATOM   1251 N N     . ARG A 1 172 ? -2.706  -7.521  13.239  1.00 33.06 ? 171 ARG A N     1 
ATOM   1252 C CA    . ARG A 1 172 ? -1.706  -6.917  14.106  1.00 36.52 ? 171 ARG A CA    1 
ATOM   1253 C C     . ARG A 1 172 ? -2.164  -5.534  14.545  1.00 39.06 ? 171 ARG A C     1 
ATOM   1254 O O     . ARG A 1 172 ? -2.988  -4.883  13.890  1.00 39.02 ? 171 ARG A O     1 
ATOM   1255 C CB    . ARG A 1 172 ? -0.332  -6.803  13.425  1.00 39.44 ? 171 ARG A CB    1 
ATOM   1256 C CG    . ARG A 1 172 ? -0.028  -7.857  12.372  1.00 41.55 ? 171 ARG A CG    1 
ATOM   1257 C CD    . ARG A 1 172 ? 0.471   -9.192  12.930  1.00 36.05 ? 171 ARG A CD    1 
ATOM   1258 N NE    . ARG A 1 172 ? 0.444   -10.217 11.866  1.00 43.64 ? 171 ARG A NE    1 
ATOM   1259 C CZ    . ARG A 1 172 ? 1.502   -10.952 11.499  1.00 45.43 ? 171 ARG A CZ    1 
ATOM   1260 N NH1   . ARG A 1 172 ? 1.386   -11.870 10.529  1.00 42.23 ? 171 ARG A NH1   1 
ATOM   1261 N NH2   . ARG A 1 172 ? 2.675   -10.798 12.137  1.00 38.42 ? 171 ARG A NH2   1 
ATOM   1262 N N     . VAL A 1 173 ? -1.620  -5.087  15.674  1.00 34.26 ? 172 VAL A N     1 
ATOM   1263 C CA    . VAL A 1 173 ? -1.915  -3.770  16.220  1.00 33.76 ? 172 VAL A CA    1 
ATOM   1264 C C     . VAL A 1 173 ? -0.608  -3.146  16.680  1.00 40.13 ? 172 VAL A C     1 
ATOM   1265 O O     . VAL A 1 173 ? 0.242   -3.817  17.271  1.00 41.45 ? 172 VAL A O     1 
ATOM   1266 C CB    . VAL A 1 173 ? -2.947  -3.846  17.367  1.00 45.40 ? 172 VAL A CB    1 
ATOM   1267 C CG1   . VAL A 1 173 ? -2.974  -2.545  18.173  1.00 45.16 ? 172 VAL A CG1   1 
ATOM   1268 C CG2   . VAL A 1 173 ? -4.340  -4.160  16.812  1.00 38.82 ? 172 VAL A CG2   1 
ATOM   1269 N N     . TYR A 1 174 ? -0.428  -1.868  16.361  1.00 51.51 ? 173 TYR A N     1 
ATOM   1270 C CA    . TYR A 1 174 ? 0.765   -1.115  16.739  1.00 46.05 ? 173 TYR A CA    1 
ATOM   1271 C C     . TYR A 1 174 ? 0.284   0.225   17.256  1.00 49.30 ? 173 TYR A C     1 
ATOM   1272 O O     . TYR A 1 174 ? -0.222  1.041   16.477  1.00 50.10 ? 173 TYR A O     1 
ATOM   1273 C CB    . TYR A 1 174 ? 1.717   -0.923  15.563  1.00 44.21 ? 173 TYR A CB    1 
ATOM   1274 C CG    . TYR A 1 174 ? 2.006   -2.194  14.822  1.00 45.34 ? 173 TYR A CG    1 
ATOM   1275 C CD1   . TYR A 1 174 ? 1.162   -2.620  13.808  1.00 44.40 ? 173 TYR A CD1   1 
ATOM   1276 C CD2   . TYR A 1 174 ? 3.108   -2.975  15.141  1.00 49.50 ? 173 TYR A CD2   1 
ATOM   1277 C CE1   . TYR A 1 174 ? 1.400   -3.776  13.125  1.00 41.45 ? 173 TYR A CE1   1 
ATOM   1278 C CE2   . TYR A 1 174 ? 3.359   -4.148  14.465  1.00 52.68 ? 173 TYR A CE2   1 
ATOM   1279 C CZ    . TYR A 1 174 ? 2.496   -4.540  13.446  1.00 53.65 ? 173 TYR A CZ    1 
ATOM   1280 O OH    . TYR A 1 174 ? 2.712   -5.706  12.740  1.00 58.09 ? 173 TYR A OH    1 
ATOM   1281 N N     . GLY A 1 175 ? 0.444   0.449   18.553  1.00 46.66 ? 174 GLY A N     1 
ATOM   1282 C CA    . GLY A 1 175 ? -0.076  1.646   19.173  1.00 46.25 ? 174 GLY A CA    1 
ATOM   1283 C C     . GLY A 1 175 ? -1.561  1.743   18.931  1.00 50.67 ? 174 GLY A C     1 
ATOM   1284 O O     . GLY A 1 175 ? -2.339  0.919   19.425  1.00 50.20 ? 174 GLY A O     1 
ATOM   1285 N N     . ASP A 1 176 ? -1.955  2.721   18.115  1.00 52.84 ? 175 ASP A N     1 
ATOM   1286 C CA    . ASP A 1 176 ? -3.355  2.969   17.799  1.00 54.99 ? 175 ASP A CA    1 
ATOM   1287 C C     . ASP A 1 176 ? -3.686  2.645   16.341  1.00 49.52 ? 175 ASP A C     1 
ATOM   1288 O O     . ASP A 1 176 ? -4.623  3.210   15.771  1.00 38.92 ? 175 ASP A O     1 
ATOM   1289 C CB    . ASP A 1 176 ? -3.710  4.417   18.139  1.00 57.79 ? 175 ASP A CB    1 
ATOM   1290 C CG    . ASP A 1 176 ? -3.615  4.704   19.642  1.00 63.08 ? 175 ASP A CG    1 
ATOM   1291 O OD1   . ASP A 1 176 ? -3.175  3.804   20.401  1.00 66.58 ? 175 ASP A OD1   1 
ATOM   1292 O OD2   . ASP A 1 176 ? -3.981  5.824   20.068  1.00 65.97 ? 175 ASP A OD2   1 
ATOM   1293 N N     . THR A 1 177 ? -2.957  1.697   15.749  1.00 46.92 ? 176 THR A N     1 
ATOM   1294 C CA    . THR A 1 177 ? -3.089  1.342   14.343  1.00 45.12 ? 176 THR A CA    1 
ATOM   1295 C C     . THR A 1 177 ? -3.313  -0.156  14.208  1.00 43.35 ? 176 THR A C     1 
ATOM   1296 O O     . THR A 1 177 ? -2.582  -0.947  14.808  1.00 44.75 ? 176 THR A O     1 
ATOM   1297 C CB    . THR A 1 177 ? -1.835  1.743   13.546  1.00 44.96 ? 176 THR A CB    1 
ATOM   1298 O OG1   . THR A 1 177 ? -1.823  3.160   13.339  1.00 54.96 ? 176 THR A OG1   1 
ATOM   1299 C CG2   . THR A 1 177 ? -1.780  1.017   12.208  1.00 40.75 ? 176 THR A CG2   1 
ATOM   1300 N N     . ARG A 1 178 ? -4.304  -0.536  13.403  1.00 43.96 ? 177 ARG A N     1 
ATOM   1301 C CA    . ARG A 1 178 ? -4.576  -1.924  13.057  1.00 40.78 ? 177 ARG A CA    1 
ATOM   1302 C C     . ARG A 1 178 ? -4.049  -2.223  11.656  1.00 42.65 ? 177 ARG A C     1 
ATOM   1303 O O     . ARG A 1 178 ? -4.101  -1.370  10.763  1.00 44.87 ? 177 ARG A O     1 
ATOM   1304 C CB    . ARG A 1 178 ? -6.076  -2.220  13.113  1.00 42.46 ? 177 ARG A CB    1 
ATOM   1305 C CG    . ARG A 1 178 ? -6.420  -3.667  12.835  1.00 46.80 ? 177 ARG A CG    1 
ATOM   1306 C CD    . ARG A 1 178 ? -7.916  -3.888  12.778  1.00 51.28 ? 177 ARG A CD    1 
ATOM   1307 N NE    . ARG A 1 178 ? -8.586  -3.209  13.878  1.00 54.99 ? 177 ARG A NE    1 
ATOM   1308 C CZ    . ARG A 1 178 ? -9.608  -2.378  13.732  1.00 50.46 ? 177 ARG A CZ    1 
ATOM   1309 N NH1   . ARG A 1 178 ? -10.101 -2.130  12.533  1.00 51.67 ? 177 ARG A NH1   1 
ATOM   1310 N NH2   . ARG A 1 178 ? -10.144 -1.808  14.796  1.00 53.92 ? 177 ARG A NH2   1 
ATOM   1311 N N     . LEU A 1 179 ? -3.535  -3.441  11.475  1.00 40.36 ? 178 LEU A N     1 
ATOM   1312 C CA    . LEU A 1 179 ? -3.017  -3.918  10.200  1.00 42.18 ? 178 LEU A CA    1 
ATOM   1313 C C     . LEU A 1 179 ? -3.723  -5.219  9.856   1.00 40.96 ? 178 LEU A C     1 
ATOM   1314 O O     . LEU A 1 179 ? -3.626  -6.197  10.604  1.00 36.45 ? 178 LEU A O     1 
ATOM   1315 C CB    . LEU A 1 179 ? -1.499  -4.121  10.264  1.00 40.10 ? 178 LEU A CB    1 
ATOM   1316 C CG    . LEU A 1 179 ? -0.691  -3.759  9.020   1.00 46.57 ? 178 LEU A CG    1 
ATOM   1317 C CD1   . LEU A 1 179 ? -0.862  -2.289  8.672   1.00 43.02 ? 178 LEU A CD1   1 
ATOM   1318 C CD2   . LEU A 1 179 ? 0.776   -4.078  9.233   1.00 47.02 ? 178 LEU A CD2   1 
ATOM   1319 N N     . GLU A 1 180 ? -4.422  -5.237  8.722   1.00 41.52 ? 179 GLU A N     1 
ATOM   1320 C CA    . GLU A 1 180 ? -5.117  -6.429  8.257   1.00 36.02 ? 179 GLU A CA    1 
ATOM   1321 C C     . GLU A 1 180 ? -4.504  -6.884  6.940   1.00 37.26 ? 179 GLU A C     1 
ATOM   1322 O O     . GLU A 1 180 ? -4.196  -6.069  6.066   1.00 44.13 ? 179 GLU A O     1 
ATOM   1323 C CB    . GLU A 1 180 ? -6.629  -6.184  8.099   1.00 38.36 ? 179 GLU A CB    1 
ATOM   1324 C CG    . GLU A 1 180 ? -7.303  -5.543  9.321   1.00 41.04 ? 179 GLU A CG    1 
ATOM   1325 C CD    . GLU A 1 180 ? -8.822  -5.742  9.352   1.00 48.77 ? 179 GLU A CD    1 
ATOM   1326 O OE1   . GLU A 1 180 ? -9.294  -6.765  8.797   1.00 47.77 ? 179 GLU A OE1   1 
ATOM   1327 O OE2   . GLU A 1 180 ? -9.541  -4.881  9.929   1.00 44.24 ? 179 GLU A OE2   1 
ATOM   1328 N N     . LEU A 1 181 ? -4.317  -8.190  6.821   1.00 34.45 ? 180 LEU A N     1 
ATOM   1329 C CA    . LEU A 1 181 ? -3.593  -8.815  5.734   1.00 35.40 ? 180 LEU A CA    1 
ATOM   1330 C C     . LEU A 1 181 ? -4.350  -10.056 5.312   1.00 36.11 ? 180 LEU A C     1 
ATOM   1331 O O     . LEU A 1 181 ? -4.845  -10.800 6.158   1.00 39.59 ? 180 LEU A O     1 
ATOM   1332 C CB    . LEU A 1 181 ? -2.172  -9.211  6.155   1.00 35.85 ? 180 LEU A CB    1 
ATOM   1333 C CG    . LEU A 1 181 ? -1.300  -8.164  6.847   1.00 41.67 ? 180 LEU A CG    1 
ATOM   1334 C CD1   . LEU A 1 181 ? -1.391  -8.299  8.365   1.00 40.46 ? 180 LEU A CD1   1 
ATOM   1335 C CD2   . LEU A 1 181 ? 0.155   -8.251  6.378   1.00 43.85 ? 180 LEU A CD2   1 
ATOM   1336 N N     . ALA A 1 182 ? -4.432  -10.281 4.010   1.00 35.46 ? 181 ALA A N     1 
ATOM   1337 C CA    . ALA A 1 182 ? -5.068  -11.475 3.486   1.00 35.92 ? 181 ALA A CA    1 
ATOM   1338 C C     . ALA A 1 182 ? -4.404  -11.813 2.165   1.00 38.55 ? 181 ALA A C     1 
ATOM   1339 O O     . ALA A 1 182 ? -3.586  -11.049 1.649   1.00 36.22 ? 181 ALA A O     1 
ATOM   1340 C CB    . ALA A 1 182 ? -6.576  -11.284 3.320   1.00 37.70 ? 181 ALA A CB    1 
ATOM   1341 N N     . GLU A 1 183 ? -4.750  -12.973 1.618   1.00 40.12 ? 182 GLU A N     1 
ATOM   1342 C CA    . GLU A 1 183 ? -4.207  -13.324 0.315   1.00 44.74 ? 182 GLU A CA    1 
ATOM   1343 C C     . GLU A 1 183 ? -5.252  -14.082 -0.477  1.00 47.25 ? 182 GLU A C     1 
ATOM   1344 O O     . GLU A 1 183 ? -6.105  -14.775 0.084   1.00 46.01 ? 182 GLU A O     1 
ATOM   1345 C CB    . GLU A 1 183 ? -2.917  -14.145 0.399   1.00 45.87 ? 182 GLU A CB    1 
ATOM   1346 C CG    . GLU A 1 183 ? -3.110  -15.585 0.825   1.00 51.05 ? 182 GLU A CG    1 
ATOM   1347 C CD    . GLU A 1 183 ? -1.797  -16.348 0.879   1.00 56.53 ? 182 GLU A CD    1 
ATOM   1348 O OE1   . GLU A 1 183 ? -1.203  -16.473 1.986   1.00 54.97 ? 182 GLU A OE1   1 
ATOM   1349 O OE2   . GLU A 1 183 ? -1.366  -16.815 -0.198  1.00 53.89 ? 182 GLU A OE2   1 
ATOM   1350 N N     . ARG A 1 184 ? -5.165  -13.923 -1.791  1.00 47.37 ? 183 ARG A N     1 
ATOM   1351 C CA    . ARG A 1 184 ? -6.142  -14.475 -2.707  1.00 49.16 ? 183 ARG A CA    1 
ATOM   1352 C C     . ARG A 1 184 ? -5.905  -15.971 -2.854  1.00 55.85 ? 183 ARG A C     1 
ATOM   1353 O O     . ARG A 1 184 ? -4.763  -16.443 -2.809  1.00 52.53 ? 183 ARG A O     1 
ATOM   1354 C CB    . ARG A 1 184 ? -6.044  -13.758 -4.055  1.00 47.03 ? 183 ARG A CB    1 
ATOM   1355 C CG    . ARG A 1 184 ? -7.158  -14.053 -5.057  1.00 55.13 ? 183 ARG A CG    1 
ATOM   1356 C CD    . ARG A 1 184 ? -8.442  -13.279 -4.765  1.00 51.12 ? 183 ARG A CD    1 
ATOM   1357 N NE    . ARG A 1 184 ? -9.449  -13.519 -5.802  1.00 54.51 ? 183 ARG A NE    1 
ATOM   1358 C CZ    . ARG A 1 184 ? -10.765 -13.404 -5.621  1.00 55.15 ? 183 ARG A CZ    1 
ATOM   1359 N NH1   . ARG A 1 184 ? -11.252 -13.053 -4.436  1.00 49.74 ? 183 ARG A NH1   1 
ATOM   1360 N NH2   . ARG A 1 184 ? -11.597 -13.648 -6.627  1.00 55.47 ? 183 ARG A NH2   1 
ATOM   1361 N N     . LEU A 1 185 ? -6.998  -16.719 -2.990  1.00 59.74 ? 184 LEU A N     1 
ATOM   1362 C CA    . LEU A 1 185 ? -6.962  -18.170 -3.115  1.00 62.36 ? 184 LEU A CA    1 
ATOM   1363 C C     . LEU A 1 185 ? -7.216  -18.657 -4.531  1.00 66.42 ? 184 LEU A C     1 
ATOM   1364 O O     . LEU A 1 185 ? -6.582  -19.620 -4.963  1.00 69.13 ? 184 LEU A O     1 
ATOM   1365 C CB    . LEU A 1 185 ? -7.994  -18.804 -2.180  1.00 61.82 ? 184 LEU A CB    1 
ATOM   1366 C CG    . LEU A 1 185 ? -7.831  -18.486 -0.697  1.00 58.39 ? 184 LEU A CG    1 
ATOM   1367 C CD1   . LEU A 1 185 ? -8.827  -19.295 0.108   1.00 59.79 ? 184 LEU A CD1   1 
ATOM   1368 C CD2   . LEU A 1 185 ? -6.406  -18.756 -0.248  1.00 56.97 ? 184 LEU A CD2   1 
ATOM   1369 N N     . PHE A 1 186 ? -8.147  -18.024 -5.245  1.00 69.65 ? 185 PHE A N     1 
ATOM   1370 C CA    . PHE A 1 186 ? -8.430  -18.330 -6.645  1.00 75.64 ? 185 PHE A CA    1 
ATOM   1371 C C     . PHE A 1 186 ? -8.599  -19.830 -6.895  1.00 80.32 ? 185 PHE A C     1 
ATOM   1372 O O     . PHE A 1 186 ? -9.380  -20.250 -7.749  1.00 87.31 ? 185 PHE A O     1 
ATOM   1373 C CB    . PHE A 1 186 ? -7.318  -17.764 -7.527  1.00 74.51 ? 185 PHE A CB    1 
ATOM   1374 C CG    . PHE A 1 186 ? -7.577  -17.901 -8.997  1.00 82.63 ? 185 PHE A CG    1 
ATOM   1375 C CD1   . PHE A 1 186 ? -7.006  -18.937 -9.719  1.00 83.95 ? 185 PHE A CD1   1 
ATOM   1376 C CD2   . PHE A 1 186 ? -8.385  -16.987 -9.664  1.00 84.80 ? 185 PHE A CD2   1 
ATOM   1377 C CE1   . PHE A 1 186 ? -7.234  -19.063 -11.078 1.00 91.83 ? 185 PHE A CE1   1 
ATOM   1378 C CE2   . PHE A 1 186 ? -8.620  -17.106 -11.027 1.00 86.53 ? 185 PHE A CE2   1 
ATOM   1379 C CZ    . PHE A 1 186 ? -8.045  -18.144 -11.735 1.00 94.27 ? 185 PHE A CZ    1 
HETATM 1380 N N     . SFG B 2 .   ? 0.347   5.845   3.199   1.00 48.04 ? 401 SFG A N     1 
HETATM 1381 C CA    . SFG B 2 .   ? 0.569   7.278   3.277   1.00 55.57 ? 401 SFG A CA    1 
HETATM 1382 C C     . SFG B 2 .   ? 1.866   7.676   4.019   1.00 59.66 ? 401 SFG A C     1 
HETATM 1383 O O     . SFG B 2 .   ? 2.641   8.526   3.478   1.00 44.94 ? 401 SFG A O     1 
HETATM 1384 O OXT   . SFG B 2 .   ? 2.138   7.151   5.181   1.00 61.02 ? 401 SFG A OXT   1 
HETATM 1385 C CB    . SFG B 2 .   ? -0.605  8.014   3.987   1.00 56.18 ? 401 SFG A CB    1 
HETATM 1386 C CG    . SFG B 2 .   ? -1.961  7.792   3.279   1.00 53.11 ? 401 SFG A CG    1 
HETATM 1387 C CD    . SFG B 2 .   ? -3.010  8.803   3.875   1.00 56.86 ? 401 SFG A CD    1 
HETATM 1388 N NE    . SFG B 2 .   ? -3.304  8.508   5.280   1.00 60.91 ? 401 SFG A NE    1 
HETATM 1389 C "C5'" . SFG B 2 .   ? -4.295  8.757   2.968   1.00 54.76 ? 401 SFG A "C5'" 1 
HETATM 1390 C "C4'" . SFG B 2 .   ? -4.023  9.567   1.627   1.00 53.52 ? 401 SFG A "C4'" 1 
HETATM 1391 O "O4'" . SFG B 2 .   ? -4.932  9.269   0.755   1.00 50.54 ? 401 SFG A "O4'" 1 
HETATM 1392 C "C3'" . SFG B 2 .   ? -4.132  11.118  1.827   1.00 55.87 ? 401 SFG A "C3'" 1 
HETATM 1393 O "O3'" . SFG B 2 .   ? -3.048  11.648  1.164   1.00 55.96 ? 401 SFG A "O3'" 1 
HETATM 1394 C "C2'" . SFG B 2 .   ? -5.436  11.519  1.123   1.00 55.48 ? 401 SFG A "C2'" 1 
HETATM 1395 O "O2'" . SFG B 2 .   ? -5.236  12.925  0.565   1.00 59.39 ? 401 SFG A "O2'" 1 
HETATM 1396 C "C1'" . SFG B 2 .   ? -5.545  10.637  0.153   1.00 53.14 ? 401 SFG A "C1'" 1 
HETATM 1397 N N9    . SFG B 2 .   ? -6.906  10.370  -0.244  1.00 50.39 ? 401 SFG A N9    1 
HETATM 1398 C C8    . SFG B 2 .   ? -8.130  10.624  0.336   1.00 44.61 ? 401 SFG A C8    1 
HETATM 1399 N N7    . SFG B 2 .   ? -9.108  10.115  -0.445  1.00 42.10 ? 401 SFG A N7    1 
HETATM 1400 C C5    . SFG B 2 .   ? -8.510  9.558   -1.516  1.00 45.06 ? 401 SFG A C5    1 
HETATM 1401 C C6    . SFG B 2 .   ? -9.033  8.921   -2.623  1.00 47.78 ? 401 SFG A C6    1 
HETATM 1402 N N6    . SFG B 2 .   ? -10.407 8.601   -3.045  1.00 47.29 ? 401 SFG A N6    1 
HETATM 1403 N N1    . SFG B 2 .   ? -8.200  8.443   -3.570  1.00 50.65 ? 401 SFG A N1    1 
HETATM 1404 C C2    . SFG B 2 .   ? -6.810  8.591   -3.422  1.00 47.23 ? 401 SFG A C2    1 
HETATM 1405 N N3    . SFG B 2 .   ? -6.283  9.218   -2.353  1.00 46.46 ? 401 SFG A N3    1 
HETATM 1406 C C4    . SFG B 2 .   ? -7.142  9.710   -1.385  1.00 50.30 ? 401 SFG A C4    1 
HETATM 1407 C C     . ACT C 3 .   ? -2.347  6.015   8.755   1.00 60.56 ? 402 ACT A C     1 
HETATM 1408 O O     . ACT C 3 .   ? -3.183  6.720   8.112   1.00 57.04 ? 402 ACT A O     1 
HETATM 1409 O OXT   . ACT C 3 .   ? -1.091  6.021   8.681   1.00 58.34 ? 402 ACT A OXT   1 
HETATM 1410 C CH3   . ACT C 3 .   ? -2.989  5.000   9.760   1.00 61.82 ? 402 ACT A CH3   1 
HETATM 1411 O O     . HOH D 4 .   ? -0.129  4.354   11.172  1.00 53.93 ? 501 HOH A O     1 
HETATM 1412 O O     . HOH D 4 .   ? -11.950 6.975   -3.456  1.00 40.86 ? 502 HOH A O     1 
HETATM 1413 O O     . HOH D 4 .   ? -5.463  4.543   7.367   1.00 37.74 ? 503 HOH A O     1 
HETATM 1414 O O     . HOH D 4 .   ? -8.392  7.337   -13.578 1.00 45.83 ? 504 HOH A O     1 
HETATM 1415 O O     . HOH D 4 .   ? 12.290  7.305   9.777   1.00 50.15 ? 505 HOH A O     1 
HETATM 1416 O O     . HOH D 4 .   ? 4.168   -1.637  19.168  1.00 48.20 ? 506 HOH A O     1 
HETATM 1417 O O     . HOH D 4 .   ? 11.683  -13.244 1.632   1.00 55.81 ? 507 HOH A O     1 
HETATM 1418 O O     . HOH D 4 .   ? -17.474 8.790   5.031   1.00 46.00 ? 508 HOH A O     1 
HETATM 1419 O O     . HOH D 4 .   ? -3.869  19.364  -3.333  1.00 48.54 ? 509 HOH A O     1 
HETATM 1420 O O     . HOH D 4 .   ? 2.892   -2.306  -10.105 1.00 45.55 ? 510 HOH A O     1 
HETATM 1421 O O     . HOH D 4 .   ? -5.579  6.805   8.985   1.00 54.34 ? 511 HOH A O     1 
HETATM 1422 O O     . HOH D 4 .   ? 4.251   -12.353 10.854  1.00 39.23 ? 512 HOH A O     1 
HETATM 1423 O O     . HOH D 4 .   ? -10.008 -7.067  -16.007 1.00 55.85 ? 513 HOH A O     1 
HETATM 1424 O O     . HOH D 4 .   ? -7.354  1.448   -13.650 1.00 43.22 ? 514 HOH A O     1 
HETATM 1425 O O     . HOH D 4 .   ? 5.167   0.899   -12.752 1.00 39.11 ? 515 HOH A O     1 
HETATM 1426 O O     . HOH D 4 .   ? 10.597  4.796   -11.252 1.00 47.65 ? 516 HOH A O     1 
HETATM 1427 O O     . HOH D 4 .   ? -7.357  -22.472 -7.310  1.00 70.96 ? 517 HOH A O     1 
HETATM 1428 O O     . HOH D 4 .   ? 6.611   -7.499  13.498  1.00 43.56 ? 518 HOH A O     1 
HETATM 1429 O O     . HOH D 4 .   ? 13.316  -2.587  -7.120  1.00 46.36 ? 519 HOH A O     1 
HETATM 1430 O O     . HOH D 4 .   ? -8.768  -10.096 -10.322 1.00 45.84 ? 520 HOH A O     1 
HETATM 1431 O O     . HOH D 4 .   ? -7.574  4.356   16.523  1.00 44.16 ? 521 HOH A O     1 
HETATM 1432 O O     . HOH D 4 .   ? -16.640 -7.732  -6.868  1.00 48.93 ? 522 HOH A O     1 
HETATM 1433 O O     . HOH D 4 .   ? -8.427  15.559  -5.024  1.00 56.62 ? 523 HOH A O     1 
HETATM 1434 O O     . HOH D 4 .   ? -8.075  -13.714 -8.182  1.00 55.80 ? 524 HOH A O     1 
HETATM 1435 O O     . HOH D 4 .   ? -3.793  1.708   22.087  1.00 49.74 ? 525 HOH A O     1 
HETATM 1436 O O     . HOH D 4 .   ? -16.907 -6.085  -10.213 1.00 47.39 ? 526 HOH A O     1 
HETATM 1437 O O     . HOH D 4 .   ? 9.738   -1.609  15.748  1.00 58.93 ? 527 HOH A O     1 
HETATM 1438 O O     . HOH D 4 .   ? -15.154 -6.834  -13.265 0.50 46.33 ? 528 HOH A O     1 
HETATM 1439 O O     . HOH D 4 .   ? -8.300  -4.819  17.002  1.00 56.80 ? 529 HOH A O     1 
HETATM 1440 O O     . HOH D 4 .   ? -0.668  3.644   1.417   1.00 47.31 ? 530 HOH A O     1 
HETATM 1441 O O     . HOH D 4 .   ? 1.181   3.405   15.647  1.00 47.29 ? 531 HOH A O     1 
HETATM 1442 O O     . HOH D 4 .   ? 3.730   -8.881  13.998  1.00 45.49 ? 532 HOH A O     1 
HETATM 1443 O O     . HOH D 4 .   ? -7.775  13.535  -8.236  1.00 49.21 ? 533 HOH A O     1 
HETATM 1444 O O     . HOH D 4 .   ? 12.578  -1.471  -9.039  1.00 44.75 ? 534 HOH A O     1 
HETATM 1445 O O     . HOH D 4 .   ? -17.251 2.435   8.715   1.00 56.97 ? 535 HOH A O     1 
HETATM 1446 O O     . HOH D 4 .   ? 2.219   4.871   1.100   1.00 49.96 ? 536 HOH A O     1 
HETATM 1447 O O     . HOH D 4 .   ? -7.884  -8.791  10.545  1.00 52.18 ? 537 HOH A O     1 
HETATM 1448 O O     . HOH D 4 .   ? 19.669  9.842   5.146   1.00 53.31 ? 538 HOH A O     1 
HETATM 1449 O O     . HOH D 4 .   ? -10.224 -13.488 -9.847  1.00 61.26 ? 539 HOH A O     1 
HETATM 1450 O O     . HOH D 4 .   ? -4.564  11.426  6.201   1.00 65.83 ? 540 HOH A O     1 
HETATM 1451 O O     . HOH D 4 .   ? -4.552  -2.083  -17.707 1.00 48.74 ? 541 HOH A O     1 
HETATM 1452 O O     . HOH D 4 .   ? -10.497 -16.095 5.739   1.00 40.90 ? 542 HOH A O     1 
HETATM 1453 O O     . HOH D 4 .   ? -7.748  5.351   9.355   1.00 38.35 ? 543 HOH A O     1 
HETATM 1454 O O     . HOH D 4 .   ? -13.036 5.935   -1.110  1.00 38.39 ? 544 HOH A O     1 
HETATM 1455 O O     . HOH D 4 .   ? 9.354   2.739   15.571  1.00 53.16 ? 545 HOH A O     1 
HETATM 1456 O O     . HOH D 4 .   ? -15.006 -10.869 -13.852 1.00 58.06 ? 546 HOH A O     1 
HETATM 1457 O O     . HOH D 4 .   ? -0.262  3.699   22.312  1.00 51.55 ? 547 HOH A O     1 
HETATM 1458 O O     . HOH D 4 .   ? -8.405  -0.213  -17.597 1.00 51.81 ? 548 HOH A O     1 
HETATM 1459 O O     . HOH D 4 .   ? 14.631  0.765   12.522  1.00 53.20 ? 549 HOH A O     1 
HETATM 1460 O O     . HOH D 4 .   ? 7.425   -11.715 10.499  1.00 38.94 ? 550 HOH A O     1 
HETATM 1461 O O     . HOH D 4 .   ? -10.169 -11.819 -12.432 1.00 64.81 ? 551 HOH A O     1 
HETATM 1462 O O     . HOH D 4 .   ? -13.331 5.570   10.962  1.00 49.24 ? 552 HOH A O     1 
HETATM 1463 O O     . HOH D 4 .   ? 10.613  6.446   -13.198 1.00 43.97 ? 553 HOH A O     1 
# 
loop_
_pdbx_poly_seq_scheme.asym_id 
_pdbx_poly_seq_scheme.entity_id 
_pdbx_poly_seq_scheme.seq_id 
_pdbx_poly_seq_scheme.mon_id 
_pdbx_poly_seq_scheme.ndb_seq_num 
_pdbx_poly_seq_scheme.pdb_seq_num 
_pdbx_poly_seq_scheme.auth_seq_num 
_pdbx_poly_seq_scheme.pdb_mon_id 
_pdbx_poly_seq_scheme.auth_mon_id 
_pdbx_poly_seq_scheme.pdb_strand_id 
_pdbx_poly_seq_scheme.pdb_ins_code 
_pdbx_poly_seq_scheme.hetero 
A 1 1   SER 1   0   0   SER SER A . n 
A 1 2   MET 2   1   1   MET MET A . n 
A 1 3   THR 3   2   2   THR THR A . n 
A 1 4   ARG 4   3   3   ARG ARG A . n 
A 1 5   ILE 5   4   4   ILE ILE A . n 
A 1 6   ILE 6   5   5   ILE ILE A . n 
A 1 7   GLY 7   6   6   GLY GLY A . n 
A 1 8   GLY 8   7   7   GLY GLY A . n 
A 1 9   VAL 9   8   8   VAL VAL A . n 
A 1 10  ALA 10  9   9   ALA ALA A . n 
A 1 11  GLY 11  10  10  GLY GLY A . n 
A 1 12  GLY 12  11  11  GLY GLY A . n 
A 1 13  ARG 13  12  12  ARG ARG A . n 
A 1 14  ARG 14  13  13  ARG ARG A . n 
A 1 15  ILE 15  14  14  ILE ILE A . n 
A 1 16  ALA 16  15  15  ALA ALA A . n 
A 1 17  VAL 17  16  16  VAL VAL A . n 
A 1 18  PRO 18  17  17  PRO PRO A . n 
A 1 19  PRO 19  18  18  PRO PRO A . n 
A 1 20  ARG 20  19  ?   ?   ?   A . n 
A 1 21  GLY 21  20  ?   ?   ?   A . n 
A 1 22  THR 22  21  21  THR THR A . n 
A 1 23  ARG 23  22  22  ARG ARG A . n 
A 1 24  PRO 24  23  23  PRO PRO A . n 
A 1 25  THR 25  24  24  THR THR A . n 
A 1 26  THR 26  25  25  THR THR A . n 
A 1 27  ASP 27  26  26  ASP ASP A . n 
A 1 28  ARG 28  27  27  ARG ARG A . n 
A 1 29  VAL 29  28  28  VAL VAL A . n 
A 1 30  ARG 30  29  29  ARG ARG A . n 
A 1 31  GLU 31  30  30  GLU GLU A . n 
A 1 32  SER 32  31  31  SER SER A . n 
A 1 33  LEU 33  32  32  LEU LEU A . n 
A 1 34  PHE 34  33  33  PHE PHE A . n 
A 1 35  ASN 35  34  34  ASN ASN A . n 
A 1 36  ILE 36  35  35  ILE ILE A . n 
A 1 37  VAL 37  36  36  VAL VAL A . n 
A 1 38  THR 38  37  37  THR THR A . n 
A 1 39  ALA 39  38  38  ALA ALA A . n 
A 1 40  ARG 40  39  39  ARG ARG A . n 
A 1 41  ARG 41  40  40  ARG ARG A . n 
A 1 42  ASP 42  41  41  ASP ASP A . n 
A 1 43  LEU 43  42  42  LEU LEU A . n 
A 1 44  THR 44  43  43  THR THR A . n 
A 1 45  GLY 45  44  44  GLY GLY A . n 
A 1 46  LEU 46  45  45  LEU LEU A . n 
A 1 47  ALA 47  46  46  ALA ALA A . n 
A 1 48  VAL 48  47  47  VAL VAL A . n 
A 1 49  LEU 49  48  48  LEU LEU A . n 
A 1 50  ASP 50  49  49  ASP ASP A . n 
A 1 51  LEU 51  50  50  LEU LEU A . n 
A 1 52  TYR 52  51  51  TYR TYR A . n 
A 1 53  ALA 53  52  52  ALA ALA A . n 
A 1 54  GLY 54  53  53  GLY GLY A . n 
A 1 55  SER 55  54  54  SER SER A . n 
A 1 56  GLY 56  55  55  GLY GLY A . n 
A 1 57  ALA 57  56  56  ALA ALA A . n 
A 1 58  LEU 58  57  57  LEU LEU A . n 
A 1 59  GLY 59  58  58  GLY GLY A . n 
A 1 60  LEU 60  59  59  LEU LEU A . n 
A 1 61  GLU 61  60  60  GLU GLU A . n 
A 1 62  ALA 62  61  61  ALA ALA A . n 
A 1 63  LEU 63  62  62  LEU LEU A . n 
A 1 64  SER 64  63  63  SER SER A . n 
A 1 65  ARG 65  64  64  ARG ARG A . n 
A 1 66  GLY 66  65  65  GLY GLY A . n 
A 1 67  ALA 67  66  66  ALA ALA A . n 
A 1 68  ALA 68  67  67  ALA ALA A . n 
A 1 69  SER 69  68  68  SER SER A . n 
A 1 70  VAL 70  69  69  VAL VAL A . n 
A 1 71  LEU 71  70  70  LEU LEU A . n 
A 1 72  PHE 72  71  71  PHE PHE A . n 
A 1 73  VAL 73  72  72  VAL VAL A . n 
A 1 74  GLU 74  73  73  GLU GLU A . n 
A 1 75  SER 75  74  74  SER SER A . n 
A 1 76  ASP 76  75  75  ASP ASP A . n 
A 1 77  GLN 77  76  76  GLN GLN A . n 
A 1 78  ARG 78  77  77  ARG ARG A . n 
A 1 79  SER 79  78  78  SER SER A . n 
A 1 80  ALA 80  79  79  ALA ALA A . n 
A 1 81  ALA 81  80  80  ALA ALA A . n 
A 1 82  VAL 82  81  81  VAL VAL A . n 
A 1 83  ILE 83  82  82  ILE ILE A . n 
A 1 84  ALA 84  83  83  ALA ALA A . n 
A 1 85  ARG 85  84  84  ARG ARG A . n 
A 1 86  ASN 86  85  85  ASN ASN A . n 
A 1 87  ILE 87  86  86  ILE ILE A . n 
A 1 88  GLU 88  87  87  GLU GLU A . n 
A 1 89  ALA 89  88  88  ALA ALA A . n 
A 1 90  LEU 90  89  89  LEU LEU A . n 
A 1 91  GLY 91  90  90  GLY GLY A . n 
A 1 92  LEU 92  91  91  LEU LEU A . n 
A 1 93  SER 93  92  92  SER SER A . n 
A 1 94  GLY 94  93  93  GLY GLY A . n 
A 1 95  ALA 95  94  94  ALA ALA A . n 
A 1 96  THR 96  95  95  THR THR A . n 
A 1 97  LEU 97  96  96  LEU LEU A . n 
A 1 98  ARG 98  97  97  ARG ARG A . n 
A 1 99  ARG 99  98  98  ARG ARG A . n 
A 1 100 GLY 100 99  99  GLY GLY A . n 
A 1 101 ALA 101 100 100 ALA ALA A . n 
A 1 102 VAL 102 101 101 VAL VAL A . n 
A 1 103 ALA 103 102 102 ALA ALA A . n 
A 1 104 ALA 104 103 103 ALA ALA A . n 
A 1 105 VAL 105 104 104 VAL VAL A . n 
A 1 106 VAL 106 105 105 VAL VAL A . n 
A 1 107 ALA 107 106 106 ALA ALA A . n 
A 1 108 ALA 108 107 107 ALA ALA A . n 
A 1 109 GLY 109 108 108 GLY GLY A . n 
A 1 110 THR 110 109 109 THR THR A . n 
A 1 111 THR 111 110 110 THR THR A . n 
A 1 112 SER 112 111 111 SER SER A . n 
A 1 113 PRO 113 112 112 PRO PRO A . n 
A 1 114 VAL 114 113 113 VAL VAL A . n 
A 1 115 ASP 115 114 114 ASP ASP A . n 
A 1 116 LEU 116 115 115 LEU LEU A . n 
A 1 117 VAL 117 116 116 VAL VAL A . n 
A 1 118 LEU 118 117 117 LEU LEU A . n 
A 1 119 ALA 119 118 118 ALA ALA A . n 
A 1 120 ASP 120 119 119 ASP ASP A . n 
A 1 121 PRO 121 120 120 PRO PRO A . n 
A 1 122 PRO 122 121 121 PRO PRO A . n 
A 1 123 TYR 123 122 122 TYR TYR A . n 
A 1 124 ASN 124 123 123 ASN ASN A . n 
A 1 125 VAL 125 124 124 VAL VAL A . n 
A 1 126 ASP 126 125 125 ASP ASP A . n 
A 1 127 SER 127 126 126 SER SER A . n 
A 1 128 ALA 128 127 127 ALA ALA A . n 
A 1 129 ASP 129 128 128 ASP ASP A . n 
A 1 130 VAL 130 129 129 VAL VAL A . n 
A 1 131 ASP 131 130 130 ASP ASP A . n 
A 1 132 ALA 132 131 131 ALA ALA A . n 
A 1 133 ILE 133 132 132 ILE ILE A . n 
A 1 134 LEU 134 133 133 LEU LEU A . n 
A 1 135 ALA 135 134 134 ALA ALA A . n 
A 1 136 ALA 136 135 135 ALA ALA A . n 
A 1 137 LEU 137 136 136 LEU LEU A . n 
A 1 138 GLY 138 137 137 GLY GLY A . n 
A 1 139 THR 139 138 138 THR THR A . n 
A 1 140 ASN 140 139 139 ASN ASN A . n 
A 1 141 GLY 141 140 140 GLY GLY A . n 
A 1 142 TRP 142 141 141 TRP TRP A . n 
A 1 143 THR 143 142 142 THR THR A . n 
A 1 144 ARG 144 143 143 ARG ARG A . n 
A 1 145 GLU 145 144 144 GLU GLU A . n 
A 1 146 GLY 146 145 145 GLY GLY A . n 
A 1 147 THR 147 146 146 THR THR A . n 
A 1 148 VAL 148 147 147 VAL VAL A . n 
A 1 149 ALA 149 148 148 ALA ALA A . n 
A 1 150 VAL 150 149 149 VAL VAL A . n 
A 1 151 VAL 151 150 150 VAL VAL A . n 
A 1 152 GLU 152 151 151 GLU GLU A . n 
A 1 153 ARG 153 152 152 ARG ARG A . n 
A 1 154 ALA 154 153 153 ALA ALA A . n 
A 1 155 THR 155 154 154 THR THR A . n 
A 1 156 THR 156 155 155 THR THR A . n 
A 1 157 CYS 157 156 156 CYS CYS A . n 
A 1 158 ALA 158 157 157 ALA ALA A . n 
A 1 159 PRO 159 158 158 PRO PRO A . n 
A 1 160 LEU 160 159 159 LEU LEU A . n 
A 1 161 THR 161 160 160 THR THR A . n 
A 1 162 TRP 162 161 161 TRP TRP A . n 
A 1 163 PRO 163 162 162 PRO PRO A . n 
A 1 164 GLU 164 163 163 GLU GLU A . n 
A 1 165 GLY 165 164 164 GLY GLY A . n 
A 1 166 TRP 166 165 165 TRP TRP A . n 
A 1 167 ARG 167 166 166 ARG ARG A . n 
A 1 168 ARG 168 167 167 ARG ARG A . n 
A 1 169 TRP 169 168 168 TRP TRP A . n 
A 1 170 PRO 170 169 169 PRO PRO A . n 
A 1 171 GLN 171 170 170 GLN GLN A . n 
A 1 172 ARG 172 171 171 ARG ARG A . n 
A 1 173 VAL 173 172 172 VAL VAL A . n 
A 1 174 TYR 174 173 173 TYR TYR A . n 
A 1 175 GLY 175 174 174 GLY GLY A . n 
A 1 176 ASP 176 175 175 ASP ASP A . n 
A 1 177 THR 177 176 176 THR THR A . n 
A 1 178 ARG 178 177 177 ARG ARG A . n 
A 1 179 LEU 179 178 178 LEU LEU A . n 
A 1 180 GLU 180 179 179 GLU GLU A . n 
A 1 181 LEU 181 180 180 LEU LEU A . n 
A 1 182 ALA 182 181 181 ALA ALA A . n 
A 1 183 GLU 183 182 182 GLU GLU A . n 
A 1 184 ARG 184 183 183 ARG ARG A . n 
A 1 185 LEU 185 184 184 LEU LEU A . n 
A 1 186 PHE 186 185 185 PHE PHE A . n 
A 1 187 ALA 187 186 ?   ?   ?   A . n 
A 1 188 ASN 188 187 ?   ?   ?   A . n 
A 1 189 VAL 189 188 ?   ?   ?   A . n 
# 
loop_
_pdbx_nonpoly_scheme.asym_id 
_pdbx_nonpoly_scheme.entity_id 
_pdbx_nonpoly_scheme.mon_id 
_pdbx_nonpoly_scheme.ndb_seq_num 
_pdbx_nonpoly_scheme.pdb_seq_num 
_pdbx_nonpoly_scheme.auth_seq_num 
_pdbx_nonpoly_scheme.pdb_mon_id 
_pdbx_nonpoly_scheme.auth_mon_id 
_pdbx_nonpoly_scheme.pdb_strand_id 
_pdbx_nonpoly_scheme.pdb_ins_code 
B 2 SFG 1  401 401 SFG SFG A . 
C 3 ACT 1  402 601 ACT ACT A . 
D 4 HOH 1  501 530 HOH HOH A . 
D 4 HOH 2  502 512 HOH HOH A . 
D 4 HOH 3  503 534 HOH HOH A . 
D 4 HOH 4  504 537 HOH HOH A . 
D 4 HOH 5  505 552 HOH HOH A . 
D 4 HOH 6  506 516 HOH HOH A . 
D 4 HOH 7  507 507 HOH HOH A . 
D 4 HOH 8  508 503 HOH HOH A . 
D 4 HOH 9  509 522 HOH HOH A . 
D 4 HOH 10 510 501 HOH HOH A . 
D 4 HOH 11 511 526 HOH HOH A . 
D 4 HOH 12 512 539 HOH HOH A . 
D 4 HOH 13 513 545 HOH HOH A . 
D 4 HOH 14 514 502 HOH HOH A . 
D 4 HOH 15 515 514 HOH HOH A . 
D 4 HOH 16 516 542 HOH HOH A . 
D 4 HOH 17 517 535 HOH HOH A . 
D 4 HOH 18 518 540 HOH HOH A . 
D 4 HOH 19 519 553 HOH HOH A . 
D 4 HOH 20 520 504 HOH HOH A . 
D 4 HOH 21 521 531 HOH HOH A . 
D 4 HOH 22 522 543 HOH HOH A . 
D 4 HOH 23 523 548 HOH HOH A . 
D 4 HOH 24 524 505 HOH HOH A . 
D 4 HOH 25 525 532 HOH HOH A . 
D 4 HOH 26 526 518 HOH HOH A . 
D 4 HOH 27 527 546 HOH HOH A . 
D 4 HOH 28 528 541 HOH HOH A . 
D 4 HOH 29 529 509 HOH HOH A . 
D 4 HOH 30 530 533 HOH HOH A . 
D 4 HOH 31 531 528 HOH HOH A . 
D 4 HOH 32 532 538 HOH HOH A . 
D 4 HOH 33 533 544 HOH HOH A . 
D 4 HOH 34 534 513 HOH HOH A . 
D 4 HOH 35 535 519 HOH HOH A . 
D 4 HOH 36 536 549 HOH HOH A . 
D 4 HOH 37 537 524 HOH HOH A . 
D 4 HOH 38 538 510 HOH HOH A . 
D 4 HOH 39 539 536 HOH HOH A . 
D 4 HOH 40 540 529 HOH HOH A . 
D 4 HOH 41 541 547 HOH HOH A . 
D 4 HOH 42 542 506 HOH HOH A . 
D 4 HOH 43 543 527 HOH HOH A . 
D 4 HOH 44 544 511 HOH HOH A . 
D 4 HOH 45 545 525 HOH HOH A . 
D 4 HOH 46 546 551 HOH HOH A . 
D 4 HOH 47 547 508 HOH HOH A . 
D 4 HOH 48 548 521 HOH HOH A . 
D 4 HOH 49 549 550 HOH HOH A . 
D 4 HOH 50 550 523 HOH HOH A . 
D 4 HOH 51 551 520 HOH HOH A . 
D 4 HOH 52 552 517 HOH HOH A . 
D 4 HOH 53 553 515 HOH HOH A . 
# 
_pdbx_struct_assembly.id                   1 
_pdbx_struct_assembly.details              author_and_software_defined_assembly 
_pdbx_struct_assembly.method_details       PISA 
_pdbx_struct_assembly.oligomeric_details   monomeric 
_pdbx_struct_assembly.oligomeric_count     1 
# 
_pdbx_struct_assembly_gen.assembly_id       1 
_pdbx_struct_assembly_gen.oper_expression   1 
_pdbx_struct_assembly_gen.asym_id_list      A,B,C,D 
# 
loop_
_pdbx_struct_assembly_prop.biol_id 
_pdbx_struct_assembly_prop.type 
_pdbx_struct_assembly_prop.value 
_pdbx_struct_assembly_prop.details 
1 'ABSA (A^2)' 230  ? 
1 MORE         -1   ? 
1 'SSA (A^2)'  8550 ? 
# 
_pdbx_struct_oper_list.id                   1 
_pdbx_struct_oper_list.type                 'identity operation' 
_pdbx_struct_oper_list.name                 1_555 
_pdbx_struct_oper_list.symmetry_operation   x,y,z 
_pdbx_struct_oper_list.matrix[1][1]         1.0000000000 
_pdbx_struct_oper_list.matrix[1][2]         0.0000000000 
_pdbx_struct_oper_list.matrix[1][3]         0.0000000000 
_pdbx_struct_oper_list.vector[1]            0.0000000000 
_pdbx_struct_oper_list.matrix[2][1]         0.0000000000 
_pdbx_struct_oper_list.matrix[2][2]         1.0000000000 
_pdbx_struct_oper_list.matrix[2][3]         0.0000000000 
_pdbx_struct_oper_list.vector[2]            0.0000000000 
_pdbx_struct_oper_list.matrix[3][1]         0.0000000000 
_pdbx_struct_oper_list.matrix[3][2]         0.0000000000 
_pdbx_struct_oper_list.matrix[3][3]         1.0000000000 
_pdbx_struct_oper_list.vector[3]            0.0000000000 
# 
_pdbx_struct_special_symmetry.id              1 
_pdbx_struct_special_symmetry.PDB_model_num   1 
_pdbx_struct_special_symmetry.auth_asym_id    A 
_pdbx_struct_special_symmetry.auth_comp_id    HOH 
_pdbx_struct_special_symmetry.auth_seq_id     528 
_pdbx_struct_special_symmetry.PDB_ins_code    ? 
_pdbx_struct_special_symmetry.label_asym_id   D 
_pdbx_struct_special_symmetry.label_comp_id   HOH 
_pdbx_struct_special_symmetry.label_seq_id    . 
# 
loop_
_pdbx_audit_revision_history.ordinal 
_pdbx_audit_revision_history.data_content_type 
_pdbx_audit_revision_history.major_revision 
_pdbx_audit_revision_history.minor_revision 
_pdbx_audit_revision_history.revision_date 
1 'Structure model' 1 0 2021-06-02 
2 'Structure model' 1 1 2023-11-29 
# 
_pdbx_audit_revision_details.ordinal             1 
_pdbx_audit_revision_details.revision_ordinal    1 
_pdbx_audit_revision_details.data_content_type   'Structure model' 
_pdbx_audit_revision_details.provider            repository 
_pdbx_audit_revision_details.type                'Initial release' 
_pdbx_audit_revision_details.description         ? 
_pdbx_audit_revision_details.details             ? 
# 
loop_
_pdbx_audit_revision_group.ordinal 
_pdbx_audit_revision_group.revision_ordinal 
_pdbx_audit_revision_group.data_content_type 
_pdbx_audit_revision_group.group 
1 2 'Structure model' Advisory                 
2 2 'Structure model' 'Data collection'        
3 2 'Structure model' 'Database references'    
4 2 'Structure model' 'Refinement description' 
# 
loop_
_pdbx_audit_revision_category.ordinal 
_pdbx_audit_revision_category.revision_ordinal 
_pdbx_audit_revision_category.data_content_type 
_pdbx_audit_revision_category.category 
1 2 'Structure model' chem_comp_atom                
2 2 'Structure model' chem_comp_bond                
3 2 'Structure model' database_2                    
4 2 'Structure model' pdbx_initial_refinement_model 
5 2 'Structure model' pdbx_unobs_or_zero_occ_atoms  
# 
loop_
_pdbx_audit_revision_item.ordinal 
_pdbx_audit_revision_item.revision_ordinal 
_pdbx_audit_revision_item.data_content_type 
_pdbx_audit_revision_item.item 
1 2 'Structure model' '_database_2.pdbx_DOI'                
2 2 'Structure model' '_database_2.pdbx_database_accession' 
# 
loop_
_software.citation_id 
_software.classification 
_software.compiler_name 
_software.compiler_version 
_software.contact_author 
_software.contact_author_email 
_software.date 
_software.description 
_software.dependencies 
_software.hardware 
_software.language 
_software.location 
_software.mods 
_software.name 
_software.os 
_software.os_version 
_software.type 
_software.version 
_software.pdbx_ordinal 
? refinement       ? ? ? ? ? ? ? ? ? ? ? PHENIX  ? ? ? '(1.14_3260: ???)' 1 
? 'data reduction' ? ? ? ? ? ? ? ? ? ? ? XDS     ? ? ? .                  2 
? 'data scaling'   ? ? ? ? ? ? ? ? ? ? ? Aimless ? ? ? .                  3 
? phasing          ? ? ? ? ? ? ? ? ? ? ? PHASER  ? ? ? .                  4 
# 
_pdbx_entry_details.entry_id                 6M1C 
_pdbx_entry_details.has_ligand_of_interest   Y 
_pdbx_entry_details.compound_details         ? 
_pdbx_entry_details.source_details           ? 
_pdbx_entry_details.nonpolymer_details       ? 
_pdbx_entry_details.sequence_details         ? 
# 
_pdbx_validate_torsion.id              1 
_pdbx_validate_torsion.PDB_model_num   1 
_pdbx_validate_torsion.auth_comp_id    ARG 
_pdbx_validate_torsion.auth_asym_id    A 
_pdbx_validate_torsion.auth_seq_id     22 
_pdbx_validate_torsion.PDB_ins_code    ? 
_pdbx_validate_torsion.label_alt_id    ? 
_pdbx_validate_torsion.phi             -160.94 
_pdbx_validate_torsion.psi             91.48 
# 
loop_
_pdbx_unobs_or_zero_occ_atoms.id 
_pdbx_unobs_or_zero_occ_atoms.PDB_model_num 
_pdbx_unobs_or_zero_occ_atoms.polymer_flag 
_pdbx_unobs_or_zero_occ_atoms.occupancy_flag 
_pdbx_unobs_or_zero_occ_atoms.auth_asym_id 
_pdbx_unobs_or_zero_occ_atoms.auth_comp_id 
_pdbx_unobs_or_zero_occ_atoms.auth_seq_id 
_pdbx_unobs_or_zero_occ_atoms.PDB_ins_code 
_pdbx_unobs_or_zero_occ_atoms.auth_atom_id 
_pdbx_unobs_or_zero_occ_atoms.label_alt_id 
_pdbx_unobs_or_zero_occ_atoms.label_asym_id 
_pdbx_unobs_or_zero_occ_atoms.label_comp_id 
_pdbx_unobs_or_zero_occ_atoms.label_seq_id 
_pdbx_unobs_or_zero_occ_atoms.label_atom_id 
1  1 Y 1 A SER 0   ? OG  ? A SER 1   OG  
2  1 Y 1 A THR 21  ? OG1 ? A THR 22  OG1 
3  1 Y 1 A THR 21  ? CG2 ? A THR 22  CG2 
4  1 Y 0 A ARG 22  ? CB  ? A ARG 23  CB  
5  1 Y 0 A ARG 22  ? CG  ? A ARG 23  CG  
6  1 Y 0 A ARG 22  ? CD  ? A ARG 23  CD  
7  1 Y 0 A ARG 22  ? NE  ? A ARG 23  NE  
8  1 Y 0 A ARG 22  ? CZ  ? A ARG 23  CZ  
9  1 Y 0 A ARG 22  ? NH1 ? A ARG 23  NH1 
10 1 Y 0 A ARG 22  ? NH2 ? A ARG 23  NH2 
11 1 Y 0 A TYR 122 ? CG  ? A TYR 123 CG  
12 1 Y 0 A TYR 122 ? CD1 ? A TYR 123 CD1 
13 1 Y 0 A TYR 122 ? CD2 ? A TYR 123 CD2 
14 1 Y 0 A TYR 122 ? CE1 ? A TYR 123 CE1 
15 1 Y 0 A TYR 122 ? CE2 ? A TYR 123 CE2 
16 1 Y 0 A TYR 122 ? CZ  ? A TYR 123 CZ  
17 1 Y 0 A TYR 122 ? OH  ? A TYR 123 OH  
18 1 Y 0 A GLU 151 ? OE1 ? A GLU 152 OE1 
19 1 Y 0 A GLU 151 ? OE2 ? A GLU 152 OE2 
# 
loop_
_pdbx_unobs_or_zero_occ_residues.id 
_pdbx_unobs_or_zero_occ_residues.PDB_model_num 
_pdbx_unobs_or_zero_occ_residues.polymer_flag 
_pdbx_unobs_or_zero_occ_residues.occupancy_flag 
_pdbx_unobs_or_zero_occ_residues.auth_asym_id 
_pdbx_unobs_or_zero_occ_residues.auth_comp_id 
_pdbx_unobs_or_zero_occ_residues.auth_seq_id 
_pdbx_unobs_or_zero_occ_residues.PDB_ins_code 
_pdbx_unobs_or_zero_occ_residues.label_asym_id 
_pdbx_unobs_or_zero_occ_residues.label_comp_id 
_pdbx_unobs_or_zero_occ_residues.label_seq_id 
1 1 Y 1 A ARG 19  ? A ARG 20  
2 1 Y 1 A GLY 20  ? A GLY 21  
3 1 Y 1 A ALA 186 ? A ALA 187 
4 1 Y 1 A ASN 187 ? A ASN 188 
5 1 Y 1 A VAL 188 ? A VAL 189 
# 
loop_
_chem_comp_atom.comp_id 
_chem_comp_atom.atom_id 
_chem_comp_atom.type_symbol 
_chem_comp_atom.pdbx_aromatic_flag 
_chem_comp_atom.pdbx_stereo_config 
_chem_comp_atom.pdbx_ordinal 
ACT C      C N N 1   
ACT O      O N N 2   
ACT OXT    O N N 3   
ACT CH3    C N N 4   
ACT H1     H N N 5   
ACT H2     H N N 6   
ACT H3     H N N 7   
ALA N      N N N 8   
ALA CA     C N S 9   
ALA C      C N N 10  
ALA O      O N N 11  
ALA CB     C N N 12  
ALA OXT    O N N 13  
ALA H      H N N 14  
ALA H2     H N N 15  
ALA HA     H N N 16  
ALA HB1    H N N 17  
ALA HB2    H N N 18  
ALA HB3    H N N 19  
ALA HXT    H N N 20  
ARG N      N N N 21  
ARG CA     C N S 22  
ARG C      C N N 23  
ARG O      O N N 24  
ARG CB     C N N 25  
ARG CG     C N N 26  
ARG CD     C N N 27  
ARG NE     N N N 28  
ARG CZ     C N N 29  
ARG NH1    N N N 30  
ARG NH2    N N N 31  
ARG OXT    O N N 32  
ARG H      H N N 33  
ARG H2     H N N 34  
ARG HA     H N N 35  
ARG HB2    H N N 36  
ARG HB3    H N N 37  
ARG HG2    H N N 38  
ARG HG3    H N N 39  
ARG HD2    H N N 40  
ARG HD3    H N N 41  
ARG HE     H N N 42  
ARG HH11   H N N 43  
ARG HH12   H N N 44  
ARG HH21   H N N 45  
ARG HH22   H N N 46  
ARG HXT    H N N 47  
ASN N      N N N 48  
ASN CA     C N S 49  
ASN C      C N N 50  
ASN O      O N N 51  
ASN CB     C N N 52  
ASN CG     C N N 53  
ASN OD1    O N N 54  
ASN ND2    N N N 55  
ASN OXT    O N N 56  
ASN H      H N N 57  
ASN H2     H N N 58  
ASN HA     H N N 59  
ASN HB2    H N N 60  
ASN HB3    H N N 61  
ASN HD21   H N N 62  
ASN HD22   H N N 63  
ASN HXT    H N N 64  
ASP N      N N N 65  
ASP CA     C N S 66  
ASP C      C N N 67  
ASP O      O N N 68  
ASP CB     C N N 69  
ASP CG     C N N 70  
ASP OD1    O N N 71  
ASP OD2    O N N 72  
ASP OXT    O N N 73  
ASP H      H N N 74  
ASP H2     H N N 75  
ASP HA     H N N 76  
ASP HB2    H N N 77  
ASP HB3    H N N 78  
ASP HD2    H N N 79  
ASP HXT    H N N 80  
CYS N      N N N 81  
CYS CA     C N R 82  
CYS C      C N N 83  
CYS O      O N N 84  
CYS CB     C N N 85  
CYS SG     S N N 86  
CYS OXT    O N N 87  
CYS H      H N N 88  
CYS H2     H N N 89  
CYS HA     H N N 90  
CYS HB2    H N N 91  
CYS HB3    H N N 92  
CYS HG     H N N 93  
CYS HXT    H N N 94  
GLN N      N N N 95  
GLN CA     C N S 96  
GLN C      C N N 97  
GLN O      O N N 98  
GLN CB     C N N 99  
GLN CG     C N N 100 
GLN CD     C N N 101 
GLN OE1    O N N 102 
GLN NE2    N N N 103 
GLN OXT    O N N 104 
GLN H      H N N 105 
GLN H2     H N N 106 
GLN HA     H N N 107 
GLN HB2    H N N 108 
GLN HB3    H N N 109 
GLN HG2    H N N 110 
GLN HG3    H N N 111 
GLN HE21   H N N 112 
GLN HE22   H N N 113 
GLN HXT    H N N 114 
GLU N      N N N 115 
GLU CA     C N S 116 
GLU C      C N N 117 
GLU O      O N N 118 
GLU CB     C N N 119 
GLU CG     C N N 120 
GLU CD     C N N 121 
GLU OE1    O N N 122 
GLU OE2    O N N 123 
GLU OXT    O N N 124 
GLU H      H N N 125 
GLU H2     H N N 126 
GLU HA     H N N 127 
GLU HB2    H N N 128 
GLU HB3    H N N 129 
GLU HG2    H N N 130 
GLU HG3    H N N 131 
GLU HE2    H N N 132 
GLU HXT    H N N 133 
GLY N      N N N 134 
GLY CA     C N N 135 
GLY C      C N N 136 
GLY O      O N N 137 
GLY OXT    O N N 138 
GLY H      H N N 139 
GLY H2     H N N 140 
GLY HA2    H N N 141 
GLY HA3    H N N 142 
GLY HXT    H N N 143 
HOH O      O N N 144 
HOH H1     H N N 145 
HOH H2     H N N 146 
ILE N      N N N 147 
ILE CA     C N S 148 
ILE C      C N N 149 
ILE O      O N N 150 
ILE CB     C N S 151 
ILE CG1    C N N 152 
ILE CG2    C N N 153 
ILE CD1    C N N 154 
ILE OXT    O N N 155 
ILE H      H N N 156 
ILE H2     H N N 157 
ILE HA     H N N 158 
ILE HB     H N N 159 
ILE HG12   H N N 160 
ILE HG13   H N N 161 
ILE HG21   H N N 162 
ILE HG22   H N N 163 
ILE HG23   H N N 164 
ILE HD11   H N N 165 
ILE HD12   H N N 166 
ILE HD13   H N N 167 
ILE HXT    H N N 168 
LEU N      N N N 169 
LEU CA     C N S 170 
LEU C      C N N 171 
LEU O      O N N 172 
LEU CB     C N N 173 
LEU CG     C N N 174 
LEU CD1    C N N 175 
LEU CD2    C N N 176 
LEU OXT    O N N 177 
LEU H      H N N 178 
LEU H2     H N N 179 
LEU HA     H N N 180 
LEU HB2    H N N 181 
LEU HB3    H N N 182 
LEU HG     H N N 183 
LEU HD11   H N N 184 
LEU HD12   H N N 185 
LEU HD13   H N N 186 
LEU HD21   H N N 187 
LEU HD22   H N N 188 
LEU HD23   H N N 189 
LEU HXT    H N N 190 
MET N      N N N 191 
MET CA     C N S 192 
MET C      C N N 193 
MET O      O N N 194 
MET CB     C N N 195 
MET CG     C N N 196 
MET SD     S N N 197 
MET CE     C N N 198 
MET OXT    O N N 199 
MET H      H N N 200 
MET H2     H N N 201 
MET HA     H N N 202 
MET HB2    H N N 203 
MET HB3    H N N 204 
MET HG2    H N N 205 
MET HG3    H N N 206 
MET HE1    H N N 207 
MET HE2    H N N 208 
MET HE3    H N N 209 
MET HXT    H N N 210 
PHE N      N N N 211 
PHE CA     C N S 212 
PHE C      C N N 213 
PHE O      O N N 214 
PHE CB     C N N 215 
PHE CG     C Y N 216 
PHE CD1    C Y N 217 
PHE CD2    C Y N 218 
PHE CE1    C Y N 219 
PHE CE2    C Y N 220 
PHE CZ     C Y N 221 
PHE OXT    O N N 222 
PHE H      H N N 223 
PHE H2     H N N 224 
PHE HA     H N N 225 
PHE HB2    H N N 226 
PHE HB3    H N N 227 
PHE HD1    H N N 228 
PHE HD2    H N N 229 
PHE HE1    H N N 230 
PHE HE2    H N N 231 
PHE HZ     H N N 232 
PHE HXT    H N N 233 
PRO N      N N N 234 
PRO CA     C N S 235 
PRO C      C N N 236 
PRO O      O N N 237 
PRO CB     C N N 238 
PRO CG     C N N 239 
PRO CD     C N N 240 
PRO OXT    O N N 241 
PRO H      H N N 242 
PRO HA     H N N 243 
PRO HB2    H N N 244 
PRO HB3    H N N 245 
PRO HG2    H N N 246 
PRO HG3    H N N 247 
PRO HD2    H N N 248 
PRO HD3    H N N 249 
PRO HXT    H N N 250 
SER N      N N N 251 
SER CA     C N S 252 
SER C      C N N 253 
SER O      O N N 254 
SER CB     C N N 255 
SER OG     O N N 256 
SER OXT    O N N 257 
SER H      H N N 258 
SER H2     H N N 259 
SER HA     H N N 260 
SER HB2    H N N 261 
SER HB3    H N N 262 
SER HG     H N N 263 
SER HXT    H N N 264 
SFG N      N N N 265 
SFG CA     C N S 266 
SFG C      C N N 267 
SFG O      O N N 268 
SFG OXT    O N N 269 
SFG CB     C N N 270 
SFG CG     C N N 271 
SFG CD     C N S 272 
SFG NE     N N N 273 
SFG "C5'"  C N N 274 
SFG "C4'"  C N R 275 
SFG "O4'"  O N N 276 
SFG "C3'"  C N S 277 
SFG "O3'"  O N N 278 
SFG "C2'"  C N R 279 
SFG "O2'"  O N N 280 
SFG "C1'"  C N R 281 
SFG N9     N Y N 282 
SFG C8     C Y N 283 
SFG N7     N Y N 284 
SFG C5     C Y N 285 
SFG C6     C Y N 286 
SFG N6     N N N 287 
SFG N1     N Y N 288 
SFG C2     C Y N 289 
SFG N3     N Y N 290 
SFG C4     C Y N 291 
SFG HN1    H N N 292 
SFG HN2    H N N 293 
SFG HA     H N N 294 
SFG HXT    H N N 295 
SFG HB1    H N N 296 
SFG HB2    H N N 297 
SFG HG1    H N N 298 
SFG HG2    H N N 299 
SFG HD     H N N 300 
SFG HNE1   H N N 301 
SFG HNE2   H N N 302 
SFG "H5'1" H N N 303 
SFG "H5'2" H N N 304 
SFG "H4'"  H N N 305 
SFG "H3'"  H N N 306 
SFG "HO3'" H N N 307 
SFG "H2'"  H N N 308 
SFG "HO2'" H N N 309 
SFG "H1'"  H N N 310 
SFG H8     H N N 311 
SFG HN61   H N N 312 
SFG HN62   H N N 313 
SFG H2     H N N 314 
THR N      N N N 315 
THR CA     C N S 316 
THR C      C N N 317 
THR O      O N N 318 
THR CB     C N R 319 
THR OG1    O N N 320 
THR CG2    C N N 321 
THR OXT    O N N 322 
THR H      H N N 323 
THR H2     H N N 324 
THR HA     H N N 325 
THR HB     H N N 326 
THR HG1    H N N 327 
THR HG21   H N N 328 
THR HG22   H N N 329 
THR HG23   H N N 330 
THR HXT    H N N 331 
TRP N      N N N 332 
TRP CA     C N S 333 
TRP C      C N N 334 
TRP O      O N N 335 
TRP CB     C N N 336 
TRP CG     C Y N 337 
TRP CD1    C Y N 338 
TRP CD2    C Y N 339 
TRP NE1    N Y N 340 
TRP CE2    C Y N 341 
TRP CE3    C Y N 342 
TRP CZ2    C Y N 343 
TRP CZ3    C Y N 344 
TRP CH2    C Y N 345 
TRP OXT    O N N 346 
TRP H      H N N 347 
TRP H2     H N N 348 
TRP HA     H N N 349 
TRP HB2    H N N 350 
TRP HB3    H N N 351 
TRP HD1    H N N 352 
TRP HE1    H N N 353 
TRP HE3    H N N 354 
TRP HZ2    H N N 355 
TRP HZ3    H N N 356 
TRP HH2    H N N 357 
TRP HXT    H N N 358 
TYR N      N N N 359 
TYR CA     C N S 360 
TYR C      C N N 361 
TYR O      O N N 362 
TYR CB     C N N 363 
TYR CG     C Y N 364 
TYR CD1    C Y N 365 
TYR CD2    C Y N 366 
TYR CE1    C Y N 367 
TYR CE2    C Y N 368 
TYR CZ     C Y N 369 
TYR OH     O N N 370 
TYR OXT    O N N 371 
TYR H      H N N 372 
TYR H2     H N N 373 
TYR HA     H N N 374 
TYR HB2    H N N 375 
TYR HB3    H N N 376 
TYR HD1    H N N 377 
TYR HD2    H N N 378 
TYR HE1    H N N 379 
TYR HE2    H N N 380 
TYR HH     H N N 381 
TYR HXT    H N N 382 
VAL N      N N N 383 
VAL CA     C N S 384 
VAL C      C N N 385 
VAL O      O N N 386 
VAL CB     C N N 387 
VAL CG1    C N N 388 
VAL CG2    C N N 389 
VAL OXT    O N N 390 
VAL H      H N N 391 
VAL H2     H N N 392 
VAL HA     H N N 393 
VAL HB     H N N 394 
VAL HG11   H N N 395 
VAL HG12   H N N 396 
VAL HG13   H N N 397 
VAL HG21   H N N 398 
VAL HG22   H N N 399 
VAL HG23   H N N 400 
VAL HXT    H N N 401 
# 
loop_
_chem_comp_bond.comp_id 
_chem_comp_bond.atom_id_1 
_chem_comp_bond.atom_id_2 
_chem_comp_bond.value_order 
_chem_comp_bond.pdbx_aromatic_flag 
_chem_comp_bond.pdbx_stereo_config 
_chem_comp_bond.pdbx_ordinal 
ACT C     O      doub N N 1   
ACT C     OXT    sing N N 2   
ACT C     CH3    sing N N 3   
ACT CH3   H1     sing N N 4   
ACT CH3   H2     sing N N 5   
ACT CH3   H3     sing N N 6   
ALA N     CA     sing N N 7   
ALA N     H      sing N N 8   
ALA N     H2     sing N N 9   
ALA CA    C      sing N N 10  
ALA CA    CB     sing N N 11  
ALA CA    HA     sing N N 12  
ALA C     O      doub N N 13  
ALA C     OXT    sing N N 14  
ALA CB    HB1    sing N N 15  
ALA CB    HB2    sing N N 16  
ALA CB    HB3    sing N N 17  
ALA OXT   HXT    sing N N 18  
ARG N     CA     sing N N 19  
ARG N     H      sing N N 20  
ARG N     H2     sing N N 21  
ARG CA    C      sing N N 22  
ARG CA    CB     sing N N 23  
ARG CA    HA     sing N N 24  
ARG C     O      doub N N 25  
ARG C     OXT    sing N N 26  
ARG CB    CG     sing N N 27  
ARG CB    HB2    sing N N 28  
ARG CB    HB3    sing N N 29  
ARG CG    CD     sing N N 30  
ARG CG    HG2    sing N N 31  
ARG CG    HG3    sing N N 32  
ARG CD    NE     sing N N 33  
ARG CD    HD2    sing N N 34  
ARG CD    HD3    sing N N 35  
ARG NE    CZ     sing N N 36  
ARG NE    HE     sing N N 37  
ARG CZ    NH1    sing N N 38  
ARG CZ    NH2    doub N N 39  
ARG NH1   HH11   sing N N 40  
ARG NH1   HH12   sing N N 41  
ARG NH2   HH21   sing N N 42  
ARG NH2   HH22   sing N N 43  
ARG OXT   HXT    sing N N 44  
ASN N     CA     sing N N 45  
ASN N     H      sing N N 46  
ASN N     H2     sing N N 47  
ASN CA    C      sing N N 48  
ASN CA    CB     sing N N 49  
ASN CA    HA     sing N N 50  
ASN C     O      doub N N 51  
ASN C     OXT    sing N N 52  
ASN CB    CG     sing N N 53  
ASN CB    HB2    sing N N 54  
ASN CB    HB3    sing N N 55  
ASN CG    OD1    doub N N 56  
ASN CG    ND2    sing N N 57  
ASN ND2   HD21   sing N N 58  
ASN ND2   HD22   sing N N 59  
ASN OXT   HXT    sing N N 60  
ASP N     CA     sing N N 61  
ASP N     H      sing N N 62  
ASP N     H2     sing N N 63  
ASP CA    C      sing N N 64  
ASP CA    CB     sing N N 65  
ASP CA    HA     sing N N 66  
ASP C     O      doub N N 67  
ASP C     OXT    sing N N 68  
ASP CB    CG     sing N N 69  
ASP CB    HB2    sing N N 70  
ASP CB    HB3    sing N N 71  
ASP CG    OD1    doub N N 72  
ASP CG    OD2    sing N N 73  
ASP OD2   HD2    sing N N 74  
ASP OXT   HXT    sing N N 75  
CYS N     CA     sing N N 76  
CYS N     H      sing N N 77  
CYS N     H2     sing N N 78  
CYS CA    C      sing N N 79  
CYS CA    CB     sing N N 80  
CYS CA    HA     sing N N 81  
CYS C     O      doub N N 82  
CYS C     OXT    sing N N 83  
CYS CB    SG     sing N N 84  
CYS CB    HB2    sing N N 85  
CYS CB    HB3    sing N N 86  
CYS SG    HG     sing N N 87  
CYS OXT   HXT    sing N N 88  
GLN N     CA     sing N N 89  
GLN N     H      sing N N 90  
GLN N     H2     sing N N 91  
GLN CA    C      sing N N 92  
GLN CA    CB     sing N N 93  
GLN CA    HA     sing N N 94  
GLN C     O      doub N N 95  
GLN C     OXT    sing N N 96  
GLN CB    CG     sing N N 97  
GLN CB    HB2    sing N N 98  
GLN CB    HB3    sing N N 99  
GLN CG    CD     sing N N 100 
GLN CG    HG2    sing N N 101 
GLN CG    HG3    sing N N 102 
GLN CD    OE1    doub N N 103 
GLN CD    NE2    sing N N 104 
GLN NE2   HE21   sing N N 105 
GLN NE2   HE22   sing N N 106 
GLN OXT   HXT    sing N N 107 
GLU N     CA     sing N N 108 
GLU N     H      sing N N 109 
GLU N     H2     sing N N 110 
GLU CA    C      sing N N 111 
GLU CA    CB     sing N N 112 
GLU CA    HA     sing N N 113 
GLU C     O      doub N N 114 
GLU C     OXT    sing N N 115 
GLU CB    CG     sing N N 116 
GLU CB    HB2    sing N N 117 
GLU CB    HB3    sing N N 118 
GLU CG    CD     sing N N 119 
GLU CG    HG2    sing N N 120 
GLU CG    HG3    sing N N 121 
GLU CD    OE1    doub N N 122 
GLU CD    OE2    sing N N 123 
GLU OE2   HE2    sing N N 124 
GLU OXT   HXT    sing N N 125 
GLY N     CA     sing N N 126 
GLY N     H      sing N N 127 
GLY N     H2     sing N N 128 
GLY CA    C      sing N N 129 
GLY CA    HA2    sing N N 130 
GLY CA    HA3    sing N N 131 
GLY C     O      doub N N 132 
GLY C     OXT    sing N N 133 
GLY OXT   HXT    sing N N 134 
HOH O     H1     sing N N 135 
HOH O     H2     sing N N 136 
ILE N     CA     sing N N 137 
ILE N     H      sing N N 138 
ILE N     H2     sing N N 139 
ILE CA    C      sing N N 140 
ILE CA    CB     sing N N 141 
ILE CA    HA     sing N N 142 
ILE C     O      doub N N 143 
ILE C     OXT    sing N N 144 
ILE CB    CG1    sing N N 145 
ILE CB    CG2    sing N N 146 
ILE CB    HB     sing N N 147 
ILE CG1   CD1    sing N N 148 
ILE CG1   HG12   sing N N 149 
ILE CG1   HG13   sing N N 150 
ILE CG2   HG21   sing N N 151 
ILE CG2   HG22   sing N N 152 
ILE CG2   HG23   sing N N 153 
ILE CD1   HD11   sing N N 154 
ILE CD1   HD12   sing N N 155 
ILE CD1   HD13   sing N N 156 
ILE OXT   HXT    sing N N 157 
LEU N     CA     sing N N 158 
LEU N     H      sing N N 159 
LEU N     H2     sing N N 160 
LEU CA    C      sing N N 161 
LEU CA    CB     sing N N 162 
LEU CA    HA     sing N N 163 
LEU C     O      doub N N 164 
LEU C     OXT    sing N N 165 
LEU CB    CG     sing N N 166 
LEU CB    HB2    sing N N 167 
LEU CB    HB3    sing N N 168 
LEU CG    CD1    sing N N 169 
LEU CG    CD2    sing N N 170 
LEU CG    HG     sing N N 171 
LEU CD1   HD11   sing N N 172 
LEU CD1   HD12   sing N N 173 
LEU CD1   HD13   sing N N 174 
LEU CD2   HD21   sing N N 175 
LEU CD2   HD22   sing N N 176 
LEU CD2   HD23   sing N N 177 
LEU OXT   HXT    sing N N 178 
MET N     CA     sing N N 179 
MET N     H      sing N N 180 
MET N     H2     sing N N 181 
MET CA    C      sing N N 182 
MET CA    CB     sing N N 183 
MET CA    HA     sing N N 184 
MET C     O      doub N N 185 
MET C     OXT    sing N N 186 
MET CB    CG     sing N N 187 
MET CB    HB2    sing N N 188 
MET CB    HB3    sing N N 189 
MET CG    SD     sing N N 190 
MET CG    HG2    sing N N 191 
MET CG    HG3    sing N N 192 
MET SD    CE     sing N N 193 
MET CE    HE1    sing N N 194 
MET CE    HE2    sing N N 195 
MET CE    HE3    sing N N 196 
MET OXT   HXT    sing N N 197 
PHE N     CA     sing N N 198 
PHE N     H      sing N N 199 
PHE N     H2     sing N N 200 
PHE CA    C      sing N N 201 
PHE CA    CB     sing N N 202 
PHE CA    HA     sing N N 203 
PHE C     O      doub N N 204 
PHE C     OXT    sing N N 205 
PHE CB    CG     sing N N 206 
PHE CB    HB2    sing N N 207 
PHE CB    HB3    sing N N 208 
PHE CG    CD1    doub Y N 209 
PHE CG    CD2    sing Y N 210 
PHE CD1   CE1    sing Y N 211 
PHE CD1   HD1    sing N N 212 
PHE CD2   CE2    doub Y N 213 
PHE CD2   HD2    sing N N 214 
PHE CE1   CZ     doub Y N 215 
PHE CE1   HE1    sing N N 216 
PHE CE2   CZ     sing Y N 217 
PHE CE2   HE2    sing N N 218 
PHE CZ    HZ     sing N N 219 
PHE OXT   HXT    sing N N 220 
PRO N     CA     sing N N 221 
PRO N     CD     sing N N 222 
PRO N     H      sing N N 223 
PRO CA    C      sing N N 224 
PRO CA    CB     sing N N 225 
PRO CA    HA     sing N N 226 
PRO C     O      doub N N 227 
PRO C     OXT    sing N N 228 
PRO CB    CG     sing N N 229 
PRO CB    HB2    sing N N 230 
PRO CB    HB3    sing N N 231 
PRO CG    CD     sing N N 232 
PRO CG    HG2    sing N N 233 
PRO CG    HG3    sing N N 234 
PRO CD    HD2    sing N N 235 
PRO CD    HD3    sing N N 236 
PRO OXT   HXT    sing N N 237 
SER N     CA     sing N N 238 
SER N     H      sing N N 239 
SER N     H2     sing N N 240 
SER CA    C      sing N N 241 
SER CA    CB     sing N N 242 
SER CA    HA     sing N N 243 
SER C     O      doub N N 244 
SER C     OXT    sing N N 245 
SER CB    OG     sing N N 246 
SER CB    HB2    sing N N 247 
SER CB    HB3    sing N N 248 
SER OG    HG     sing N N 249 
SER OXT   HXT    sing N N 250 
SFG N     CA     sing N N 251 
SFG N     HN1    sing N N 252 
SFG N     HN2    sing N N 253 
SFG CA    C      sing N N 254 
SFG CA    CB     sing N N 255 
SFG CA    HA     sing N N 256 
SFG C     O      doub N N 257 
SFG C     OXT    sing N N 258 
SFG OXT   HXT    sing N N 259 
SFG CB    CG     sing N N 260 
SFG CB    HB1    sing N N 261 
SFG CB    HB2    sing N N 262 
SFG CG    CD     sing N N 263 
SFG CG    HG1    sing N N 264 
SFG CG    HG2    sing N N 265 
SFG CD    NE     sing N N 266 
SFG CD    "C5'"  sing N N 267 
SFG CD    HD     sing N N 268 
SFG NE    HNE1   sing N N 269 
SFG NE    HNE2   sing N N 270 
SFG "C5'" "C4'"  sing N N 271 
SFG "C5'" "H5'1" sing N N 272 
SFG "C5'" "H5'2" sing N N 273 
SFG "C4'" "O4'"  sing N N 274 
SFG "C4'" "C3'"  sing N N 275 
SFG "C4'" "H4'"  sing N N 276 
SFG "O4'" "C1'"  sing N N 277 
SFG "C3'" "O3'"  sing N N 278 
SFG "C3'" "C2'"  sing N N 279 
SFG "C3'" "H3'"  sing N N 280 
SFG "O3'" "HO3'" sing N N 281 
SFG "C2'" "O2'"  sing N N 282 
SFG "C2'" "C1'"  sing N N 283 
SFG "C2'" "H2'"  sing N N 284 
SFG "O2'" "HO2'" sing N N 285 
SFG "C1'" N9     sing N N 286 
SFG "C1'" "H1'"  sing N N 287 
SFG N9    C8     sing Y N 288 
SFG N9    C4     sing Y N 289 
SFG C8    N7     doub Y N 290 
SFG C8    H8     sing N N 291 
SFG N7    C5     sing Y N 292 
SFG C5    C6     sing Y N 293 
SFG C5    C4     doub Y N 294 
SFG C6    N6     sing N N 295 
SFG C6    N1     doub Y N 296 
SFG N6    HN61   sing N N 297 
SFG N6    HN62   sing N N 298 
SFG N1    C2     sing Y N 299 
SFG C2    N3     doub Y N 300 
SFG C2    H2     sing N N 301 
SFG N3    C4     sing Y N 302 
THR N     CA     sing N N 303 
THR N     H      sing N N 304 
THR N     H2     sing N N 305 
THR CA    C      sing N N 306 
THR CA    CB     sing N N 307 
THR CA    HA     sing N N 308 
THR C     O      doub N N 309 
THR C     OXT    sing N N 310 
THR CB    OG1    sing N N 311 
THR CB    CG2    sing N N 312 
THR CB    HB     sing N N 313 
THR OG1   HG1    sing N N 314 
THR CG2   HG21   sing N N 315 
THR CG2   HG22   sing N N 316 
THR CG2   HG23   sing N N 317 
THR OXT   HXT    sing N N 318 
TRP N     CA     sing N N 319 
TRP N     H      sing N N 320 
TRP N     H2     sing N N 321 
TRP CA    C      sing N N 322 
TRP CA    CB     sing N N 323 
TRP CA    HA     sing N N 324 
TRP C     O      doub N N 325 
TRP C     OXT    sing N N 326 
TRP CB    CG     sing N N 327 
TRP CB    HB2    sing N N 328 
TRP CB    HB3    sing N N 329 
TRP CG    CD1    doub Y N 330 
TRP CG    CD2    sing Y N 331 
TRP CD1   NE1    sing Y N 332 
TRP CD1   HD1    sing N N 333 
TRP CD2   CE2    doub Y N 334 
TRP CD2   CE3    sing Y N 335 
TRP NE1   CE2    sing Y N 336 
TRP NE1   HE1    sing N N 337 
TRP CE2   CZ2    sing Y N 338 
TRP CE3   CZ3    doub Y N 339 
TRP CE3   HE3    sing N N 340 
TRP CZ2   CH2    doub Y N 341 
TRP CZ2   HZ2    sing N N 342 
TRP CZ3   CH2    sing Y N 343 
TRP CZ3   HZ3    sing N N 344 
TRP CH2   HH2    sing N N 345 
TRP OXT   HXT    sing N N 346 
TYR N     CA     sing N N 347 
TYR N     H      sing N N 348 
TYR N     H2     sing N N 349 
TYR CA    C      sing N N 350 
TYR CA    CB     sing N N 351 
TYR CA    HA     sing N N 352 
TYR C     O      doub N N 353 
TYR C     OXT    sing N N 354 
TYR CB    CG     sing N N 355 
TYR CB    HB2    sing N N 356 
TYR CB    HB3    sing N N 357 
TYR CG    CD1    doub Y N 358 
TYR CG    CD2    sing Y N 359 
TYR CD1   CE1    sing Y N 360 
TYR CD1   HD1    sing N N 361 
TYR CD2   CE2    doub Y N 362 
TYR CD2   HD2    sing N N 363 
TYR CE1   CZ     doub Y N 364 
TYR CE1   HE1    sing N N 365 
TYR CE2   CZ     sing Y N 366 
TYR CE2   HE2    sing N N 367 
TYR CZ    OH     sing N N 368 
TYR OH    HH     sing N N 369 
TYR OXT   HXT    sing N N 370 
VAL N     CA     sing N N 371 
VAL N     H      sing N N 372 
VAL N     H2     sing N N 373 
VAL CA    C      sing N N 374 
VAL CA    CB     sing N N 375 
VAL CA    HA     sing N N 376 
VAL C     O      doub N N 377 
VAL C     OXT    sing N N 378 
VAL CB    CG1    sing N N 379 
VAL CB    CG2    sing N N 380 
VAL CB    HB     sing N N 381 
VAL CG1   HG11   sing N N 382 
VAL CG1   HG12   sing N N 383 
VAL CG1   HG13   sing N N 384 
VAL CG2   HG21   sing N N 385 
VAL CG2   HG22   sing N N 386 
VAL CG2   HG23   sing N N 387 
VAL OXT   HXT    sing N N 388 
# 
_pdbx_audit_support.funding_organization   'Department of Science & Technology (DST, India)' 
_pdbx_audit_support.country                India 
_pdbx_audit_support.grant_number           EMR/2016/003589 
_pdbx_audit_support.ordinal                1 
# 
_pdbx_entity_instance_feature.ordinal        1 
_pdbx_entity_instance_feature.comp_id        SFG 
_pdbx_entity_instance_feature.asym_id        ? 
_pdbx_entity_instance_feature.seq_num        ? 
_pdbx_entity_instance_feature.auth_comp_id   SFG 
_pdbx_entity_instance_feature.auth_asym_id   ? 
_pdbx_entity_instance_feature.auth_seq_num   ? 
_pdbx_entity_instance_feature.feature_type   'SUBJECT OF INVESTIGATION' 
_pdbx_entity_instance_feature.details        ? 
# 
loop_
_pdbx_entity_nonpoly.entity_id 
_pdbx_entity_nonpoly.name 
_pdbx_entity_nonpoly.comp_id 
2 SINEFUNGIN    SFG 
3 'ACETATE ION' ACT 
4 water         HOH 
# 
_pdbx_initial_refinement_model.id               1 
_pdbx_initial_refinement_model.entity_id_list   ? 
_pdbx_initial_refinement_model.type             'experimental model' 
_pdbx_initial_refinement_model.source_name      PDB 
_pdbx_initial_refinement_model.accession_code   3P9N 
_pdbx_initial_refinement_model.details          ? 
# 
_pdbx_struct_assembly_auth_evidence.id                     1 
_pdbx_struct_assembly_auth_evidence.assembly_id            1 
_pdbx_struct_assembly_auth_evidence.experimental_support   'gel filtration' 
_pdbx_struct_assembly_auth_evidence.details                ? 
# 
